data_2OGA
#
_entry.id   2OGA
#
_cell.length_a   59.730
_cell.length_b   143.390
_cell.length_c   92.560
_cell.angle_alpha   90.00
_cell.angle_beta   108.49
_cell.angle_gamma   90.00
#
_symmetry.space_group_name_H-M   'P 1 21 1'
#
loop_
_entity.id
_entity.type
_entity.pdbx_description
1 polymer Transaminase
2 non-polymer 'CHLORIDE ION'
3 non-polymer 'SODIUM ION'
4 non-polymer 1,2-ETHANEDIOL
5 non-polymer 'N-({3-hydroxy-2-methyl-5-[(phosphonooxy)methyl]pyridin-4-yl}methyl)-L-glutamic acid'
6 water water
#
_entity_poly.entity_id   1
_entity_poly.type   'polypeptide(L)'
_entity_poly.pdbx_seq_one_letter_code
;MGSSHHHHHHSSENLYFQGHMSSRAETPRVPFLDLKAAYEELRAETDAAIARVLDSGRYLLGPELEGFEAEFAAYCETDH
AVGVNSGMDALQLALRGLGIGPGDEVIVPSHTYIASWLAVSATGATPVPVEPHEDHPTLDPLLVEKAITPRTRALLPVHL
YGHPADMDALRELADRHGLHIVEDAAQAHGARYRGRRIGAGSSVAAFSFYPGKNLGCFGDGGAVVTGDPELAERLRMLRN
YGSRQKYSHETKGTNSRLDEMQAAVLRIRLAHLDSWNGRRSALAAEYLSGLAGLPGIGLPVTAPDTDPVWHLFTVRTERR
DELRSHLDARGIDTLTHYPVPVHLSPAYAGEAPPEGSLPRAESFARQVLSLPIGPHLERPQALRVIDAVREWAERVDQA
;
_entity_poly.pdbx_strand_id   A,B,C,D
#
loop_
_chem_comp.id
_chem_comp.type
_chem_comp.name
_chem_comp.formula
CL non-polymer 'CHLORIDE ION' 'Cl -1'
EDO non-polymer 1,2-ETHANEDIOL 'C2 H6 O2'
NA non-polymer 'SODIUM ION' 'Na 1'
PGU non-polymer 'N-({3-hydroxy-2-methyl-5-[(phosphonooxy)methyl]pyridin-4-yl}methyl)-L-glutamic acid' 'C13 H19 N2 O9 P'
#
# COMPACT_ATOMS: atom_id res chain seq x y z
N THR A 27 15.08 -53.85 -3.26
CA THR A 27 15.72 -52.63 -2.79
C THR A 27 14.71 -51.54 -2.51
N PRO A 28 15.22 -50.40 -2.04
CA PRO A 28 14.36 -49.27 -1.76
C PRO A 28 14.11 -48.55 -3.08
N ARG A 29 12.86 -48.27 -3.39
CA ARG A 29 12.55 -47.61 -4.63
C ARG A 29 13.10 -46.20 -4.74
N VAL A 30 13.22 -45.80 -5.99
CA VAL A 30 13.66 -44.46 -6.24
C VAL A 30 12.36 -43.64 -6.27
N PRO A 31 12.23 -42.67 -5.37
CA PRO A 31 11.03 -41.84 -5.28
C PRO A 31 10.99 -40.80 -6.39
N PHE A 32 9.77 -40.43 -6.78
CA PHE A 32 9.57 -39.44 -7.81
C PHE A 32 10.01 -38.05 -7.38
N LEU A 33 9.70 -37.67 -6.14
CA LEU A 33 10.06 -36.36 -5.59
C LEU A 33 9.87 -36.40 -4.09
N ASP A 34 10.96 -36.30 -3.34
CA ASP A 34 10.90 -36.37 -1.88
C ASP A 34 10.68 -35.05 -1.16
N LEU A 35 9.44 -34.84 -0.74
CA LEU A 35 9.03 -33.64 -0.04
C LEU A 35 9.60 -33.53 1.37
N LYS A 36 9.75 -34.66 2.04
CA LYS A 36 10.28 -34.63 3.39
C LYS A 36 11.73 -34.17 3.37
N ALA A 37 12.45 -34.64 2.38
CA ALA A 37 13.82 -34.27 2.24
C ALA A 37 13.97 -32.74 2.25
N ALA A 38 13.02 -32.04 1.62
CA ALA A 38 13.05 -30.58 1.56
C ALA A 38 12.99 -29.95 2.95
N TYR A 39 12.11 -30.51 3.76
CA TYR A 39 11.95 -30.03 5.11
C TYR A 39 13.20 -30.36 5.94
N GLU A 40 13.60 -31.62 5.83
CA GLU A 40 14.77 -32.13 6.54
C GLU A 40 15.99 -31.23 6.40
N GLU A 41 16.35 -30.96 5.15
CA GLU A 41 17.50 -30.16 4.82
C GLU A 41 17.57 -28.83 5.52
N LEU A 42 16.40 -28.27 5.80
CA LEU A 42 16.31 -26.98 6.44
C LEU A 42 15.44 -27.06 7.67
N ARG A 43 15.48 -28.24 8.28
CA ARG A 43 14.71 -28.53 9.47
C ARG A 43 14.73 -27.44 10.50
N ALA A 44 15.91 -27.11 10.99
CA ALA A 44 16.00 -26.08 12.01
C ALA A 44 15.48 -24.72 11.63
N GLU A 45 15.90 -24.21 10.47
CA GLU A 45 15.41 -22.90 10.10
C GLU A 45 13.90 -22.91 9.99
N THR A 46 13.39 -23.94 9.31
CA THR A 46 11.97 -24.13 9.10
C THR A 46 11.15 -24.08 10.37
N ASP A 47 11.47 -24.98 11.28
CA ASP A 47 10.79 -25.09 12.55
C ASP A 47 10.76 -23.74 13.25
N ALA A 48 11.87 -23.03 13.17
CA ALA A 48 11.95 -21.73 13.81
C ALA A 48 11.16 -20.67 13.07
N ALA A 49 11.04 -20.80 11.75
CA ALA A 49 10.29 -19.81 10.99
C ALA A 49 8.83 -19.94 11.35
N ILE A 50 8.45 -21.20 11.56
CA ILE A 50 7.10 -21.52 11.92
C ILE A 50 6.79 -21.11 13.38
N ALA A 51 7.75 -21.35 14.28
CA ALA A 51 7.53 -20.99 15.67
C ALA A 51 7.30 -19.50 15.77
N ARG A 52 8.13 -18.82 14.99
CA ARG A 52 8.07 -17.38 14.96
C ARG A 52 6.69 -16.91 14.58
N VAL A 53 6.13 -17.55 13.56
CA VAL A 53 4.78 -17.17 13.14
C VAL A 53 3.77 -17.47 14.26
N LEU A 54 3.88 -18.67 14.79
CA LEU A 54 3.00 -19.07 15.86
C LEU A 54 3.01 -18.05 17.01
N ASP A 55 4.19 -17.59 17.35
CA ASP A 55 4.28 -16.64 18.44
C ASP A 55 3.84 -15.24 18.08
N SER A 56 3.78 -14.96 16.80
CA SER A 56 3.39 -13.61 16.40
C SER A 56 1.97 -13.22 16.74
N GLY A 57 1.05 -14.16 16.85
CA GLY A 57 -0.32 -13.74 17.11
C GLY A 57 -0.89 -13.14 15.80
N ARG A 58 -0.09 -13.22 14.73
CA ARG A 58 -0.44 -12.71 13.41
C ARG A 58 -0.37 -13.81 12.35
N TYR A 59 -1.52 -14.26 11.85
CA TYR A 59 -1.59 -15.35 10.88
C TYR A 59 -1.94 -15.10 9.42
N LEU A 60 -2.53 -13.94 9.18
CA LEU A 60 -2.91 -13.59 7.83
C LEU A 60 -2.54 -12.16 7.53
N LEU A 61 -2.05 -11.95 6.30
CA LEU A 61 -1.69 -10.63 5.81
C LEU A 61 -0.76 -9.88 6.75
N GLY A 62 0.39 -10.50 7.05
CA GLY A 62 1.35 -9.87 7.95
C GLY A 62 2.71 -9.61 7.30
N PRO A 63 3.66 -9.41 8.19
CA PRO A 63 5.04 -9.15 7.81
C PRO A 63 5.68 -10.31 7.06
N GLU A 64 5.30 -11.55 7.36
CA GLU A 64 5.94 -12.62 6.59
C GLU A 64 5.50 -12.53 5.15
N LEU A 65 4.19 -12.27 4.95
CA LEU A 65 3.63 -12.15 3.62
C LEU A 65 4.33 -11.02 2.88
N GLU A 66 4.36 -9.87 3.54
CA GLU A 66 5.00 -8.72 2.95
C GLU A 66 6.46 -9.01 2.63
N GLY A 67 7.17 -9.60 3.59
CA GLY A 67 8.58 -9.93 3.42
C GLY A 67 8.81 -10.88 2.24
N PHE A 68 8.01 -11.94 2.18
CA PHE A 68 8.14 -12.89 1.10
C PHE A 68 7.83 -12.22 -0.25
N GLU A 69 6.81 -11.37 -0.28
CA GLU A 69 6.45 -10.68 -1.51
C GLU A 69 7.59 -9.83 -2.01
N ALA A 70 8.20 -9.06 -1.11
CA ALA A 70 9.33 -8.23 -1.52
C ALA A 70 10.47 -9.06 -2.10
N GLU A 71 10.82 -10.10 -1.36
CA GLU A 71 11.90 -10.97 -1.79
C GLU A 71 11.61 -11.67 -3.10
N PHE A 72 10.43 -12.29 -3.18
CA PHE A 72 10.07 -12.99 -4.40
C PHE A 72 10.11 -12.07 -5.58
N ALA A 73 9.46 -10.91 -5.40
CA ALA A 73 9.43 -9.90 -6.44
C ALA A 73 10.84 -9.57 -6.88
N ALA A 74 11.70 -9.31 -5.89
CA ALA A 74 13.06 -8.98 -6.22
C ALA A 74 13.69 -10.16 -6.95
N TYR A 75 13.34 -11.36 -6.47
CA TYR A 75 13.85 -12.57 -7.11
C TYR A 75 13.47 -12.65 -8.59
N CYS A 76 12.21 -12.37 -8.90
CA CYS A 76 11.75 -12.40 -10.27
C CYS A 76 12.13 -11.16 -11.09
N GLU A 77 12.94 -10.27 -10.53
CA GLU A 77 13.34 -9.06 -11.22
C GLU A 77 12.12 -8.21 -11.58
N THR A 78 11.22 -8.03 -10.63
CA THR A 78 10.04 -7.22 -10.85
C THR A 78 9.73 -6.40 -9.60
N ASP A 79 8.74 -5.50 -9.75
CA ASP A 79 8.32 -4.59 -8.70
C ASP A 79 7.31 -5.11 -7.69
N HIS A 80 6.45 -6.02 -8.09
CA HIS A 80 5.44 -6.50 -7.15
C HIS A 80 5.18 -7.97 -7.22
N ALA A 81 4.75 -8.48 -6.07
CA ALA A 81 4.37 -9.86 -5.84
C ALA A 81 3.17 -9.83 -4.91
N VAL A 82 2.13 -10.54 -5.30
CA VAL A 82 0.93 -10.60 -4.50
C VAL A 82 0.63 -12.08 -4.18
N GLY A 83 0.87 -12.47 -2.93
CA GLY A 83 0.62 -13.83 -2.49
C GLY A 83 -0.87 -14.17 -2.43
N VAL A 84 -1.24 -15.34 -2.99
CA VAL A 84 -2.60 -15.84 -3.05
C VAL A 84 -2.66 -17.28 -2.58
N ASN A 85 -3.82 -17.93 -2.74
CA ASN A 85 -3.96 -19.30 -2.26
C ASN A 85 -3.46 -20.41 -3.19
N SER A 86 -3.36 -20.12 -4.48
CA SER A 86 -2.89 -21.16 -5.36
C SER A 86 -2.53 -20.64 -6.71
N GLY A 87 -1.92 -21.53 -7.52
CA GLY A 87 -1.53 -21.16 -8.88
C GLY A 87 -2.75 -20.86 -9.76
N MET A 88 -3.83 -21.61 -9.52
CA MET A 88 -5.03 -21.38 -10.30
C MET A 88 -5.60 -20.02 -9.99
N ASP A 89 -5.74 -19.69 -8.70
CA ASP A 89 -6.28 -18.38 -8.35
C ASP A 89 -5.38 -17.28 -8.86
N ALA A 90 -4.10 -17.58 -8.94
CA ALA A 90 -3.16 -16.55 -9.41
C ALA A 90 -3.50 -16.17 -10.85
N LEU A 91 -3.71 -17.21 -11.64
CA LEU A 91 -4.05 -17.03 -13.03
C LEU A 91 -5.40 -16.33 -13.14
N GLN A 92 -6.37 -16.87 -12.40
CA GLN A 92 -7.71 -16.31 -12.38
C GLN A 92 -7.76 -14.82 -12.00
N LEU A 93 -7.20 -14.53 -10.85
CA LEU A 93 -7.16 -13.18 -10.36
C LEU A 93 -6.40 -12.25 -11.29
N ALA A 94 -5.36 -12.75 -11.95
CA ALA A 94 -4.63 -11.89 -12.85
C ALA A 94 -5.53 -11.49 -14.02
N LEU A 95 -6.20 -12.50 -14.56
CA LEU A 95 -7.11 -12.30 -15.67
C LEU A 95 -8.20 -11.33 -15.33
N ARG A 96 -8.78 -11.58 -14.15
CA ARG A 96 -9.84 -10.74 -13.62
C ARG A 96 -9.35 -9.33 -13.57
N GLY A 97 -8.19 -9.15 -12.92
CA GLY A 97 -7.59 -7.84 -12.76
C GLY A 97 -7.31 -7.14 -14.08
N LEU A 98 -7.14 -7.91 -15.13
CA LEU A 98 -6.87 -7.29 -16.42
C LEU A 98 -8.19 -7.02 -17.14
N GLY A 99 -9.31 -7.27 -16.47
CA GLY A 99 -10.60 -7.02 -17.06
C GLY A 99 -11.10 -8.09 -18.00
N ILE A 100 -10.53 -9.27 -17.87
CA ILE A 100 -10.92 -10.38 -18.71
C ILE A 100 -12.15 -11.11 -18.24
N GLY A 101 -13.11 -11.33 -19.15
CA GLY A 101 -14.31 -12.04 -18.74
C GLY A 101 -15.16 -12.54 -19.89
N PRO A 102 -16.41 -12.79 -19.55
CA PRO A 102 -17.41 -13.29 -20.46
C PRO A 102 -17.41 -12.60 -21.81
N GLY A 103 -17.37 -13.42 -22.86
CA GLY A 103 -17.36 -12.92 -24.21
C GLY A 103 -15.94 -12.72 -24.69
N ASP A 104 -15.00 -12.92 -23.77
CA ASP A 104 -13.62 -12.74 -24.13
C ASP A 104 -13.03 -14.10 -24.47
N GLU A 105 -11.92 -14.06 -25.16
CA GLU A 105 -11.20 -15.26 -25.54
C GLU A 105 -9.76 -15.15 -25.05
N VAL A 106 -9.25 -16.26 -24.54
CA VAL A 106 -7.90 -16.31 -24.05
C VAL A 106 -7.26 -17.52 -24.69
N ILE A 107 -6.20 -17.28 -25.44
CA ILE A 107 -5.56 -18.38 -26.07
C ILE A 107 -4.77 -19.10 -25.01
N VAL A 108 -5.05 -20.40 -24.94
CA VAL A 108 -4.42 -21.33 -24.03
C VAL A 108 -3.64 -22.41 -24.78
N PRO A 109 -2.76 -23.11 -24.09
CA PRO A 109 -2.00 -24.14 -24.75
C PRO A 109 -2.81 -25.44 -24.72
N SER A 110 -2.81 -26.22 -25.81
CA SER A 110 -3.55 -27.47 -25.83
C SER A 110 -2.84 -28.52 -24.95
N HIS A 111 -1.54 -28.26 -24.71
CA HIS A 111 -0.66 -29.07 -23.90
C HIS A 111 -0.23 -28.31 -22.63
N THR A 112 -0.91 -28.67 -21.53
CA THR A 112 -0.67 -28.05 -20.24
C THR A 112 -1.50 -28.71 -19.12
N TYR A 113 -1.30 -28.26 -17.88
CA TYR A 113 -2.08 -28.75 -16.73
C TYR A 113 -3.46 -28.08 -16.84
N ILE A 114 -4.54 -28.83 -16.57
CA ILE A 114 -5.92 -28.30 -16.64
C ILE A 114 -6.14 -26.90 -16.02
N ALA A 115 -5.50 -26.64 -14.88
CA ALA A 115 -5.66 -25.37 -14.19
C ALA A 115 -5.59 -24.17 -15.13
N SER A 116 -4.66 -24.23 -16.08
CA SER A 116 -4.52 -23.14 -17.03
C SER A 116 -5.84 -22.82 -17.71
N TRP A 117 -6.57 -23.86 -18.15
CA TRP A 117 -7.84 -23.63 -18.81
C TRP A 117 -8.90 -23.20 -17.84
N LEU A 118 -8.95 -23.91 -16.73
CA LEU A 118 -9.93 -23.66 -15.69
C LEU A 118 -9.93 -22.23 -15.20
N ALA A 119 -8.76 -21.62 -15.00
CA ALA A 119 -8.73 -20.23 -14.54
C ALA A 119 -9.47 -19.29 -15.52
N VAL A 120 -9.33 -19.55 -16.83
CA VAL A 120 -9.95 -18.77 -17.89
C VAL A 120 -11.45 -18.91 -17.86
N SER A 121 -11.87 -20.16 -17.74
CA SER A 121 -13.28 -20.47 -17.69
C SER A 121 -13.90 -19.85 -16.45
N ALA A 122 -13.13 -19.84 -15.36
CA ALA A 122 -13.58 -19.29 -14.09
C ALA A 122 -13.96 -17.82 -14.17
N THR A 123 -13.39 -17.12 -15.13
CA THR A 123 -13.68 -15.71 -15.31
C THR A 123 -14.90 -15.55 -16.21
N GLY A 124 -15.36 -16.63 -16.80
CA GLY A 124 -16.48 -16.57 -17.70
C GLY A 124 -15.99 -16.38 -19.12
N ALA A 125 -14.68 -16.24 -19.25
CA ALA A 125 -14.08 -16.08 -20.55
C ALA A 125 -13.93 -17.47 -21.15
N THR A 126 -13.52 -17.50 -22.43
CA THR A 126 -13.35 -18.73 -23.16
C THR A 126 -11.92 -19.09 -23.52
N PRO A 127 -11.52 -20.28 -23.09
CA PRO A 127 -10.20 -20.83 -23.35
C PRO A 127 -10.14 -21.37 -24.80
N VAL A 128 -9.16 -20.90 -25.55
CA VAL A 128 -8.96 -21.28 -26.94
C VAL A 128 -7.59 -21.92 -27.10
N PRO A 129 -7.63 -23.24 -27.15
CA PRO A 129 -6.44 -24.05 -27.27
C PRO A 129 -5.65 -23.81 -28.53
N VAL A 130 -4.35 -23.72 -28.33
CA VAL A 130 -3.36 -23.57 -29.40
C VAL A 130 -2.22 -24.55 -29.11
N GLU A 131 -1.86 -25.36 -30.11
CA GLU A 131 -0.80 -26.36 -29.98
C GLU A 131 0.55 -25.77 -29.61
N PRO A 132 1.40 -26.65 -29.10
CA PRO A 132 2.76 -26.28 -28.72
C PRO A 132 3.66 -26.60 -29.90
N HIS A 133 4.96 -26.39 -29.75
CA HIS A 133 5.82 -26.77 -30.85
C HIS A 133 5.78 -28.28 -30.90
N GLU A 134 6.37 -28.81 -31.93
CA GLU A 134 6.39 -30.24 -32.07
C GLU A 134 7.31 -30.94 -31.07
N ASP A 135 8.44 -30.28 -30.77
CA ASP A 135 9.50 -30.77 -29.89
C ASP A 135 9.68 -30.03 -28.57
N HIS A 136 8.94 -28.96 -28.37
CA HIS A 136 9.03 -28.13 -27.18
C HIS A 136 7.63 -27.97 -26.61
N PRO A 137 7.49 -28.26 -25.30
CA PRO A 137 6.22 -28.24 -24.61
C PRO A 137 5.63 -26.86 -24.44
N THR A 138 5.99 -25.94 -25.33
CA THR A 138 5.42 -24.62 -25.15
C THR A 138 4.62 -24.22 -26.38
N LEU A 139 3.80 -23.18 -26.19
CA LEU A 139 2.94 -22.61 -27.22
C LEU A 139 3.72 -22.28 -28.47
N ASP A 140 3.20 -22.71 -29.62
CA ASP A 140 3.87 -22.42 -30.87
C ASP A 140 3.43 -21.04 -31.38
N PRO A 141 4.33 -20.06 -31.25
CA PRO A 141 4.01 -18.71 -31.66
C PRO A 141 3.38 -18.65 -33.04
N LEU A 142 3.85 -19.49 -33.94
CA LEU A 142 3.32 -19.51 -35.30
C LEU A 142 1.83 -19.84 -35.33
N LEU A 143 1.41 -20.76 -34.45
CA LEU A 143 0.04 -21.23 -34.34
C LEU A 143 -0.87 -20.26 -33.60
N VAL A 144 -0.28 -19.54 -32.67
CA VAL A 144 -1.03 -18.58 -31.89
C VAL A 144 -1.75 -17.59 -32.82
N GLU A 145 -0.95 -16.90 -33.63
CA GLU A 145 -1.41 -15.91 -34.57
C GLU A 145 -2.72 -16.28 -35.28
N LYS A 146 -2.79 -17.50 -35.76
CA LYS A 146 -3.94 -18.00 -36.47
C LYS A 146 -5.22 -18.19 -35.65
N ALA A 147 -5.09 -18.36 -34.35
CA ALA A 147 -6.25 -18.55 -33.50
C ALA A 147 -6.89 -17.24 -33.02
N ILE A 148 -6.18 -16.14 -33.27
CA ILE A 148 -6.62 -14.84 -32.87
C ILE A 148 -7.91 -14.43 -33.55
N THR A 149 -8.85 -14.05 -32.70
CA THR A 149 -10.19 -13.62 -33.05
C THR A 149 -10.40 -12.23 -32.50
N PRO A 150 -11.45 -11.57 -32.92
CA PRO A 150 -11.70 -10.25 -32.41
C PRO A 150 -12.13 -10.32 -30.96
N ARG A 151 -12.28 -11.52 -30.49
CA ARG A 151 -12.67 -11.77 -29.13
C ARG A 151 -11.42 -11.93 -28.24
N THR A 152 -10.28 -12.21 -28.88
CA THR A 152 -9.05 -12.39 -28.13
C THR A 152 -8.63 -11.20 -27.29
N ARG A 153 -8.28 -11.46 -26.03
CA ARG A 153 -7.82 -10.43 -25.12
C ARG A 153 -6.45 -10.74 -24.52
N ALA A 154 -6.14 -12.04 -24.39
CA ALA A 154 -4.88 -12.46 -23.79
C ALA A 154 -4.39 -13.78 -24.35
N LEU A 155 -3.09 -13.96 -24.15
CA LEU A 155 -2.38 -15.18 -24.51
C LEU A 155 -1.98 -15.76 -23.16
N LEU A 156 -2.16 -17.06 -23.01
CA LEU A 156 -1.80 -17.69 -21.74
C LEU A 156 -0.80 -18.78 -22.01
N PRO A 157 0.46 -18.39 -22.17
CA PRO A 157 1.52 -19.34 -22.42
C PRO A 157 1.88 -19.99 -21.08
N VAL A 158 2.29 -21.24 -21.13
CA VAL A 158 2.70 -22.00 -19.97
C VAL A 158 4.17 -22.40 -20.13
N HIS A 159 5.01 -22.08 -19.14
CA HIS A 159 6.42 -22.47 -19.20
C HIS A 159 6.49 -23.87 -18.58
N LEU A 160 5.94 -24.83 -19.32
CA LEU A 160 5.80 -26.22 -18.91
C LEU A 160 7.10 -26.98 -18.59
N TYR A 161 7.06 -27.77 -17.53
CA TYR A 161 8.21 -28.56 -17.12
C TYR A 161 9.45 -27.75 -16.68
N GLY A 162 9.32 -26.44 -16.61
CA GLY A 162 10.44 -25.58 -16.20
C GLY A 162 11.13 -24.94 -17.40
N HIS A 163 10.51 -25.13 -18.56
CA HIS A 163 11.02 -24.61 -19.82
C HIS A 163 10.25 -23.35 -20.29
N PRO A 164 10.95 -22.23 -20.51
CA PRO A 164 10.26 -21.02 -20.94
C PRO A 164 9.74 -21.02 -22.36
N ALA A 165 8.57 -20.43 -22.53
CA ALA A 165 7.99 -20.35 -23.85
C ALA A 165 8.74 -19.27 -24.61
N ASP A 166 8.47 -19.12 -25.89
CA ASP A 166 9.16 -18.08 -26.66
C ASP A 166 8.48 -16.73 -26.40
N MET A 167 8.90 -16.07 -25.31
CA MET A 167 8.37 -14.78 -24.86
C MET A 167 8.52 -13.65 -25.85
N ASP A 168 9.66 -13.60 -26.48
CA ASP A 168 9.88 -12.54 -27.44
C ASP A 168 8.82 -12.55 -28.54
N ALA A 169 8.65 -13.73 -29.13
CA ALA A 169 7.68 -13.92 -30.19
C ALA A 169 6.29 -13.60 -29.71
N LEU A 170 5.94 -14.19 -28.57
CA LEU A 170 4.63 -14.01 -28.00
C LEU A 170 4.36 -12.57 -27.68
N ARG A 171 5.35 -11.88 -27.14
CA ARG A 171 5.13 -10.50 -26.82
C ARG A 171 4.91 -9.76 -28.11
N GLU A 172 5.80 -9.97 -29.08
CA GLU A 172 5.65 -9.31 -30.36
C GLU A 172 4.23 -9.42 -30.90
N LEU A 173 3.77 -10.65 -30.90
CA LEU A 173 2.45 -11.04 -31.34
C LEU A 173 1.37 -10.30 -30.54
N ALA A 174 1.53 -10.28 -29.22
CA ALA A 174 0.59 -9.64 -28.32
C ALA A 174 0.51 -8.16 -28.60
N ASP A 175 1.68 -7.51 -28.58
CA ASP A 175 1.83 -6.09 -28.86
C ASP A 175 1.14 -5.70 -30.16
N ARG A 176 1.23 -6.59 -31.15
CA ARG A 176 0.63 -6.32 -32.44
C ARG A 176 -0.87 -6.29 -32.37
N HIS A 177 -1.41 -7.31 -31.74
CA HIS A 177 -2.83 -7.46 -31.60
C HIS A 177 -3.39 -6.81 -30.35
N GLY A 178 -2.54 -6.19 -29.55
CA GLY A 178 -3.02 -5.56 -28.32
C GLY A 178 -3.68 -6.56 -27.37
N LEU A 179 -2.99 -7.66 -27.14
CA LEU A 179 -3.45 -8.71 -26.26
C LEU A 179 -2.64 -8.64 -24.99
N HIS A 180 -3.22 -9.16 -23.93
CA HIS A 180 -2.47 -9.19 -22.70
C HIS A 180 -1.81 -10.56 -22.64
N ILE A 181 -0.79 -10.69 -21.81
CA ILE A 181 -0.15 -11.96 -21.64
C ILE A 181 -0.03 -12.31 -20.18
N VAL A 182 -0.66 -13.41 -19.82
CA VAL A 182 -0.60 -13.91 -18.47
C VAL A 182 0.07 -15.26 -18.54
N GLU A 183 1.25 -15.32 -17.94
CA GLU A 183 2.04 -16.53 -17.91
C GLU A 183 1.72 -17.47 -16.80
N ASP A 184 1.65 -18.74 -17.17
CA ASP A 184 1.47 -19.79 -16.22
C ASP A 184 2.89 -20.28 -15.94
N ALA A 185 3.49 -19.77 -14.86
CA ALA A 185 4.87 -20.12 -14.48
C ALA A 185 4.96 -21.01 -13.24
N ALA A 186 3.86 -21.72 -12.91
CA ALA A 186 3.79 -22.61 -11.76
C ALA A 186 4.85 -23.71 -11.68
N GLN A 187 5.46 -24.03 -12.84
CA GLN A 187 6.50 -25.05 -12.94
C GLN A 187 7.80 -24.44 -13.43
N ALA A 188 7.93 -23.11 -13.36
CA ALA A 188 9.11 -22.42 -13.87
C ALA A 188 9.75 -21.38 -12.95
N HIS A 189 9.61 -21.53 -11.64
CA HIS A 189 10.19 -20.59 -10.69
C HIS A 189 11.71 -20.41 -10.88
N GLY A 190 12.12 -19.20 -11.25
CA GLY A 190 13.53 -18.86 -11.42
C GLY A 190 14.13 -19.05 -12.80
N ALA A 191 13.36 -19.61 -13.70
CA ALA A 191 13.86 -19.82 -15.04
C ALA A 191 14.13 -18.49 -15.69
N ARG A 192 14.98 -18.53 -16.68
CA ARG A 192 15.30 -17.35 -17.40
C ARG A 192 15.06 -17.57 -18.87
N TYR A 193 14.67 -16.49 -19.48
CA TYR A 193 14.42 -16.46 -20.89
C TYR A 193 15.22 -15.26 -21.38
N ARG A 194 16.21 -15.52 -22.22
CA ARG A 194 17.02 -14.43 -22.73
C ARG A 194 17.74 -13.69 -21.62
N GLY A 195 18.17 -14.48 -20.65
CA GLY A 195 18.90 -13.95 -19.51
C GLY A 195 18.10 -13.30 -18.39
N ARG A 196 16.79 -13.12 -18.62
CA ARG A 196 15.92 -12.49 -17.65
C ARG A 196 15.01 -13.49 -16.97
N ARG A 197 14.79 -13.31 -15.66
CA ARG A 197 13.93 -14.24 -14.96
C ARG A 197 12.51 -14.22 -15.47
N ILE A 198 11.92 -15.37 -15.30
CA ILE A 198 10.54 -15.51 -15.68
C ILE A 198 9.77 -14.64 -14.72
N GLY A 199 9.01 -13.70 -15.26
CA GLY A 199 8.25 -12.80 -14.43
C GLY A 199 8.93 -11.44 -14.26
N ALA A 200 9.97 -11.18 -15.05
CA ALA A 200 10.67 -9.92 -14.96
C ALA A 200 9.95 -8.74 -15.62
N GLY A 201 10.28 -7.57 -15.14
CA GLY A 201 9.78 -6.31 -15.65
C GLY A 201 8.29 -6.15 -15.77
N SER A 202 7.85 -5.94 -17.00
CA SER A 202 6.45 -5.75 -17.28
C SER A 202 5.65 -7.03 -17.39
N SER A 203 6.30 -8.15 -17.10
CA SER A 203 5.60 -9.42 -17.16
C SER A 203 4.48 -9.43 -16.15
N VAL A 204 3.53 -10.32 -16.44
CA VAL A 204 2.39 -10.64 -15.61
C VAL A 204 2.45 -12.15 -15.52
N ALA A 205 3.05 -12.68 -14.45
CA ALA A 205 3.19 -14.12 -14.29
C ALA A 205 2.64 -14.68 -12.97
N ALA A 206 1.99 -15.86 -13.10
CA ALA A 206 1.37 -16.57 -11.96
C ALA A 206 2.19 -17.78 -11.55
N PHE A 207 2.39 -17.93 -10.26
CA PHE A 207 3.15 -19.06 -9.73
C PHE A 207 2.36 -19.84 -8.73
N SER A 208 2.75 -21.09 -8.55
CA SER A 208 2.14 -21.96 -7.55
C SER A 208 3.22 -22.25 -6.52
N PHE A 209 2.83 -22.42 -5.24
CA PHE A 209 3.72 -22.76 -4.16
C PHE A 209 3.28 -24.10 -3.57
N TYR A 210 2.53 -24.85 -4.40
CA TYR A 210 2.03 -26.16 -4.05
C TYR A 210 3.25 -26.99 -3.61
N PRO A 211 3.09 -27.79 -2.56
CA PRO A 211 4.19 -28.55 -1.98
C PRO A 211 5.20 -29.17 -2.92
N GLY A 212 4.71 -29.65 -4.05
CA GLY A 212 5.53 -30.30 -5.06
C GLY A 212 6.15 -29.44 -6.15
N LYS A 213 5.92 -28.12 -6.13
CA LYS A 213 6.52 -27.28 -7.15
C LYS A 213 7.99 -27.04 -6.79
N ASN A 214 8.76 -26.43 -7.69
CA ASN A 214 10.17 -26.13 -7.47
C ASN A 214 10.37 -25.31 -6.22
N LEU A 215 9.37 -24.45 -5.96
CA LEU A 215 9.26 -23.56 -4.83
C LEU A 215 7.93 -23.89 -4.18
N GLY A 216 7.99 -24.73 -3.15
CA GLY A 216 6.81 -25.19 -2.45
C GLY A 216 6.88 -24.88 -0.97
N CYS A 217 5.74 -25.11 -0.32
CA CYS A 217 5.54 -24.90 1.11
C CYS A 217 4.84 -26.12 1.72
N PHE A 218 4.17 -25.98 2.87
CA PHE A 218 3.47 -27.12 3.50
C PHE A 218 1.96 -27.04 3.41
N GLY A 219 1.51 -26.49 2.29
CA GLY A 219 0.09 -26.33 2.00
C GLY A 219 -0.08 -25.65 0.64
N ASP A 220 -1.30 -25.21 0.35
CA ASP A 220 -1.49 -24.54 -0.91
C ASP A 220 -1.06 -23.08 -0.81
N GLY A 221 -0.69 -22.50 -1.93
CA GLY A 221 -0.27 -21.11 -2.00
C GLY A 221 0.11 -20.76 -3.42
N GLY A 222 0.24 -19.48 -3.70
CA GLY A 222 0.61 -19.05 -5.04
C GLY A 222 0.86 -17.55 -5.04
N ALA A 223 1.19 -17.00 -6.21
CA ALA A 223 1.44 -15.58 -6.31
C ALA A 223 1.36 -15.06 -7.74
N VAL A 224 1.14 -13.76 -7.83
CA VAL A 224 1.16 -13.12 -9.12
C VAL A 224 2.21 -12.06 -8.96
N VAL A 225 3.06 -11.91 -9.97
CA VAL A 225 4.09 -10.88 -10.01
C VAL A 225 3.74 -10.03 -11.21
N THR A 226 3.98 -8.73 -11.08
CA THR A 226 3.70 -7.81 -12.15
C THR A 226 4.47 -6.53 -11.88
N GLY A 227 4.73 -5.80 -12.95
CA GLY A 227 5.46 -4.56 -12.86
C GLY A 227 4.50 -3.39 -12.82
N ASP A 228 3.20 -3.70 -12.76
CA ASP A 228 2.13 -2.73 -12.75
C ASP A 228 1.53 -2.47 -11.37
N PRO A 229 1.77 -1.29 -10.85
CA PRO A 229 1.27 -0.90 -9.55
C PRO A 229 -0.25 -1.00 -9.40
N GLU A 230 -0.97 -0.58 -10.44
CA GLU A 230 -2.42 -0.61 -10.45
C GLU A 230 -2.92 -2.04 -10.45
N LEU A 231 -2.33 -2.87 -11.31
CA LEU A 231 -2.72 -4.27 -11.34
C LEU A 231 -2.44 -4.82 -9.96
N ALA A 232 -1.22 -4.58 -9.47
CA ALA A 232 -0.87 -5.07 -8.14
C ALA A 232 -1.91 -4.73 -7.08
N GLU A 233 -2.32 -3.45 -7.05
CA GLU A 233 -3.30 -3.04 -6.07
C GLU A 233 -4.63 -3.75 -6.27
N ARG A 234 -5.02 -3.92 -7.52
CA ARG A 234 -6.28 -4.61 -7.78
C ARG A 234 -6.24 -6.00 -7.22
N LEU A 235 -5.10 -6.62 -7.45
CA LEU A 235 -4.90 -7.97 -7.00
C LEU A 235 -5.03 -8.07 -5.49
N ARG A 236 -4.37 -7.16 -4.77
CA ARG A 236 -4.47 -7.21 -3.32
C ARG A 236 -5.91 -7.13 -2.84
N MET A 237 -6.67 -6.32 -3.56
CA MET A 237 -8.06 -6.18 -3.22
C MET A 237 -8.89 -7.40 -3.60
N LEU A 238 -8.65 -7.93 -4.79
CA LEU A 238 -9.38 -9.11 -5.27
C LEU A 238 -9.19 -10.34 -4.39
N ARG A 239 -7.97 -10.50 -3.85
CA ARG A 239 -7.68 -11.67 -3.02
C ARG A 239 -8.23 -11.52 -1.63
N ASN A 240 -8.56 -10.28 -1.32
CA ASN A 240 -9.05 -9.94 -0.01
C ASN A 240 -10.43 -9.29 0.01
N TYR A 241 -11.41 -9.93 -0.63
CA TYR A 241 -12.77 -9.42 -0.62
C TYR A 241 -12.99 -8.01 -1.19
N GLY A 242 -12.21 -7.62 -2.21
CA GLY A 242 -12.34 -6.30 -2.82
C GLY A 242 -12.09 -5.17 -1.83
N SER A 243 -11.15 -5.44 -0.91
CA SER A 243 -10.80 -4.57 0.19
C SER A 243 -9.34 -4.17 0.29
N ARG A 244 -9.15 -2.94 0.74
CA ARG A 244 -7.86 -2.36 1.03
C ARG A 244 -7.91 -1.83 2.46
N GLN A 245 -9.13 -1.75 2.95
CA GLN A 245 -9.45 -1.32 4.29
C GLN A 245 -10.46 -2.36 4.74
N LYS A 246 -10.29 -2.89 5.95
CA LYS A 246 -11.22 -3.93 6.44
C LYS A 246 -12.67 -3.46 6.46
N TYR A 247 -13.52 -4.26 5.84
CA TYR A 247 -14.94 -3.96 5.77
C TYR A 247 -15.37 -2.93 4.75
N SER A 248 -14.47 -2.56 3.86
CA SER A 248 -14.77 -1.61 2.81
C SER A 248 -14.68 -2.33 1.45
N HIS A 249 -15.78 -2.95 1.04
CA HIS A 249 -15.85 -3.70 -0.20
C HIS A 249 -16.05 -2.84 -1.41
N GLU A 250 -14.93 -2.31 -1.85
CA GLU A 250 -14.88 -1.41 -2.99
C GLU A 250 -15.29 -2.09 -4.27
N THR A 251 -14.95 -3.37 -4.37
CA THR A 251 -15.24 -4.16 -5.53
C THR A 251 -15.54 -5.57 -5.09
N LYS A 252 -16.09 -6.34 -6.01
CA LYS A 252 -16.38 -7.70 -5.68
C LYS A 252 -15.02 -8.36 -5.62
N GLY A 253 -14.84 -9.27 -4.67
CA GLY A 253 -13.58 -9.97 -4.51
C GLY A 253 -13.83 -11.34 -3.92
N THR A 254 -12.74 -12.01 -3.59
CA THR A 254 -12.81 -13.33 -3.01
C THR A 254 -11.81 -13.44 -1.87
N ASN A 255 -11.55 -14.67 -1.47
CA ASN A 255 -10.60 -14.98 -0.42
C ASN A 255 -9.55 -15.90 -1.03
N SER A 256 -8.38 -15.36 -1.32
CA SER A 256 -7.33 -16.15 -1.89
C SER A 256 -6.01 -15.60 -1.36
N ARG A 257 -5.67 -16.01 -0.14
CA ARG A 257 -4.44 -15.53 0.49
C ARG A 257 -3.46 -16.64 0.82
N LEU A 258 -2.22 -16.20 0.99
CA LEU A 258 -1.10 -17.07 1.31
C LEU A 258 -0.80 -16.85 2.81
N ASP A 259 -1.02 -17.90 3.59
CA ASP A 259 -0.83 -17.84 5.04
C ASP A 259 0.55 -17.37 5.44
N GLU A 260 0.58 -16.69 6.59
CA GLU A 260 1.81 -16.17 7.19
C GLU A 260 2.76 -17.32 7.43
N MET A 261 2.18 -18.39 7.90
CA MET A 261 2.92 -19.59 8.20
C MET A 261 3.64 -20.14 6.97
N GLN A 262 2.91 -20.22 5.85
CA GLN A 262 3.47 -20.73 4.61
C GLN A 262 4.48 -19.75 4.05
N ALA A 263 4.11 -18.48 4.12
CA ALA A 263 5.02 -17.45 3.63
C ALA A 263 6.37 -17.48 4.40
N ALA A 264 6.37 -17.70 5.72
CA ALA A 264 7.61 -17.75 6.51
C ALA A 264 8.57 -18.82 5.93
N VAL A 265 7.99 -19.99 5.66
CA VAL A 265 8.70 -21.13 5.09
C VAL A 265 9.29 -20.79 3.72
N LEU A 266 8.44 -20.19 2.88
CA LEU A 266 8.82 -19.79 1.52
C LEU A 266 10.02 -18.86 1.47
N ARG A 267 10.11 -18.02 2.48
CA ARG A 267 11.22 -17.12 2.53
C ARG A 267 12.48 -17.94 2.58
N ILE A 268 12.46 -18.99 3.37
CA ILE A 268 13.64 -19.84 3.49
C ILE A 268 13.90 -20.58 2.20
N ARG A 269 12.86 -21.24 1.73
CA ARG A 269 12.95 -21.99 0.52
C ARG A 269 13.45 -21.11 -0.59
N LEU A 270 12.96 -19.88 -0.61
CA LEU A 270 13.38 -18.96 -1.65
C LEU A 270 14.88 -18.73 -1.65
N ALA A 271 15.47 -18.59 -0.46
CA ALA A 271 16.90 -18.35 -0.39
C ALA A 271 17.74 -19.51 -0.92
N HIS A 272 17.12 -20.68 -1.07
CA HIS A 272 17.82 -21.86 -1.60
C HIS A 272 17.34 -22.31 -2.97
N LEU A 273 16.43 -21.56 -3.59
CA LEU A 273 15.89 -21.94 -4.91
C LEU A 273 16.91 -22.09 -6.01
N ASP A 274 17.73 -21.07 -6.16
CA ASP A 274 18.74 -21.09 -7.17
C ASP A 274 19.61 -22.32 -7.01
N SER A 275 20.02 -22.53 -5.79
CA SER A 275 20.82 -23.67 -5.49
C SER A 275 20.09 -24.96 -5.80
N TRP A 276 18.85 -25.07 -5.33
CA TRP A 276 18.07 -26.28 -5.60
C TRP A 276 17.80 -26.53 -7.08
N ASN A 277 17.48 -25.45 -7.80
CA ASN A 277 17.24 -25.54 -9.23
C ASN A 277 18.51 -26.01 -9.92
N GLY A 278 19.61 -25.51 -9.36
CA GLY A 278 20.92 -25.84 -9.87
C GLY A 278 21.12 -27.35 -9.82
N ARG A 279 20.66 -27.92 -8.70
CA ARG A 279 20.81 -29.36 -8.57
C ARG A 279 20.03 -30.08 -9.64
N ARG A 280 18.81 -29.59 -9.89
CA ARG A 280 17.98 -30.20 -10.90
C ARG A 280 18.70 -30.17 -12.24
N SER A 281 19.34 -29.04 -12.55
CA SER A 281 20.07 -28.84 -13.79
C SER A 281 21.20 -29.82 -13.96
N ALA A 282 21.85 -30.21 -12.85
CA ALA A 282 22.94 -31.19 -12.92
C ALA A 282 22.36 -32.54 -13.26
N LEU A 283 21.28 -32.87 -12.58
CA LEU A 283 20.62 -34.15 -12.85
C LEU A 283 20.11 -34.19 -14.30
N ALA A 284 19.62 -33.06 -14.82
CA ALA A 284 19.13 -33.01 -16.19
C ALA A 284 20.25 -33.31 -17.16
N ALA A 285 21.42 -32.66 -16.95
CA ALA A 285 22.58 -32.85 -17.82
C ALA A 285 23.00 -34.31 -17.85
N GLU A 286 23.00 -34.90 -16.66
CA GLU A 286 23.33 -36.30 -16.51
C GLU A 286 22.42 -37.17 -17.37
N TYR A 287 21.10 -36.98 -17.24
CA TYR A 287 20.15 -37.77 -18.00
C TYR A 287 20.35 -37.62 -19.49
N LEU A 288 20.47 -36.37 -19.87
CA LEU A 288 20.63 -36.02 -21.26
C LEU A 288 21.85 -36.67 -21.87
N SER A 289 22.94 -36.67 -21.11
CA SER A 289 24.17 -37.26 -21.58
C SER A 289 24.05 -38.78 -21.48
N GLY A 290 23.54 -39.20 -20.33
CA GLY A 290 23.35 -40.61 -20.09
C GLY A 290 22.31 -41.27 -21.00
N LEU A 291 21.46 -40.52 -21.63
CA LEU A 291 20.47 -41.20 -22.42
C LEU A 291 20.56 -40.85 -23.85
N ALA A 292 21.66 -40.19 -24.18
CA ALA A 292 21.80 -39.80 -25.55
C ALA A 292 21.85 -41.02 -26.47
N GLY A 293 21.46 -40.80 -27.72
CA GLY A 293 21.47 -41.82 -28.76
C GLY A 293 20.72 -43.12 -28.48
N LEU A 294 19.59 -43.02 -27.79
CA LEU A 294 18.79 -44.17 -27.48
C LEU A 294 17.64 -44.23 -28.46
N PRO A 295 17.62 -45.31 -29.21
CA PRO A 295 16.62 -45.62 -30.21
C PRO A 295 15.31 -44.83 -30.15
N GLY A 296 14.37 -45.37 -29.39
CA GLY A 296 13.08 -44.71 -29.29
C GLY A 296 12.89 -43.85 -28.05
N ILE A 297 13.94 -43.17 -27.65
CA ILE A 297 13.82 -42.31 -26.49
C ILE A 297 14.01 -40.87 -26.90
N GLY A 298 12.92 -40.08 -26.78
CA GLY A 298 12.92 -38.67 -27.12
C GLY A 298 13.25 -37.83 -25.88
N LEU A 299 14.40 -37.13 -25.93
CA LEU A 299 14.87 -36.32 -24.83
C LEU A 299 14.35 -34.91 -24.89
N PRO A 300 14.13 -34.34 -23.72
CA PRO A 300 13.61 -32.99 -23.65
C PRO A 300 14.58 -32.00 -24.28
N VAL A 301 14.05 -31.08 -25.06
CA VAL A 301 14.90 -30.10 -25.71
C VAL A 301 14.90 -28.80 -24.93
N THR A 302 16.05 -28.18 -24.93
CA THR A 302 16.23 -26.91 -24.26
C THR A 302 16.34 -25.81 -25.26
N ALA A 303 15.27 -25.07 -25.46
CA ALA A 303 15.28 -23.98 -26.43
C ALA A 303 16.41 -23.02 -26.16
N PRO A 304 16.98 -22.48 -27.23
CA PRO A 304 18.08 -21.54 -27.11
C PRO A 304 17.58 -20.25 -26.45
N ASP A 305 18.46 -19.62 -25.67
CA ASP A 305 18.12 -18.37 -24.98
C ASP A 305 17.30 -18.58 -23.75
N THR A 306 17.25 -19.85 -23.31
CA THR A 306 16.52 -20.24 -22.12
C THR A 306 17.43 -20.89 -21.09
N ASP A 307 17.06 -20.72 -19.82
CA ASP A 307 17.70 -21.30 -18.63
C ASP A 307 16.57 -22.02 -17.91
N PRO A 308 16.35 -23.28 -18.27
CA PRO A 308 15.26 -24.07 -17.70
C PRO A 308 15.48 -24.45 -16.26
N VAL A 309 14.39 -24.69 -15.56
CA VAL A 309 14.49 -25.09 -14.16
C VAL A 309 14.08 -26.52 -13.91
N TRP A 310 13.84 -27.26 -15.00
CA TRP A 310 13.51 -28.66 -14.90
C TRP A 310 12.60 -29.07 -13.78
N HIS A 311 11.40 -28.53 -13.80
CA HIS A 311 10.43 -28.87 -12.80
C HIS A 311 10.20 -30.36 -12.89
N LEU A 312 10.21 -30.77 -14.16
CA LEU A 312 10.01 -32.16 -14.55
C LEU A 312 10.96 -32.55 -15.68
N PHE A 313 11.45 -33.80 -15.61
CA PHE A 313 12.34 -34.36 -16.64
C PHE A 313 11.52 -35.34 -17.48
N THR A 314 11.20 -34.92 -18.71
CA THR A 314 10.37 -35.78 -19.52
C THR A 314 10.98 -36.35 -20.79
N VAL A 315 10.79 -37.65 -20.94
CA VAL A 315 11.21 -38.41 -22.10
C VAL A 315 9.93 -38.81 -22.84
N ARG A 316 10.00 -39.04 -24.15
CA ARG A 316 8.82 -39.45 -24.89
C ARG A 316 9.13 -40.70 -25.70
N THR A 317 8.18 -41.61 -25.74
CA THR A 317 8.39 -42.81 -26.50
C THR A 317 7.05 -43.41 -26.82
N GLU A 318 7.05 -44.27 -27.84
CA GLU A 318 5.89 -45.01 -28.26
C GLU A 318 6.11 -46.24 -27.39
N ARG A 319 5.08 -46.69 -26.70
CA ARG A 319 5.20 -47.82 -25.78
C ARG A 319 5.64 -47.25 -24.44
N ARG A 320 5.02 -46.12 -24.07
CA ARG A 320 5.34 -45.50 -22.82
C ARG A 320 4.85 -46.32 -21.63
N ASP A 321 3.74 -46.99 -21.81
CA ASP A 321 3.27 -47.76 -20.69
C ASP A 321 4.23 -48.89 -20.38
N GLU A 322 4.86 -49.40 -21.43
CA GLU A 322 5.81 -50.47 -21.31
C GLU A 322 7.02 -49.98 -20.53
N LEU A 323 7.60 -48.91 -21.04
CA LEU A 323 8.74 -48.32 -20.39
C LEU A 323 8.42 -48.06 -18.93
N ARG A 324 7.18 -47.62 -18.69
CA ARG A 324 6.75 -47.32 -17.33
C ARG A 324 6.77 -48.55 -16.45
N SER A 325 6.15 -49.59 -16.93
CA SER A 325 6.07 -50.87 -16.20
C SER A 325 7.47 -51.34 -15.90
N HIS A 326 8.34 -51.15 -16.89
CA HIS A 326 9.73 -51.54 -16.80
C HIS A 326 10.47 -50.84 -15.64
N LEU A 327 10.29 -49.53 -15.55
CA LEU A 327 10.96 -48.80 -14.49
C LEU A 327 10.35 -49.16 -13.16
N ASP A 328 9.05 -49.36 -13.19
CA ASP A 328 8.39 -49.72 -11.97
C ASP A 328 9.06 -50.97 -11.44
N ALA A 329 9.30 -51.90 -12.37
CA ALA A 329 9.94 -53.15 -12.03
C ALA A 329 11.34 -52.94 -11.51
N ARG A 330 12.02 -51.94 -12.03
CA ARG A 330 13.38 -51.65 -11.61
C ARG A 330 13.38 -50.85 -10.32
N GLY A 331 12.19 -50.76 -9.70
CA GLY A 331 11.96 -50.02 -8.46
C GLY A 331 12.08 -48.51 -8.62
N ILE A 332 11.57 -48.01 -9.72
CA ILE A 332 11.66 -46.59 -9.98
C ILE A 332 10.28 -45.98 -10.16
N ASP A 333 9.99 -44.97 -9.34
CA ASP A 333 8.72 -44.27 -9.41
C ASP A 333 8.73 -43.21 -10.51
N THR A 334 7.74 -43.27 -11.39
CA THR A 334 7.60 -42.28 -12.45
C THR A 334 6.18 -41.76 -12.42
N LEU A 335 5.90 -40.75 -13.21
CA LEU A 335 4.57 -40.15 -13.28
C LEU A 335 4.42 -39.62 -14.69
N THR A 336 3.16 -39.41 -15.10
CA THR A 336 2.83 -38.92 -16.43
C THR A 336 2.10 -37.59 -16.36
N HIS A 337 2.73 -36.60 -16.98
CA HIS A 337 2.21 -35.26 -17.02
C HIS A 337 2.01 -34.79 -18.44
N TYR A 338 0.80 -34.98 -19.00
CA TYR A 338 -0.37 -35.60 -18.37
C TYR A 338 -0.94 -36.68 -19.30
N PRO A 339 -1.50 -37.69 -18.69
CA PRO A 339 -2.04 -38.83 -19.39
C PRO A 339 -3.21 -38.57 -20.35
N VAL A 340 -3.92 -37.48 -20.14
CA VAL A 340 -5.04 -37.16 -20.99
C VAL A 340 -4.98 -35.68 -21.30
N PRO A 341 -5.00 -35.37 -22.57
CA PRO A 341 -4.93 -33.97 -22.95
C PRO A 341 -6.18 -33.26 -22.48
N VAL A 342 -6.02 -32.02 -22.06
CA VAL A 342 -7.12 -31.20 -21.55
C VAL A 342 -8.39 -31.30 -22.40
N HIS A 343 -8.25 -31.07 -23.69
CA HIS A 343 -9.41 -31.11 -24.56
C HIS A 343 -10.21 -32.39 -24.47
N LEU A 344 -9.52 -33.51 -24.13
CA LEU A 344 -10.13 -34.82 -24.01
C LEU A 344 -10.62 -35.18 -22.63
N SER A 345 -10.53 -34.25 -21.71
CA SER A 345 -11.00 -34.57 -20.39
C SER A 345 -12.50 -34.33 -20.33
N PRO A 346 -13.17 -35.19 -19.60
CA PRO A 346 -14.60 -35.01 -19.48
C PRO A 346 -14.97 -33.58 -19.07
N ALA A 347 -14.15 -32.94 -18.22
CA ALA A 347 -14.45 -31.57 -17.82
C ALA A 347 -14.64 -30.63 -19.02
N TYR A 348 -13.96 -30.88 -20.10
CA TYR A 348 -14.09 -29.99 -21.24
C TYR A 348 -14.49 -30.77 -22.49
N ALA A 349 -14.40 -32.09 -22.42
CA ALA A 349 -14.74 -32.85 -23.60
C ALA A 349 -15.83 -32.15 -24.42
N GLY A 350 -16.97 -31.87 -23.76
CA GLY A 350 -18.13 -31.23 -24.37
C GLY A 350 -17.89 -29.86 -25.04
N GLU A 351 -16.81 -29.18 -24.70
CA GLU A 351 -16.62 -27.88 -25.32
C GLU A 351 -15.32 -27.70 -26.08
N ALA A 352 -14.47 -28.71 -26.05
CA ALA A 352 -13.19 -28.58 -26.75
C ALA A 352 -13.23 -29.29 -28.08
N PRO A 353 -12.10 -29.21 -28.77
CA PRO A 353 -11.94 -29.88 -30.03
C PRO A 353 -11.93 -31.40 -29.87
N PRO A 354 -12.45 -32.07 -30.89
CA PRO A 354 -12.53 -33.52 -30.90
C PRO A 354 -11.20 -34.19 -31.03
N GLU A 355 -11.11 -35.35 -30.43
CA GLU A 355 -9.87 -36.05 -30.53
C GLU A 355 -9.40 -36.07 -31.96
N GLY A 356 -8.10 -35.96 -32.17
CA GLY A 356 -7.59 -35.98 -33.52
C GLY A 356 -7.38 -34.61 -34.10
N SER A 357 -7.95 -33.60 -33.47
CA SER A 357 -7.75 -32.28 -34.03
C SER A 357 -6.65 -31.47 -33.33
N LEU A 358 -6.02 -32.04 -32.30
CA LEU A 358 -4.92 -31.45 -31.52
C LEU A 358 -3.90 -32.57 -31.26
N PRO A 359 -3.31 -32.99 -32.36
CA PRO A 359 -2.36 -34.07 -32.46
C PRO A 359 -1.12 -33.90 -31.61
N ARG A 360 -0.61 -32.69 -31.53
CA ARG A 360 0.58 -32.57 -30.71
C ARG A 360 0.21 -32.85 -29.27
N ALA A 361 -0.84 -32.17 -28.81
CA ALA A 361 -1.26 -32.38 -27.45
C ALA A 361 -1.58 -33.85 -27.23
N GLU A 362 -2.24 -34.46 -28.22
CA GLU A 362 -2.61 -35.87 -28.14
C GLU A 362 -1.40 -36.81 -28.12
N SER A 363 -0.37 -36.42 -28.85
CA SER A 363 0.82 -37.22 -28.91
C SER A 363 1.62 -37.13 -27.61
N PHE A 364 1.72 -35.92 -27.06
CA PHE A 364 2.45 -35.73 -25.81
C PHE A 364 1.83 -36.64 -24.77
N ALA A 365 0.50 -36.56 -24.69
CA ALA A 365 -0.25 -37.34 -23.71
C ALA A 365 -0.07 -38.83 -23.86
N ARG A 366 0.22 -39.30 -25.04
CA ARG A 366 0.39 -40.73 -25.09
C ARG A 366 1.84 -41.19 -25.03
N GLN A 367 2.79 -40.23 -25.17
CA GLN A 367 4.21 -40.54 -25.16
C GLN A 367 4.99 -40.15 -23.92
N VAL A 368 4.53 -39.14 -23.17
CA VAL A 368 5.27 -38.68 -21.99
C VAL A 368 5.31 -39.53 -20.75
N LEU A 369 6.49 -39.41 -20.15
CA LEU A 369 6.86 -40.04 -18.90
C LEU A 369 7.84 -39.14 -18.14
N SER A 370 7.53 -38.89 -16.89
CA SER A 370 8.38 -38.06 -16.06
C SER A 370 9.30 -38.94 -15.24
N LEU A 371 10.61 -38.72 -15.41
CA LEU A 371 11.62 -39.47 -14.66
C LEU A 371 11.97 -38.71 -13.38
N PRO A 372 12.29 -39.41 -12.32
CA PRO A 372 12.64 -38.75 -11.07
C PRO A 372 13.70 -37.65 -11.20
N ILE A 373 13.38 -36.56 -10.54
CA ILE A 373 14.21 -35.38 -10.49
C ILE A 373 13.77 -34.46 -9.36
N GLY A 374 14.72 -33.73 -8.78
CA GLY A 374 14.45 -32.84 -7.66
C GLY A 374 15.76 -32.53 -6.96
N PRO A 375 15.80 -31.50 -6.12
CA PRO A 375 17.03 -31.11 -5.46
C PRO A 375 17.42 -32.07 -4.33
N HIS A 376 16.72 -33.19 -4.22
CA HIS A 376 17.00 -34.17 -3.18
C HIS A 376 17.25 -35.56 -3.72
N LEU A 377 17.32 -35.66 -5.04
CA LEU A 377 17.60 -36.92 -5.68
C LEU A 377 19.10 -37.14 -5.74
N GLU A 378 19.55 -38.32 -5.36
CA GLU A 378 20.97 -38.56 -5.43
C GLU A 378 21.46 -39.18 -6.72
N ARG A 379 22.70 -38.84 -7.07
CA ARG A 379 23.38 -39.30 -8.28
C ARG A 379 23.17 -40.78 -8.53
N PRO A 380 23.44 -41.60 -7.50
CA PRO A 380 23.30 -43.04 -7.59
C PRO A 380 21.88 -43.43 -7.94
N GLN A 381 20.90 -42.69 -7.44
CA GLN A 381 19.53 -43.03 -7.78
C GLN A 381 19.26 -42.61 -9.21
N ALA A 382 19.74 -41.43 -9.57
CA ALA A 382 19.59 -40.96 -10.93
C ALA A 382 20.28 -41.96 -11.88
N LEU A 383 21.45 -42.44 -11.49
CA LEU A 383 22.23 -43.41 -12.24
C LEU A 383 21.40 -44.67 -12.48
N ARG A 384 20.68 -45.12 -11.46
CA ARG A 384 19.86 -46.30 -11.69
C ARG A 384 18.70 -46.01 -12.64
N VAL A 385 18.24 -44.77 -12.60
CA VAL A 385 17.18 -44.37 -13.49
C VAL A 385 17.81 -44.50 -14.88
N ILE A 386 18.99 -43.93 -15.00
CA ILE A 386 19.63 -44.04 -16.28
C ILE A 386 19.77 -45.48 -16.71
N ASP A 387 20.32 -46.32 -15.83
CA ASP A 387 20.48 -47.71 -16.26
C ASP A 387 19.26 -48.46 -16.75
N ALA A 388 18.13 -48.29 -16.05
CA ALA A 388 16.87 -48.93 -16.39
C ALA A 388 16.40 -48.48 -17.75
N VAL A 389 16.43 -47.15 -17.93
CA VAL A 389 16.05 -46.61 -19.22
C VAL A 389 16.91 -47.18 -20.37
N ARG A 390 18.23 -47.17 -20.21
CA ARG A 390 19.15 -47.69 -21.22
C ARG A 390 18.85 -49.14 -21.53
N GLU A 391 18.78 -49.91 -20.45
CA GLU A 391 18.49 -51.32 -20.49
C GLU A 391 17.31 -51.54 -21.40
N TRP A 392 16.24 -50.86 -21.00
CA TRP A 392 15.01 -50.92 -21.74
C TRP A 392 15.24 -50.62 -23.21
N ALA A 393 15.76 -49.45 -23.44
CA ALA A 393 16.03 -49.00 -24.78
C ALA A 393 16.87 -49.99 -25.58
N GLU A 394 17.77 -50.71 -24.93
CA GLU A 394 18.65 -51.62 -25.66
C GLU A 394 18.21 -53.06 -25.82
N ARG A 395 17.06 -53.35 -25.27
CA ARG A 395 16.51 -54.67 -25.33
C ARG A 395 16.40 -55.15 -26.75
N VAL A 396 16.58 -56.46 -26.93
CA VAL A 396 16.51 -57.09 -28.24
C VAL A 396 15.12 -57.04 -28.86
N ASP A 397 15.09 -56.59 -30.12
CA ASP A 397 13.87 -56.45 -30.89
C ASP A 397 14.12 -56.92 -32.31
N THR B 27 -4.12 0.07 32.54
CA THR B 27 -2.97 0.29 31.67
C THR B 27 -3.18 -0.32 30.30
N PRO B 28 -3.06 -1.66 30.20
CA PRO B 28 -3.24 -2.30 28.92
C PRO B 28 -4.70 -2.26 28.48
N ARG B 29 -4.89 -2.21 27.17
CA ARG B 29 -6.22 -2.15 26.65
C ARG B 29 -6.85 -3.51 26.66
N VAL B 30 -8.19 -3.50 26.57
CA VAL B 30 -9.01 -4.69 26.47
C VAL B 30 -9.00 -4.97 24.99
N PRO B 31 -8.37 -6.07 24.65
CA PRO B 31 -8.24 -6.46 23.27
C PRO B 31 -9.58 -7.02 22.81
N PHE B 32 -9.89 -6.79 21.53
CA PHE B 32 -11.14 -7.29 20.96
C PHE B 32 -11.26 -8.84 20.96
N LEU B 33 -10.16 -9.52 20.60
CA LEU B 33 -10.10 -10.97 20.55
C LEU B 33 -8.65 -11.41 20.44
N ASP B 34 -8.12 -11.99 21.50
CA ASP B 34 -6.73 -12.46 21.56
C ASP B 34 -6.44 -13.83 20.94
N LEU B 35 -5.92 -13.82 19.69
CA LEU B 35 -5.59 -15.05 18.95
C LEU B 35 -4.45 -15.84 19.61
N LYS B 36 -3.36 -15.11 19.89
CA LYS B 36 -2.19 -15.68 20.54
C LYS B 36 -2.59 -16.48 21.80
N ALA B 37 -3.61 -16.00 22.54
CA ALA B 37 -4.08 -16.67 23.74
C ALA B 37 -4.60 -18.06 23.41
N ALA B 38 -5.08 -18.20 22.17
CA ALA B 38 -5.60 -19.48 21.77
C ALA B 38 -4.49 -20.48 21.49
N TYR B 39 -3.38 -19.95 20.97
CA TYR B 39 -2.23 -20.80 20.71
C TYR B 39 -1.56 -21.06 22.07
N GLU B 40 -1.51 -20.01 22.90
CA GLU B 40 -0.91 -20.11 24.21
C GLU B 40 -1.51 -21.23 25.02
N GLU B 41 -2.81 -21.17 25.27
CA GLU B 41 -3.50 -22.20 26.01
C GLU B 41 -3.16 -23.65 25.62
N LEU B 42 -2.99 -23.93 24.32
CA LEU B 42 -2.70 -25.28 23.85
C LEU B 42 -1.37 -25.42 23.15
N ARG B 43 -0.44 -24.57 23.53
CA ARG B 43 0.89 -24.52 22.98
C ARG B 43 1.56 -25.86 22.75
N ALA B 44 1.68 -26.69 23.80
CA ALA B 44 2.35 -27.98 23.58
C ALA B 44 1.72 -28.91 22.58
N GLU B 45 0.42 -29.14 22.72
CA GLU B 45 -0.31 -30.01 21.81
C GLU B 45 -0.23 -29.47 20.37
N THR B 46 -0.35 -28.14 20.22
CA THR B 46 -0.32 -27.46 18.94
C THR B 46 1.00 -27.69 18.25
N ASP B 47 2.04 -27.38 18.98
CA ASP B 47 3.37 -27.58 18.47
C ASP B 47 3.56 -29.02 18.01
N ALA B 48 3.11 -29.99 18.80
CA ALA B 48 3.26 -31.39 18.46
C ALA B 48 2.49 -31.77 17.23
N ALA B 49 1.29 -31.21 17.12
CA ALA B 49 0.45 -31.49 15.97
C ALA B 49 1.16 -31.03 14.69
N ILE B 50 1.74 -29.83 14.73
CA ILE B 50 2.46 -29.28 13.60
C ILE B 50 3.73 -30.06 13.28
N ALA B 51 4.46 -30.43 14.33
CA ALA B 51 5.69 -31.18 14.19
C ALA B 51 5.41 -32.49 13.49
N ARG B 52 4.28 -33.07 13.88
CA ARG B 52 3.79 -34.32 13.34
C ARG B 52 3.58 -34.23 11.84
N VAL B 53 2.89 -33.16 11.44
CA VAL B 53 2.61 -32.96 10.05
C VAL B 53 3.90 -32.74 9.31
N LEU B 54 4.72 -31.88 9.89
CA LEU B 54 5.98 -31.58 9.29
C LEU B 54 6.73 -32.84 9.01
N ASP B 55 6.75 -33.72 10.00
CA ASP B 55 7.47 -34.95 9.83
C ASP B 55 6.79 -35.98 8.93
N SER B 56 5.48 -35.91 8.75
CA SER B 56 4.79 -36.88 7.92
C SER B 56 5.21 -36.87 6.47
N GLY B 57 5.53 -35.71 5.94
CA GLY B 57 5.90 -35.64 4.54
C GLY B 57 4.63 -35.58 3.68
N ARG B 58 3.47 -35.49 4.33
CA ARG B 58 2.21 -35.40 3.61
C ARG B 58 1.53 -34.10 4.02
N TYR B 59 1.39 -33.17 3.09
CA TYR B 59 0.81 -31.91 3.49
C TYR B 59 -0.56 -31.53 2.97
N LEU B 60 -1.08 -32.35 2.05
CA LEU B 60 -2.36 -32.11 1.42
C LEU B 60 -3.15 -33.39 1.30
N LEU B 61 -4.43 -33.28 1.57
CA LEU B 61 -5.35 -34.38 1.46
C LEU B 61 -4.82 -35.63 2.10
N GLY B 62 -4.54 -35.56 3.39
CA GLY B 62 -4.05 -36.73 4.09
C GLY B 62 -4.94 -37.12 5.26
N PRO B 63 -4.31 -37.82 6.18
CA PRO B 63 -4.95 -38.32 7.39
C PRO B 63 -5.45 -37.21 8.33
N GLU B 64 -4.72 -36.09 8.43
CA GLU B 64 -5.16 -35.00 9.30
C GLU B 64 -6.53 -34.47 8.84
N LEU B 65 -6.66 -34.25 7.52
CA LEU B 65 -7.90 -33.78 6.92
C LEU B 65 -9.00 -34.83 7.18
N GLU B 66 -8.67 -36.07 6.87
CA GLU B 66 -9.63 -37.14 7.10
C GLU B 66 -10.03 -37.25 8.56
N GLY B 67 -9.06 -37.12 9.45
CA GLY B 67 -9.43 -37.22 10.83
C GLY B 67 -10.35 -36.08 11.23
N PHE B 68 -9.93 -34.87 10.87
CA PHE B 68 -10.70 -33.68 11.20
C PHE B 68 -12.13 -33.74 10.66
N GLU B 69 -12.24 -34.13 9.39
CA GLU B 69 -13.55 -34.24 8.74
C GLU B 69 -14.49 -35.14 9.54
N ALA B 70 -14.00 -36.34 9.85
CA ALA B 70 -14.79 -37.29 10.62
C ALA B 70 -15.19 -36.67 11.95
N GLU B 71 -14.20 -36.17 12.68
CA GLU B 71 -14.47 -35.58 13.96
C GLU B 71 -15.43 -34.42 13.90
N PHE B 72 -15.26 -33.53 12.91
CA PHE B 72 -16.12 -32.37 12.78
C PHE B 72 -17.54 -32.78 12.44
N ALA B 73 -17.66 -33.65 11.44
CA ALA B 73 -18.98 -34.13 11.08
C ALA B 73 -19.70 -34.70 12.31
N ALA B 74 -19.01 -35.55 13.05
CA ALA B 74 -19.60 -36.14 14.23
C ALA B 74 -19.98 -35.07 15.22
N TYR B 75 -19.08 -34.10 15.40
CA TYR B 75 -19.30 -32.97 16.30
C TYR B 75 -20.59 -32.29 15.93
N CYS B 76 -20.77 -32.10 14.62
CA CYS B 76 -21.93 -31.46 14.03
C CYS B 76 -23.20 -32.33 13.97
N GLU B 77 -23.07 -33.59 14.39
CA GLU B 77 -24.18 -34.53 14.40
C GLU B 77 -24.70 -34.86 13.00
N THR B 78 -23.76 -35.00 12.07
CA THR B 78 -24.08 -35.31 10.70
C THR B 78 -23.06 -36.34 10.21
N ASP B 79 -23.22 -36.86 8.99
CA ASP B 79 -22.31 -37.89 8.49
C ASP B 79 -21.13 -37.50 7.63
N HIS B 80 -21.10 -36.30 7.07
CA HIS B 80 -20.02 -35.98 6.20
C HIS B 80 -19.46 -34.58 6.40
N ALA B 81 -18.18 -34.43 6.16
CA ALA B 81 -17.57 -33.12 6.27
C ALA B 81 -16.57 -33.03 5.16
N VAL B 82 -16.53 -31.88 4.52
CA VAL B 82 -15.59 -31.68 3.44
C VAL B 82 -14.79 -30.42 3.69
N GLY B 83 -13.48 -30.56 3.98
CA GLY B 83 -12.65 -29.43 4.26
C GLY B 83 -12.21 -28.68 3.01
N VAL B 84 -12.28 -27.35 3.13
CA VAL B 84 -11.89 -26.49 2.05
C VAL B 84 -11.05 -25.36 2.57
N ASN B 85 -10.78 -24.41 1.69
CA ASN B 85 -9.94 -23.28 2.01
C ASN B 85 -10.55 -22.09 2.74
N SER B 86 -11.85 -21.87 2.63
CA SER B 86 -12.46 -20.73 3.30
C SER B 86 -13.95 -20.91 3.41
N GLY B 87 -14.58 -20.10 4.25
CA GLY B 87 -16.02 -20.15 4.47
C GLY B 87 -16.75 -19.69 3.22
N MET B 88 -16.08 -18.82 2.49
CA MET B 88 -16.61 -18.32 1.26
C MET B 88 -16.68 -19.47 0.24
N ASP B 89 -15.58 -20.25 0.11
CA ASP B 89 -15.54 -21.37 -0.82
C ASP B 89 -16.53 -22.47 -0.46
N ALA B 90 -16.67 -22.69 0.84
CA ALA B 90 -17.60 -23.73 1.31
C ALA B 90 -19.00 -23.41 0.79
N LEU B 91 -19.43 -22.17 1.02
CA LEU B 91 -20.73 -21.73 0.54
C LEU B 91 -20.87 -21.88 -0.98
N GLN B 92 -19.88 -21.34 -1.69
CA GLN B 92 -19.89 -21.40 -3.15
C GLN B 92 -19.95 -22.81 -3.69
N LEU B 93 -19.07 -23.67 -3.18
CA LEU B 93 -19.04 -25.05 -3.61
C LEU B 93 -20.28 -25.79 -3.21
N ALA B 94 -20.89 -25.42 -2.08
CA ALA B 94 -22.11 -26.07 -1.63
C ALA B 94 -23.22 -25.79 -2.65
N LEU B 95 -23.38 -24.53 -3.03
CA LEU B 95 -24.38 -24.15 -4.00
C LEU B 95 -24.15 -24.80 -5.38
N ARG B 96 -22.94 -24.62 -5.89
CA ARG B 96 -22.54 -25.18 -7.16
C ARG B 96 -22.86 -26.66 -7.15
N GLY B 97 -22.52 -27.31 -6.04
CA GLY B 97 -22.76 -28.74 -5.87
C GLY B 97 -24.26 -29.09 -5.81
N LEU B 98 -25.12 -28.10 -5.65
CA LEU B 98 -26.56 -28.36 -5.61
C LEU B 98 -27.20 -27.88 -6.89
N GLY B 99 -26.35 -27.68 -7.90
CA GLY B 99 -26.77 -27.24 -9.21
C GLY B 99 -27.10 -25.76 -9.29
N ILE B 100 -26.69 -25.01 -8.28
CA ILE B 100 -26.97 -23.60 -8.33
C ILE B 100 -26.11 -22.86 -9.35
N GLY B 101 -26.76 -22.00 -10.14
CA GLY B 101 -26.06 -21.25 -11.17
C GLY B 101 -26.85 -20.08 -11.74
N PRO B 102 -26.38 -19.65 -12.88
CA PRO B 102 -26.92 -18.54 -13.62
C PRO B 102 -28.41 -18.66 -13.87
N GLY B 103 -29.14 -17.57 -13.64
CA GLY B 103 -30.57 -17.59 -13.84
C GLY B 103 -31.31 -17.96 -12.57
N ASP B 104 -30.57 -18.55 -11.63
CA ASP B 104 -31.18 -18.93 -10.37
C ASP B 104 -31.13 -17.76 -9.41
N GLU B 105 -32.04 -17.81 -8.46
CA GLU B 105 -32.11 -16.81 -7.45
C GLU B 105 -31.84 -17.48 -6.10
N VAL B 106 -31.06 -16.81 -5.27
CA VAL B 106 -30.78 -17.35 -3.96
C VAL B 106 -31.10 -16.27 -2.94
N ILE B 107 -32.04 -16.59 -2.03
CA ILE B 107 -32.39 -15.63 -1.00
C ILE B 107 -31.26 -15.58 0.00
N VAL B 108 -30.71 -14.38 0.19
CA VAL B 108 -29.59 -14.17 1.11
C VAL B 108 -30.03 -13.15 2.15
N PRO B 109 -29.29 -13.05 3.26
CA PRO B 109 -29.66 -12.09 4.28
C PRO B 109 -29.26 -10.68 3.88
N SER B 110 -30.14 -9.73 4.13
CA SER B 110 -29.75 -8.39 3.79
C SER B 110 -28.72 -7.92 4.81
N HIS B 111 -28.77 -8.59 5.99
CA HIS B 111 -27.89 -8.32 7.12
C HIS B 111 -26.91 -9.48 7.36
N THR B 112 -25.68 -9.31 6.90
CA THR B 112 -24.68 -10.37 7.03
C THR B 112 -23.32 -9.91 6.50
N TYR B 113 -22.34 -10.80 6.56
CA TYR B 113 -21.05 -10.49 6.01
C TYR B 113 -21.13 -10.71 4.50
N ILE B 114 -20.61 -9.76 3.71
CA ILE B 114 -20.63 -9.81 2.25
C ILE B 114 -20.34 -11.16 1.58
N ALA B 115 -19.46 -11.97 2.18
CA ALA B 115 -19.14 -13.27 1.58
C ALA B 115 -20.39 -14.07 1.23
N SER B 116 -21.43 -13.92 2.07
CA SER B 116 -22.69 -14.60 1.89
C SER B 116 -23.21 -14.36 0.48
N TRP B 117 -23.17 -13.09 0.07
CA TRP B 117 -23.65 -12.78 -1.28
C TRP B 117 -22.67 -13.15 -2.37
N LEU B 118 -21.40 -12.82 -2.11
CA LEU B 118 -20.39 -13.08 -3.11
C LEU B 118 -20.38 -14.53 -3.56
N ALA B 119 -20.55 -15.44 -2.60
CA ALA B 119 -20.54 -16.86 -2.90
C ALA B 119 -21.60 -17.19 -3.92
N VAL B 120 -22.75 -16.54 -3.79
CA VAL B 120 -23.87 -16.75 -4.70
C VAL B 120 -23.49 -16.16 -6.03
N SER B 121 -23.07 -14.91 -5.97
CA SER B 121 -22.69 -14.23 -7.16
C SER B 121 -21.67 -15.03 -7.97
N ALA B 122 -20.77 -15.72 -7.27
CA ALA B 122 -19.73 -16.50 -7.93
C ALA B 122 -20.18 -17.65 -8.83
N THR B 123 -21.38 -18.16 -8.61
CA THR B 123 -21.93 -19.27 -9.37
C THR B 123 -22.71 -18.78 -10.56
N GLY B 124 -22.92 -17.47 -10.62
CA GLY B 124 -23.67 -16.92 -11.71
C GLY B 124 -25.09 -16.63 -11.24
N ALA B 125 -25.41 -17.21 -10.09
CA ALA B 125 -26.71 -17.03 -9.53
C ALA B 125 -26.94 -15.62 -8.99
N THR B 126 -28.19 -15.33 -8.67
CA THR B 126 -28.52 -14.01 -8.20
C THR B 126 -28.92 -13.94 -6.72
N PRO B 127 -28.15 -13.14 -5.96
CA PRO B 127 -28.47 -12.99 -4.54
C PRO B 127 -29.64 -12.04 -4.34
N VAL B 128 -30.65 -12.52 -3.59
CA VAL B 128 -31.85 -11.75 -3.29
C VAL B 128 -31.96 -11.56 -1.80
N PRO B 129 -31.64 -10.35 -1.36
CA PRO B 129 -31.64 -10.02 0.04
C PRO B 129 -32.99 -10.02 0.69
N VAL B 130 -33.00 -10.55 1.91
CA VAL B 130 -34.18 -10.60 2.75
C VAL B 130 -33.82 -10.09 4.15
N GLU B 131 -34.62 -9.17 4.69
CA GLU B 131 -34.40 -8.58 6.02
C GLU B 131 -34.44 -9.53 7.22
N PRO B 132 -33.81 -9.10 8.28
CA PRO B 132 -33.80 -9.92 9.48
C PRO B 132 -35.07 -9.73 10.30
N HIS B 133 -35.34 -10.72 11.13
CA HIS B 133 -36.49 -10.68 12.03
C HIS B 133 -36.36 -9.41 12.85
N GLU B 134 -37.47 -8.84 13.31
CA GLU B 134 -37.46 -7.60 14.06
C GLU B 134 -36.74 -7.67 15.40
N ASP B 135 -36.53 -8.89 15.89
CA ASP B 135 -35.93 -9.10 17.18
C ASP B 135 -34.58 -9.83 17.21
N HIS B 136 -34.31 -10.56 16.14
CA HIS B 136 -33.11 -11.38 16.02
C HIS B 136 -32.38 -11.07 14.73
N PRO B 137 -31.06 -11.11 14.74
CA PRO B 137 -30.29 -10.78 13.54
C PRO B 137 -30.37 -11.82 12.42
N THR B 138 -31.40 -12.67 12.42
CA THR B 138 -31.49 -13.69 11.38
C THR B 138 -32.66 -13.49 10.40
N LEU B 139 -32.56 -14.16 9.23
CA LEU B 139 -33.59 -14.04 8.22
C LEU B 139 -35.02 -14.13 8.79
N ASP B 140 -35.83 -13.18 8.38
CA ASP B 140 -37.19 -13.19 8.81
C ASP B 140 -37.96 -14.10 7.84
N PRO B 141 -38.44 -15.23 8.33
CA PRO B 141 -39.13 -16.21 7.52
C PRO B 141 -40.34 -15.75 6.74
N LEU B 142 -41.06 -14.81 7.30
CA LEU B 142 -42.25 -14.29 6.65
C LEU B 142 -41.84 -13.39 5.49
N LEU B 143 -40.71 -12.75 5.69
CA LEU B 143 -40.21 -11.89 4.66
C LEU B 143 -39.63 -12.76 3.59
N VAL B 144 -39.08 -13.85 4.05
CA VAL B 144 -38.49 -14.82 3.15
C VAL B 144 -39.55 -15.29 2.16
N GLU B 145 -40.62 -15.82 2.70
CA GLU B 145 -41.70 -16.27 1.88
C GLU B 145 -42.04 -15.25 0.81
N LYS B 146 -42.25 -14.01 1.23
CA LYS B 146 -42.60 -12.96 0.28
C LYS B 146 -41.53 -12.65 -0.77
N ALA B 147 -40.35 -13.25 -0.64
CA ALA B 147 -39.34 -12.91 -1.59
C ALA B 147 -39.14 -14.01 -2.58
N ILE B 148 -39.71 -15.13 -2.23
CA ILE B 148 -39.58 -16.24 -3.10
C ILE B 148 -40.25 -16.00 -4.45
N THR B 149 -39.51 -16.29 -5.52
CA THR B 149 -40.06 -16.16 -6.86
C THR B 149 -39.87 -17.48 -7.61
N PRO B 150 -40.39 -17.57 -8.83
CA PRO B 150 -40.25 -18.81 -9.59
C PRO B 150 -38.79 -19.12 -9.91
N ARG B 151 -37.92 -18.14 -9.74
CA ARG B 151 -36.53 -18.39 -10.02
C ARG B 151 -35.74 -18.78 -8.78
N THR B 152 -36.38 -18.72 -7.60
CA THR B 152 -35.73 -19.10 -6.35
C THR B 152 -35.37 -20.58 -6.32
N ARG B 153 -34.13 -20.92 -5.91
CA ARG B 153 -33.70 -22.32 -5.83
C ARG B 153 -33.12 -22.71 -4.49
N ALA B 154 -32.81 -21.71 -3.67
CA ALA B 154 -32.23 -22.01 -2.38
C ALA B 154 -32.29 -20.80 -1.48
N LEU B 155 -32.28 -21.08 -0.19
CA LEU B 155 -32.29 -20.02 0.81
C LEU B 155 -30.93 -20.07 1.47
N LEU B 156 -30.39 -18.92 1.84
CA LEU B 156 -29.07 -18.87 2.48
C LEU B 156 -29.11 -18.05 3.77
N PRO B 157 -29.65 -18.69 4.82
CA PRO B 157 -29.76 -18.08 6.13
C PRO B 157 -28.37 -18.02 6.78
N VAL B 158 -28.06 -16.94 7.49
CA VAL B 158 -26.77 -16.82 8.16
C VAL B 158 -27.05 -16.87 9.65
N HIS B 159 -26.39 -17.77 10.38
CA HIS B 159 -26.60 -17.80 11.81
C HIS B 159 -25.64 -16.76 12.38
N LEU B 160 -26.02 -15.52 12.12
CA LEU B 160 -25.23 -14.35 12.48
C LEU B 160 -24.87 -14.20 13.95
N TYR B 161 -23.58 -13.91 14.20
CA TYR B 161 -23.00 -13.67 15.52
C TYR B 161 -23.04 -14.86 16.46
N GLY B 162 -23.37 -16.02 15.90
CA GLY B 162 -23.44 -17.22 16.70
C GLY B 162 -24.86 -17.57 17.10
N HIS B 163 -25.84 -16.84 16.54
CA HIS B 163 -27.28 -17.07 16.81
C HIS B 163 -27.95 -17.87 15.70
N PRO B 164 -28.59 -19.00 16.03
CA PRO B 164 -29.21 -19.78 14.99
C PRO B 164 -30.47 -19.18 14.43
N ALA B 165 -30.59 -19.30 13.10
CA ALA B 165 -31.77 -18.83 12.37
C ALA B 165 -32.91 -19.78 12.69
N ASP B 166 -34.15 -19.32 12.50
CA ASP B 166 -35.30 -20.16 12.78
C ASP B 166 -35.36 -21.30 11.77
N MET B 167 -34.56 -22.32 11.99
CA MET B 167 -34.51 -23.41 11.08
C MET B 167 -35.82 -24.15 10.81
N ASP B 168 -36.69 -24.34 11.80
CA ASP B 168 -37.90 -25.06 11.45
C ASP B 168 -38.74 -24.34 10.41
N ALA B 169 -38.87 -23.03 10.58
CA ALA B 169 -39.62 -22.25 9.65
C ALA B 169 -38.98 -22.22 8.27
N LEU B 170 -37.65 -22.17 8.23
CA LEU B 170 -37.00 -22.12 6.95
C LEU B 170 -37.17 -23.40 6.18
N ARG B 171 -37.09 -24.49 6.93
CA ARG B 171 -37.23 -25.79 6.33
C ARG B 171 -38.61 -26.04 5.79
N GLU B 172 -39.62 -25.61 6.55
CA GLU B 172 -40.97 -25.81 6.10
C GLU B 172 -41.13 -25.14 4.74
N LEU B 173 -40.69 -23.88 4.69
CA LEU B 173 -40.74 -23.06 3.51
C LEU B 173 -40.05 -23.71 2.31
N ALA B 174 -38.82 -24.10 2.55
CA ALA B 174 -38.00 -24.73 1.53
C ALA B 174 -38.65 -25.98 0.98
N ASP B 175 -39.23 -26.78 1.88
CA ASP B 175 -39.88 -27.99 1.46
C ASP B 175 -41.03 -27.61 0.56
N ARG B 176 -41.93 -26.85 1.17
CA ARG B 176 -43.12 -26.38 0.50
C ARG B 176 -42.84 -25.72 -0.84
N HIS B 177 -41.68 -25.11 -0.99
CA HIS B 177 -41.36 -24.47 -2.24
C HIS B 177 -40.28 -25.20 -3.06
N GLY B 178 -39.84 -26.37 -2.60
CA GLY B 178 -38.82 -27.10 -3.34
C GLY B 178 -37.47 -26.39 -3.45
N LEU B 179 -37.02 -25.85 -2.32
CA LEU B 179 -35.73 -25.16 -2.29
C LEU B 179 -34.70 -25.89 -1.44
N HIS B 180 -33.45 -25.61 -1.74
CA HIS B 180 -32.36 -26.20 -0.98
C HIS B 180 -32.07 -25.18 0.12
N ILE B 181 -31.34 -25.58 1.16
CA ILE B 181 -30.95 -24.66 2.24
C ILE B 181 -29.48 -24.77 2.56
N VAL B 182 -28.74 -23.71 2.27
CA VAL B 182 -27.31 -23.70 2.53
C VAL B 182 -27.07 -22.74 3.66
N GLU B 183 -26.66 -23.25 4.80
CA GLU B 183 -26.45 -22.37 5.91
C GLU B 183 -25.07 -21.76 6.00
N ASP B 184 -25.03 -20.46 6.31
CA ASP B 184 -23.77 -19.79 6.51
C ASP B 184 -23.55 -19.88 8.00
N ALA B 185 -22.78 -20.89 8.40
CA ALA B 185 -22.54 -21.08 9.81
C ALA B 185 -21.16 -20.66 10.28
N ALA B 186 -20.53 -19.82 9.46
CA ALA B 186 -19.19 -19.33 9.74
C ALA B 186 -19.02 -18.68 11.12
N GLN B 187 -20.13 -18.22 11.68
CA GLN B 187 -20.13 -17.58 12.98
C GLN B 187 -20.87 -18.38 14.03
N ALA B 188 -21.16 -19.66 13.74
CA ALA B 188 -21.90 -20.45 14.72
C ALA B 188 -21.41 -21.84 15.01
N HIS B 189 -20.11 -22.09 15.05
CA HIS B 189 -19.63 -23.43 15.34
C HIS B 189 -20.17 -23.98 16.67
N GLY B 190 -20.77 -25.19 16.64
CA GLY B 190 -21.27 -25.82 17.86
C GLY B 190 -22.56 -25.30 18.46
N ALA B 191 -23.17 -24.32 17.82
CA ALA B 191 -24.41 -23.77 18.31
C ALA B 191 -25.52 -24.76 18.08
N ARG B 192 -26.55 -24.72 18.92
CA ARG B 192 -27.65 -25.63 18.76
C ARG B 192 -28.98 -24.96 18.43
N TYR B 193 -29.79 -25.65 17.62
CA TYR B 193 -31.10 -25.12 17.28
C TYR B 193 -32.08 -26.15 17.77
N ARG B 194 -32.93 -25.79 18.71
CA ARG B 194 -33.86 -26.78 19.23
C ARG B 194 -33.10 -28.04 19.62
N GLY B 195 -31.94 -27.87 20.25
CA GLY B 195 -31.16 -29.01 20.72
C GLY B 195 -30.28 -29.75 19.73
N ARG B 196 -30.40 -29.43 18.44
CA ARG B 196 -29.57 -30.07 17.45
C ARG B 196 -28.51 -29.09 17.00
N ARG B 197 -27.29 -29.60 16.84
CA ARG B 197 -26.23 -28.74 16.40
C ARG B 197 -26.50 -28.14 15.04
N ILE B 198 -25.84 -27.03 14.79
CA ILE B 198 -25.97 -26.43 13.50
C ILE B 198 -25.11 -27.34 12.61
N GLY B 199 -25.72 -27.81 11.51
CA GLY B 199 -25.07 -28.72 10.57
C GLY B 199 -25.55 -30.19 10.72
N ALA B 200 -26.43 -30.46 11.68
CA ALA B 200 -26.94 -31.81 11.93
C ALA B 200 -27.87 -32.34 10.85
N GLY B 201 -27.89 -33.68 10.77
CA GLY B 201 -28.73 -34.40 9.84
C GLY B 201 -28.61 -34.08 8.37
N SER B 202 -29.76 -33.81 7.79
CA SER B 202 -29.82 -33.52 6.39
C SER B 202 -29.43 -32.09 6.05
N SER B 203 -28.92 -31.34 7.04
CA SER B 203 -28.50 -29.98 6.76
C SER B 203 -27.31 -29.97 5.79
N VAL B 204 -27.09 -28.78 5.26
CA VAL B 204 -25.98 -28.43 4.39
C VAL B 204 -25.49 -27.10 4.92
N ALA B 205 -24.39 -27.15 5.68
CA ALA B 205 -23.85 -25.93 6.30
C ALA B 205 -22.38 -25.69 6.00
N ALA B 206 -22.09 -24.41 5.74
CA ALA B 206 -20.75 -23.96 5.44
C ALA B 206 -20.12 -23.33 6.69
N PHE B 207 -18.85 -23.64 6.93
CA PHE B 207 -18.16 -23.08 8.08
C PHE B 207 -16.85 -22.47 7.68
N SER B 208 -16.42 -21.51 8.47
CA SER B 208 -15.14 -20.87 8.22
C SER B 208 -14.18 -21.27 9.31
N PHE B 209 -12.90 -21.40 8.99
CA PHE B 209 -11.87 -21.74 9.95
C PHE B 209 -10.85 -20.61 10.07
N TYR B 210 -11.26 -19.45 9.55
CA TYR B 210 -10.48 -18.22 9.60
C TYR B 210 -10.03 -18.05 11.08
N PRO B 211 -8.77 -17.71 11.30
CA PRO B 211 -8.24 -17.62 12.66
C PRO B 211 -9.09 -17.03 13.76
N GLY B 212 -9.83 -15.95 13.39
CA GLY B 212 -10.70 -15.20 14.29
C GLY B 212 -12.09 -15.82 14.50
N LYS B 213 -12.42 -16.87 13.74
CA LYS B 213 -13.72 -17.54 13.92
C LYS B 213 -13.75 -18.28 15.26
N ASN B 214 -14.94 -18.72 15.73
CA ASN B 214 -15.03 -19.44 17.01
C ASN B 214 -14.14 -20.68 17.07
N LEU B 215 -13.93 -21.28 15.91
CA LEU B 215 -13.06 -22.43 15.73
C LEU B 215 -12.13 -21.99 14.62
N GLY B 216 -10.90 -21.61 14.96
CA GLY B 216 -9.96 -21.11 13.97
C GLY B 216 -8.64 -21.86 13.97
N CYS B 217 -7.86 -21.62 12.92
CA CYS B 217 -6.58 -22.27 12.76
C CYS B 217 -5.52 -21.20 12.62
N PHE B 218 -4.44 -21.48 11.88
CA PHE B 218 -3.37 -20.51 11.71
C PHE B 218 -3.28 -20.02 10.27
N GLY B 219 -4.43 -19.89 9.64
CA GLY B 219 -4.50 -19.44 8.27
C GLY B 219 -5.93 -19.61 7.80
N ASP B 220 -6.12 -19.58 6.49
CA ASP B 220 -7.46 -19.75 5.96
C ASP B 220 -7.87 -21.20 5.92
N GLY B 221 -9.17 -21.42 6.19
CA GLY B 221 -9.75 -22.75 6.14
C GLY B 221 -11.26 -22.72 6.18
N GLY B 222 -11.89 -23.82 5.80
CA GLY B 222 -13.34 -23.90 5.81
C GLY B 222 -13.82 -25.34 5.62
N ALA B 223 -15.14 -25.52 5.68
CA ALA B 223 -15.73 -26.83 5.48
C ALA B 223 -17.22 -26.78 5.23
N VAL B 224 -17.65 -27.83 4.55
CA VAL B 224 -19.07 -28.03 4.30
C VAL B 224 -19.46 -29.31 5.02
N VAL B 225 -20.52 -29.25 5.83
CA VAL B 225 -20.96 -30.45 6.50
C VAL B 225 -22.33 -30.80 5.91
N THR B 226 -22.61 -32.09 5.73
CA THR B 226 -23.87 -32.50 5.15
C THR B 226 -24.15 -33.96 5.46
N GLY B 227 -25.43 -34.32 5.36
CA GLY B 227 -25.84 -35.71 5.58
C GLY B 227 -25.82 -36.50 4.24
N ASP B 228 -25.81 -35.73 3.15
CA ASP B 228 -25.81 -36.18 1.76
C ASP B 228 -24.44 -36.62 1.26
N PRO B 229 -24.31 -37.94 1.13
CA PRO B 229 -23.09 -38.59 0.66
C PRO B 229 -22.73 -38.23 -0.78
N GLU B 230 -23.74 -37.89 -1.56
CA GLU B 230 -23.56 -37.53 -2.94
C GLU B 230 -23.07 -36.12 -3.06
N LEU B 231 -23.72 -35.26 -2.29
CA LEU B 231 -23.28 -33.89 -2.33
C LEU B 231 -21.83 -33.86 -1.83
N ALA B 232 -21.60 -34.63 -0.77
CA ALA B 232 -20.26 -34.73 -0.20
C ALA B 232 -19.21 -35.09 -1.25
N GLU B 233 -19.55 -36.08 -2.10
CA GLU B 233 -18.62 -36.52 -3.12
C GLU B 233 -18.40 -35.50 -4.22
N ARG B 234 -19.46 -34.78 -4.53
CA ARG B 234 -19.28 -33.77 -5.55
C ARG B 234 -18.31 -32.71 -5.05
N LEU B 235 -18.43 -32.45 -3.75
CA LEU B 235 -17.61 -31.44 -3.11
C LEU B 235 -16.13 -31.82 -3.13
N ARG B 236 -15.88 -33.10 -2.90
CA ARG B 236 -14.55 -33.64 -2.88
C ARG B 236 -13.95 -33.52 -4.26
N MET B 237 -14.81 -33.65 -5.25
CA MET B 237 -14.26 -33.50 -6.58
C MET B 237 -14.04 -32.01 -6.87
N LEU B 238 -15.08 -31.24 -6.57
CA LEU B 238 -15.07 -29.82 -6.80
C LEU B 238 -13.83 -29.11 -6.26
N ARG B 239 -13.51 -29.41 -5.01
CA ARG B 239 -12.38 -28.78 -4.33
C ARG B 239 -11.03 -29.27 -4.80
N ASN B 240 -11.05 -30.31 -5.62
CA ASN B 240 -9.81 -30.89 -6.07
C ASN B 240 -9.71 -31.06 -7.57
N TYR B 241 -9.88 -29.96 -8.29
CA TYR B 241 -9.76 -30.03 -9.73
C TYR B 241 -10.70 -31.02 -10.42
N GLY B 242 -11.89 -31.21 -9.86
CA GLY B 242 -12.89 -32.11 -10.42
C GLY B 242 -12.43 -33.55 -10.47
N SER B 243 -11.47 -33.92 -9.61
CA SER B 243 -10.97 -35.29 -9.67
C SER B 243 -11.04 -36.11 -8.39
N ARG B 244 -11.18 -37.42 -8.60
CA ARG B 244 -11.19 -38.39 -7.51
C ARG B 244 -9.97 -39.27 -7.67
N GLN B 245 -9.47 -39.24 -8.89
CA GLN B 245 -8.30 -39.98 -9.30
C GLN B 245 -7.29 -39.01 -9.89
N LYS B 246 -6.03 -39.19 -9.55
CA LYS B 246 -4.96 -38.32 -10.02
C LYS B 246 -5.02 -38.03 -11.49
N TYR B 247 -5.12 -36.74 -11.84
CA TYR B 247 -5.13 -36.40 -13.24
C TYR B 247 -6.37 -36.89 -14.02
N SER B 248 -7.45 -37.18 -13.30
CA SER B 248 -8.74 -37.58 -13.86
C SER B 248 -9.79 -36.48 -13.56
N HIS B 249 -9.89 -35.53 -14.46
CA HIS B 249 -10.78 -34.39 -14.38
C HIS B 249 -12.13 -34.61 -15.03
N GLU B 250 -12.99 -35.24 -14.26
CA GLU B 250 -14.33 -35.57 -14.70
C GLU B 250 -15.23 -34.37 -14.84
N THR B 251 -14.96 -33.38 -14.01
CA THR B 251 -15.78 -32.19 -14.06
C THR B 251 -14.91 -30.96 -13.82
N LYS B 252 -15.43 -29.77 -14.14
CA LYS B 252 -14.66 -28.57 -13.89
C LYS B 252 -14.58 -28.34 -12.39
N GLY B 253 -13.39 -28.13 -11.91
CA GLY B 253 -13.22 -27.91 -10.50
C GLY B 253 -12.22 -26.78 -10.23
N THR B 254 -11.95 -26.60 -8.95
CA THR B 254 -11.02 -25.60 -8.50
C THR B 254 -10.08 -26.25 -7.49
N ASN B 255 -9.37 -25.38 -6.79
CA ASN B 255 -8.46 -25.83 -5.77
C ASN B 255 -8.92 -25.13 -4.51
N SER B 256 -9.50 -25.85 -3.59
CA SER B 256 -9.94 -25.23 -2.35
C SER B 256 -9.84 -26.31 -1.31
N ARG B 257 -8.64 -26.43 -0.76
CA ARG B 257 -8.40 -27.47 0.22
C ARG B 257 -8.00 -26.93 1.58
N LEU B 258 -8.17 -27.81 2.58
CA LEU B 258 -7.82 -27.50 3.94
C LEU B 258 -6.50 -28.18 4.24
N ASP B 259 -5.45 -27.40 4.50
CA ASP B 259 -4.14 -27.96 4.77
C ASP B 259 -4.10 -28.94 5.95
N GLU B 260 -3.30 -29.99 5.79
CA GLU B 260 -3.11 -31.00 6.82
C GLU B 260 -2.73 -30.27 8.11
N MET B 261 -1.70 -29.43 7.97
CA MET B 261 -1.17 -28.63 9.06
C MET B 261 -2.26 -27.91 9.81
N GLN B 262 -3.22 -27.34 9.05
CA GLN B 262 -4.32 -26.61 9.65
C GLN B 262 -5.33 -27.58 10.22
N ALA B 263 -5.53 -28.66 9.51
CA ALA B 263 -6.46 -29.67 10.01
C ALA B 263 -6.00 -30.21 11.37
N ALA B 264 -4.69 -30.48 11.50
CA ALA B 264 -4.08 -30.98 12.74
C ALA B 264 -4.45 -30.12 13.95
N VAL B 265 -4.24 -28.82 13.82
CA VAL B 265 -4.56 -27.86 14.87
C VAL B 265 -6.04 -27.86 15.15
N LEU B 266 -6.81 -27.85 14.07
CA LEU B 266 -8.26 -27.83 14.19
C LEU B 266 -8.76 -28.98 15.02
N ARG B 267 -8.10 -30.13 14.85
CA ARG B 267 -8.51 -31.28 15.62
C ARG B 267 -8.35 -30.99 17.11
N ILE B 268 -7.26 -30.33 17.48
CA ILE B 268 -7.04 -30.00 18.89
C ILE B 268 -8.12 -29.04 19.39
N ARG B 269 -8.24 -27.94 18.67
CA ARG B 269 -9.18 -26.91 19.00
C ARG B 269 -10.63 -27.41 19.10
N LEU B 270 -11.00 -28.31 18.18
CA LEU B 270 -12.38 -28.82 18.21
C LEU B 270 -12.69 -29.45 19.55
N ALA B 271 -11.70 -30.14 20.07
CA ALA B 271 -11.81 -30.82 21.33
C ALA B 271 -12.11 -29.85 22.44
N HIS B 272 -11.73 -28.59 22.23
CA HIS B 272 -11.98 -27.58 23.26
C HIS B 272 -13.10 -26.63 22.93
N LEU B 273 -13.73 -26.83 21.79
CA LEU B 273 -14.79 -25.95 21.34
C LEU B 273 -15.93 -25.72 22.30
N ASP B 274 -16.56 -26.77 22.83
CA ASP B 274 -17.66 -26.52 23.79
C ASP B 274 -17.25 -25.75 25.04
N SER B 275 -16.04 -26.03 25.53
CA SER B 275 -15.52 -25.35 26.70
C SER B 275 -15.26 -23.90 26.35
N TRP B 276 -14.60 -23.69 25.21
CA TRP B 276 -14.33 -22.34 24.80
C TRP B 276 -15.61 -21.57 24.60
N ASN B 277 -16.55 -22.22 23.92
CA ASN B 277 -17.84 -21.62 23.66
C ASN B 277 -18.55 -21.26 24.97
N GLY B 278 -18.43 -22.15 25.97
CA GLY B 278 -19.07 -21.90 27.24
C GLY B 278 -18.52 -20.65 27.89
N ARG B 279 -17.25 -20.35 27.64
CA ARG B 279 -16.67 -19.16 28.24
C ARG B 279 -17.31 -17.91 27.67
N ARG B 280 -17.62 -17.95 26.38
CA ARG B 280 -18.24 -16.80 25.75
C ARG B 280 -19.64 -16.62 26.30
N SER B 281 -20.36 -17.73 26.44
CA SER B 281 -21.71 -17.67 26.95
C SER B 281 -21.74 -17.01 28.31
N ALA B 282 -20.76 -17.35 29.14
CA ALA B 282 -20.71 -16.72 30.44
C ALA B 282 -20.55 -15.23 30.28
N LEU B 283 -19.55 -14.87 29.49
CA LEU B 283 -19.29 -13.46 29.25
C LEU B 283 -20.55 -12.75 28.76
N ALA B 284 -21.24 -13.40 27.82
CA ALA B 284 -22.48 -12.87 27.26
C ALA B 284 -23.52 -12.65 28.37
N ALA B 285 -23.57 -13.58 29.32
CA ALA B 285 -24.52 -13.48 30.42
C ALA B 285 -24.15 -12.30 31.30
N GLU B 286 -22.85 -12.08 31.40
CA GLU B 286 -22.34 -10.98 32.18
C GLU B 286 -22.78 -9.68 31.55
N TYR B 287 -22.53 -9.56 30.24
CA TYR B 287 -22.89 -8.36 29.50
C TYR B 287 -24.37 -8.08 29.57
N LEU B 288 -25.15 -9.12 29.36
CA LEU B 288 -26.58 -8.93 29.38
C LEU B 288 -27.08 -8.37 30.70
N SER B 289 -26.58 -8.92 31.78
CA SER B 289 -27.07 -8.42 33.05
C SER B 289 -26.53 -7.05 33.38
N GLY B 290 -25.21 -6.92 33.26
CA GLY B 290 -24.51 -5.67 33.53
C GLY B 290 -24.90 -4.49 32.64
N LEU B 291 -25.51 -4.74 31.47
CA LEU B 291 -25.90 -3.65 30.58
C LEU B 291 -27.40 -3.55 30.50
N ALA B 292 -28.03 -4.34 31.36
CA ALA B 292 -29.46 -4.34 31.41
C ALA B 292 -29.93 -2.97 31.89
N GLY B 293 -31.09 -2.55 31.39
CA GLY B 293 -31.69 -1.28 31.76
C GLY B 293 -31.18 -0.08 30.97
N LEU B 294 -29.86 0.03 30.79
CA LEU B 294 -29.29 1.15 30.07
C LEU B 294 -30.19 1.75 29.00
N PRO B 295 -30.52 3.00 29.21
CA PRO B 295 -31.34 3.69 28.26
C PRO B 295 -30.54 3.94 26.99
N GLY B 296 -31.15 3.72 25.83
CA GLY B 296 -30.44 3.96 24.57
C GLY B 296 -29.49 2.86 24.08
N ILE B 297 -29.35 1.81 24.85
CA ILE B 297 -28.48 0.71 24.51
C ILE B 297 -29.26 -0.57 24.30
N GLY B 298 -29.41 -0.99 23.04
CA GLY B 298 -30.15 -2.21 22.74
C GLY B 298 -29.27 -3.44 22.79
N LEU B 299 -29.76 -4.46 23.47
CA LEU B 299 -29.06 -5.71 23.64
C LEU B 299 -29.65 -6.84 22.82
N PRO B 300 -28.83 -7.86 22.68
CA PRO B 300 -29.22 -9.01 21.93
C PRO B 300 -30.27 -9.82 22.67
N VAL B 301 -31.31 -10.23 21.92
CA VAL B 301 -32.44 -11.02 22.41
C VAL B 301 -32.38 -12.42 21.87
N THR B 302 -31.80 -13.31 22.64
CA THR B 302 -31.69 -14.68 22.20
C THR B 302 -33.02 -15.35 21.91
N ALA B 303 -33.08 -15.97 20.74
CA ALA B 303 -34.29 -16.66 20.39
C ALA B 303 -34.39 -17.88 21.28
N PRO B 304 -35.63 -18.29 21.52
CA PRO B 304 -35.88 -19.43 22.36
C PRO B 304 -35.52 -20.73 21.63
N ASP B 305 -35.28 -21.76 22.42
CA ASP B 305 -34.94 -23.05 21.86
C ASP B 305 -33.65 -22.94 21.11
N THR B 306 -32.71 -22.14 21.63
CA THR B 306 -31.44 -22.02 20.93
C THR B 306 -30.29 -21.87 21.88
N ASP B 307 -29.17 -22.46 21.47
CA ASP B 307 -27.91 -22.37 22.19
C ASP B 307 -26.90 -21.65 21.30
N PRO B 308 -26.93 -20.30 21.34
CA PRO B 308 -26.03 -19.45 20.56
C PRO B 308 -24.61 -19.65 21.04
N VAL B 309 -23.62 -19.31 20.19
CA VAL B 309 -22.22 -19.48 20.56
C VAL B 309 -21.42 -18.16 20.64
N TRP B 310 -22.16 -17.07 20.72
CA TRP B 310 -21.62 -15.74 20.88
C TRP B 310 -20.34 -15.44 20.16
N HIS B 311 -20.35 -15.61 18.85
CA HIS B 311 -19.16 -15.31 18.10
C HIS B 311 -18.82 -13.83 18.29
N LEU B 312 -19.88 -13.02 18.40
CA LEU B 312 -19.78 -11.59 18.61
C LEU B 312 -20.85 -11.16 19.58
N PHE B 313 -20.48 -10.25 20.49
CA PHE B 313 -21.41 -9.67 21.47
C PHE B 313 -21.76 -8.28 20.97
N THR B 314 -22.94 -8.13 20.39
CA THR B 314 -23.34 -6.85 19.81
C THR B 314 -24.30 -5.98 20.62
N VAL B 315 -24.15 -4.66 20.46
CA VAL B 315 -25.01 -3.67 21.11
C VAL B 315 -25.47 -2.68 20.06
N ARG B 316 -26.60 -2.02 20.27
CA ARG B 316 -27.03 -1.08 19.28
C ARG B 316 -27.36 0.29 19.89
N THR B 317 -27.00 1.35 19.17
CA THR B 317 -27.29 2.66 19.70
C THR B 317 -27.17 3.77 18.67
N GLU B 318 -27.83 4.87 18.95
CA GLU B 318 -27.71 6.02 18.09
C GLU B 318 -26.44 6.63 18.69
N ARG B 319 -25.56 7.19 17.88
CA ARG B 319 -24.32 7.75 18.41
C ARG B 319 -23.35 6.65 18.76
N ARG B 320 -23.39 5.65 17.90
CA ARG B 320 -22.56 4.48 18.00
C ARG B 320 -21.09 4.95 17.95
N ASP B 321 -20.85 5.87 17.02
CA ASP B 321 -19.52 6.42 16.83
C ASP B 321 -18.94 7.03 18.10
N GLU B 322 -19.80 7.73 18.80
CA GLU B 322 -19.41 8.35 20.05
C GLU B 322 -19.17 7.33 21.13
N LEU B 323 -19.94 6.26 21.06
CA LEU B 323 -19.73 5.24 22.05
C LEU B 323 -18.37 4.56 21.81
N ARG B 324 -18.08 4.26 20.55
CA ARG B 324 -16.81 3.63 20.21
C ARG B 324 -15.63 4.50 20.69
N SER B 325 -15.66 5.80 20.38
CA SER B 325 -14.58 6.69 20.81
C SER B 325 -14.43 6.67 22.31
N HIS B 326 -15.58 6.71 22.96
CA HIS B 326 -15.58 6.71 24.38
C HIS B 326 -14.85 5.49 24.88
N LEU B 327 -15.22 4.33 24.33
CA LEU B 327 -14.56 3.11 24.77
C LEU B 327 -13.09 3.12 24.41
N ASP B 328 -12.82 3.63 23.21
CA ASP B 328 -11.45 3.70 22.75
C ASP B 328 -10.64 4.47 23.76
N ALA B 329 -11.17 5.66 24.06
CA ALA B 329 -10.56 6.55 25.02
C ALA B 329 -10.37 5.86 26.35
N ARG B 330 -11.27 4.90 26.66
CA ARG B 330 -11.22 4.15 27.89
C ARG B 330 -10.35 2.91 27.84
N GLY B 331 -9.60 2.79 26.75
CA GLY B 331 -8.69 1.67 26.57
C GLY B 331 -9.37 0.36 26.27
N ILE B 332 -10.47 0.48 25.55
CA ILE B 332 -11.25 -0.66 25.16
C ILE B 332 -11.34 -0.78 23.65
N ASP B 333 -10.95 -1.95 23.15
CA ASP B 333 -10.95 -2.26 21.72
C ASP B 333 -12.31 -2.76 21.24
N THR B 334 -12.81 -2.08 20.23
CA THR B 334 -14.10 -2.40 19.68
C THR B 334 -14.06 -2.53 18.16
N LEU B 335 -15.13 -3.06 17.57
CA LEU B 335 -15.24 -3.23 16.12
C LEU B 335 -16.71 -3.20 15.77
N THR B 336 -16.99 -2.87 14.52
CA THR B 336 -18.34 -2.83 14.02
C THR B 336 -18.58 -3.88 12.95
N HIS B 337 -19.53 -4.80 13.20
CA HIS B 337 -19.90 -5.84 12.25
C HIS B 337 -21.36 -5.64 11.86
N TYR B 338 -21.63 -4.93 10.77
CA TYR B 338 -20.67 -4.32 9.87
C TYR B 338 -21.07 -2.88 9.59
N PRO B 339 -20.06 -2.06 9.31
CA PRO B 339 -20.17 -0.64 9.02
C PRO B 339 -21.02 -0.27 7.78
N VAL B 340 -21.01 -1.10 6.78
CA VAL B 340 -21.84 -0.78 5.62
C VAL B 340 -22.71 -1.97 5.26
N PRO B 341 -24.01 -1.79 5.07
CA PRO B 341 -24.87 -2.92 4.70
C PRO B 341 -24.46 -3.45 3.31
N VAL B 342 -24.47 -4.76 3.12
CA VAL B 342 -24.08 -5.29 1.83
C VAL B 342 -24.66 -4.55 0.65
N HIS B 343 -25.98 -4.41 0.64
CA HIS B 343 -26.62 -3.73 -0.48
C HIS B 343 -25.96 -2.40 -0.86
N LEU B 344 -25.48 -1.67 0.15
CA LEU B 344 -24.87 -0.38 -0.07
C LEU B 344 -23.37 -0.40 -0.35
N SER B 345 -22.74 -1.58 -0.40
CA SER B 345 -21.32 -1.58 -0.67
C SER B 345 -21.09 -1.29 -2.14
N PRO B 346 -20.01 -0.57 -2.44
CA PRO B 346 -19.70 -0.27 -3.81
C PRO B 346 -19.70 -1.56 -4.61
N ALA B 347 -19.23 -2.61 -3.99
CA ALA B 347 -19.20 -3.90 -4.64
C ALA B 347 -20.54 -4.35 -5.27
N TYR B 348 -21.67 -3.99 -4.64
CA TYR B 348 -22.98 -4.41 -5.13
C TYR B 348 -23.90 -3.26 -5.46
N ALA B 349 -23.43 -2.06 -5.14
CA ALA B 349 -24.19 -0.85 -5.34
C ALA B 349 -25.17 -0.85 -6.52
N GLY B 350 -24.62 -0.81 -7.72
CA GLY B 350 -25.45 -0.79 -8.92
C GLY B 350 -26.30 -2.04 -9.15
N GLU B 351 -26.36 -2.92 -8.16
CA GLU B 351 -27.15 -4.09 -8.43
C GLU B 351 -28.18 -4.47 -7.38
N ALA B 352 -28.03 -3.98 -6.16
CA ALA B 352 -28.97 -4.30 -5.10
C ALA B 352 -30.03 -3.21 -4.84
N PRO B 353 -31.00 -3.54 -3.97
CA PRO B 353 -32.04 -2.60 -3.60
C PRO B 353 -31.46 -1.25 -3.19
N PRO B 354 -32.17 -0.18 -3.51
CA PRO B 354 -31.69 1.14 -3.20
C PRO B 354 -31.71 1.43 -1.73
N GLU B 355 -30.93 2.41 -1.38
CA GLU B 355 -30.88 2.81 0.00
C GLU B 355 -32.29 3.13 0.46
N GLY B 356 -32.61 2.70 1.68
CA GLY B 356 -33.92 2.91 2.26
C GLY B 356 -34.85 1.73 1.97
N SER B 357 -34.43 0.89 1.04
CA SER B 357 -35.28 -0.23 0.73
C SER B 357 -35.03 -1.43 1.62
N LEU B 358 -33.96 -1.35 2.45
CA LEU B 358 -33.56 -2.40 3.39
C LEU B 358 -33.15 -1.79 4.73
N PRO B 359 -34.09 -1.05 5.28
CA PRO B 359 -34.01 -0.31 6.53
C PRO B 359 -33.37 -1.05 7.70
N ARG B 360 -33.77 -2.29 7.94
CA ARG B 360 -33.20 -3.03 9.04
C ARG B 360 -31.67 -3.23 8.92
N ALA B 361 -31.23 -3.70 7.76
CA ALA B 361 -29.80 -3.89 7.57
C ALA B 361 -29.10 -2.56 7.72
N GLU B 362 -29.79 -1.53 7.21
CA GLU B 362 -29.32 -0.15 7.25
C GLU B 362 -29.20 0.36 8.68
N SER B 363 -30.22 0.07 9.46
CA SER B 363 -30.21 0.51 10.84
C SER B 363 -29.08 -0.16 11.61
N PHE B 364 -28.93 -1.43 11.33
CA PHE B 364 -27.90 -2.20 11.97
C PHE B 364 -26.55 -1.57 11.73
N ALA B 365 -26.29 -1.28 10.44
CA ALA B 365 -25.01 -0.68 10.06
C ALA B 365 -24.67 0.60 10.80
N ARG B 366 -25.69 1.42 11.09
CA ARG B 366 -25.49 2.70 11.77
C ARG B 366 -25.40 2.62 13.26
N GLN B 367 -26.07 1.64 13.84
CA GLN B 367 -26.06 1.60 15.29
C GLN B 367 -25.27 0.53 15.98
N VAL B 368 -24.89 -0.51 15.26
CA VAL B 368 -24.20 -1.64 15.86
C VAL B 368 -22.72 -1.53 16.26
N LEU B 369 -22.41 -2.18 17.36
CA LEU B 369 -21.06 -2.22 17.89
C LEU B 369 -20.79 -3.55 18.57
N SER B 370 -19.60 -4.08 18.30
CA SER B 370 -19.21 -5.34 18.86
C SER B 370 -18.32 -5.17 20.07
N LEU B 371 -18.70 -5.76 21.21
CA LEU B 371 -17.90 -5.67 22.46
C LEU B 371 -16.93 -6.84 22.59
N PRO B 372 -15.74 -6.64 23.17
CA PRO B 372 -14.82 -7.74 23.31
C PRO B 372 -15.50 -8.96 23.90
N ILE B 373 -15.16 -10.10 23.33
CA ILE B 373 -15.67 -11.38 23.77
C ILE B 373 -14.82 -12.47 23.18
N GLY B 374 -14.68 -13.57 23.91
CA GLY B 374 -13.88 -14.71 23.49
C GLY B 374 -13.53 -15.58 24.71
N PRO B 375 -12.96 -16.77 24.45
CA PRO B 375 -12.58 -17.70 25.51
C PRO B 375 -11.32 -17.30 26.26
N HIS B 376 -10.79 -16.12 25.95
CA HIS B 376 -9.57 -15.66 26.60
C HIS B 376 -9.74 -14.28 27.24
N LEU B 377 -10.98 -13.82 27.33
CA LEU B 377 -11.29 -12.54 27.96
C LEU B 377 -11.62 -12.79 29.43
N GLU B 378 -10.89 -12.16 30.34
CA GLU B 378 -11.10 -12.29 31.78
C GLU B 378 -12.23 -11.42 32.29
N ARG B 379 -12.92 -11.93 33.29
CA ARG B 379 -14.05 -11.23 33.88
C ARG B 379 -13.82 -9.75 34.22
N PRO B 380 -12.71 -9.47 34.84
CA PRO B 380 -12.37 -8.11 35.19
C PRO B 380 -12.35 -7.22 33.97
N GLN B 381 -11.87 -7.77 32.86
CA GLN B 381 -11.85 -6.99 31.65
C GLN B 381 -13.26 -6.77 31.10
N ALA B 382 -14.12 -7.77 31.24
CA ALA B 382 -15.50 -7.61 30.78
C ALA B 382 -16.20 -6.57 31.66
N LEU B 383 -15.85 -6.57 32.95
CA LEU B 383 -16.45 -5.59 33.86
C LEU B 383 -16.00 -4.16 33.53
N ARG B 384 -14.79 -4.07 33.00
CA ARG B 384 -14.24 -2.79 32.62
C ARG B 384 -15.06 -2.19 31.48
N VAL B 385 -15.37 -3.08 30.55
CA VAL B 385 -16.16 -2.80 29.36
C VAL B 385 -17.51 -2.28 29.79
N ILE B 386 -18.19 -3.10 30.59
CA ILE B 386 -19.51 -2.77 31.10
C ILE B 386 -19.53 -1.38 31.74
N ASP B 387 -18.64 -1.18 32.72
CA ASP B 387 -18.53 0.10 33.42
C ASP B 387 -18.47 1.28 32.48
N ALA B 388 -17.59 1.17 31.47
CA ALA B 388 -17.41 2.20 30.46
C ALA B 388 -18.65 2.40 29.61
N VAL B 389 -19.41 1.34 29.34
CA VAL B 389 -20.64 1.48 28.56
C VAL B 389 -21.69 2.26 29.35
N ARG B 390 -21.88 1.81 30.59
CA ARG B 390 -22.83 2.42 31.52
C ARG B 390 -22.50 3.89 31.61
N GLU B 391 -21.20 4.12 31.85
CA GLU B 391 -20.68 5.44 31.97
C GLU B 391 -21.12 6.30 30.80
N TRP B 392 -20.85 5.83 29.59
CA TRP B 392 -21.23 6.58 28.43
C TRP B 392 -22.74 6.73 28.39
N ALA B 393 -23.38 5.59 28.45
CA ALA B 393 -24.81 5.54 28.39
C ALA B 393 -25.42 6.56 29.33
N GLU B 394 -24.94 6.53 30.55
CA GLU B 394 -25.44 7.44 31.55
C GLU B 394 -25.27 8.91 31.18
N ARG B 395 -24.06 9.28 30.75
CA ARG B 395 -23.74 10.66 30.38
C ARG B 395 -24.55 11.23 29.22
N VAL B 396 -24.85 10.39 28.23
CA VAL B 396 -25.61 10.85 27.08
C VAL B 396 -27.11 10.80 27.40
N PRO C 28 14.29 37.11 34.62
CA PRO C 28 14.07 36.55 33.31
C PRO C 28 12.63 36.79 32.90
N ARG C 29 12.44 37.03 31.60
CA ARG C 29 11.12 37.28 31.08
C ARG C 29 10.26 36.04 30.99
N VAL C 30 9.04 36.25 30.54
CA VAL C 30 8.17 35.13 30.36
C VAL C 30 8.01 34.84 28.89
N PRO C 31 8.57 33.69 28.52
CA PRO C 31 8.59 33.15 27.17
C PRO C 31 7.20 32.80 26.65
N PHE C 32 7.00 33.06 25.37
CA PHE C 32 5.73 32.78 24.76
C PHE C 32 5.48 31.29 24.59
N LEU C 33 6.58 30.55 24.39
CA LEU C 33 6.60 29.11 24.20
C LEU C 33 8.02 28.60 23.99
N ASP C 34 8.53 27.94 25.00
CA ASP C 34 9.87 27.40 24.98
C ASP C 34 9.98 26.08 24.22
N LEU C 35 10.50 26.14 22.99
CA LEU C 35 10.66 24.92 22.20
C LEU C 35 11.74 24.02 22.74
N LYS C 36 12.86 24.64 23.17
CA LYS C 36 13.97 23.90 23.74
C LYS C 36 13.52 22.98 24.88
N ALA C 37 12.64 23.53 25.72
CA ALA C 37 12.10 22.84 26.87
C ALA C 37 11.56 21.47 26.49
N ALA C 38 10.71 21.49 25.46
CA ALA C 38 10.09 20.30 24.94
C ALA C 38 11.14 19.28 24.56
N TYR C 39 12.28 19.76 24.05
CA TYR C 39 13.33 18.81 23.72
C TYR C 39 13.94 18.32 25.02
N GLU C 40 14.23 19.29 25.90
CA GLU C 40 14.85 18.98 27.17
C GLU C 40 14.10 17.95 27.98
N GLU C 41 12.78 18.06 27.97
CA GLU C 41 11.98 17.12 28.73
C GLU C 41 12.20 15.69 28.30
N LEU C 42 12.43 15.47 27.01
CA LEU C 42 12.63 14.11 26.51
C LEU C 42 13.96 13.94 25.81
N ARG C 43 14.91 14.74 26.25
CA ARG C 43 16.24 14.74 25.71
C ARG C 43 16.77 13.38 25.27
N ALA C 44 16.97 12.52 26.25
CA ALA C 44 17.50 11.18 26.00
C ALA C 44 16.78 10.34 24.94
N GLU C 45 15.48 10.19 25.07
CA GLU C 45 14.78 9.37 24.11
C GLU C 45 14.77 10.01 22.76
N THR C 46 14.85 11.34 22.77
CA THR C 46 14.85 12.06 21.51
C THR C 46 16.14 11.77 20.79
N ASP C 47 17.24 11.99 21.52
CA ASP C 47 18.55 11.73 20.94
C ASP C 47 18.62 10.29 20.44
N ALA C 48 18.03 9.40 21.22
CA ALA C 48 18.06 8.02 20.80
C ALA C 48 17.27 7.81 19.53
N ALA C 49 16.10 8.44 19.45
CA ALA C 49 15.33 8.23 18.25
C ALA C 49 16.10 8.73 17.04
N ILE C 50 16.61 9.93 17.17
CA ILE C 50 17.37 10.50 16.10
C ILE C 50 18.55 9.59 15.72
N ALA C 51 19.29 9.15 16.73
CA ALA C 51 20.44 8.29 16.51
C ALA C 51 20.06 7.04 15.74
N ARG C 52 18.85 6.57 16.00
CA ARG C 52 18.40 5.39 15.29
C ARG C 52 18.27 5.64 13.79
N VAL C 53 17.66 6.79 13.45
CA VAL C 53 17.48 7.15 12.06
C VAL C 53 18.83 7.27 11.37
N LEU C 54 19.72 8.02 12.00
CA LEU C 54 21.05 8.21 11.45
C LEU C 54 21.67 6.88 11.02
N ASP C 55 21.62 5.95 11.94
CA ASP C 55 22.16 4.61 11.73
C ASP C 55 21.44 3.79 10.68
N SER C 56 20.16 4.05 10.52
CA SER C 56 19.34 3.31 9.60
C SER C 56 19.77 3.39 8.14
N GLY C 57 20.27 4.53 7.69
CA GLY C 57 20.64 4.68 6.30
C GLY C 57 19.37 4.88 5.43
N ARG C 58 18.22 5.04 6.10
CA ARG C 58 16.94 5.23 5.43
C ARG C 58 16.39 6.53 5.93
N TYR C 59 16.33 7.56 5.10
CA TYR C 59 15.88 8.87 5.59
C TYR C 59 14.51 9.40 5.15
N LEU C 60 13.92 8.76 4.15
CA LEU C 60 12.63 9.17 3.63
C LEU C 60 11.76 7.95 3.36
N LEU C 61 10.45 8.10 3.52
CA LEU C 61 9.51 7.02 3.30
C LEU C 61 9.98 5.68 3.86
N GLY C 62 10.31 5.67 5.15
CA GLY C 62 10.78 4.49 5.86
C GLY C 62 9.79 4.03 6.93
N PRO C 63 10.29 3.24 7.86
CA PRO C 63 9.46 2.73 8.95
C PRO C 63 9.13 3.76 9.99
N GLU C 64 9.86 4.87 10.07
CA GLU C 64 9.50 5.85 11.09
C GLU C 64 8.21 6.49 10.67
N LEU C 65 8.17 6.83 9.38
CA LEU C 65 6.99 7.46 8.80
C LEU C 65 5.78 6.52 8.95
N GLU C 66 5.96 5.26 8.55
CA GLU C 66 4.93 4.24 8.67
C GLU C 66 4.43 4.10 10.12
N GLY C 67 5.39 3.93 11.01
CA GLY C 67 5.11 3.80 12.43
C GLY C 67 4.37 5.01 12.94
N PHE C 68 4.83 6.20 12.58
CA PHE C 68 4.17 7.41 13.06
C PHE C 68 2.77 7.48 12.48
N GLU C 69 2.72 7.21 11.19
CA GLU C 69 1.43 7.27 10.54
C GLU C 69 0.45 6.40 11.25
N ALA C 70 0.91 5.22 11.59
CA ALA C 70 0.06 4.28 12.30
C ALA C 70 -0.49 4.83 13.62
N GLU C 71 0.43 5.29 14.43
CA GLU C 71 0.12 5.80 15.75
C GLU C 71 -0.76 7.03 15.69
N PHE C 72 -0.43 7.92 14.77
CA PHE C 72 -1.17 9.17 14.61
C PHE C 72 -2.59 8.85 14.22
N ALA C 73 -2.71 7.90 13.30
CA ALA C 73 -4.01 7.50 12.85
C ALA C 73 -4.84 6.91 13.97
N ALA C 74 -4.24 6.00 14.74
CA ALA C 74 -4.96 5.42 15.84
C ALA C 74 -5.31 6.54 16.80
N TYR C 75 -4.38 7.47 16.96
CA TYR C 75 -4.60 8.59 17.87
C TYR C 75 -5.80 9.41 17.50
N CYS C 76 -5.94 9.66 16.20
CA CYS C 76 -7.07 10.46 15.73
C CYS C 76 -8.31 9.64 15.56
N GLU C 77 -8.26 8.39 15.99
CA GLU C 77 -9.41 7.50 15.87
C GLU C 77 -9.84 7.33 14.41
N THR C 78 -8.84 7.09 13.54
CA THR C 78 -9.08 6.91 12.13
C THR C 78 -8.19 5.83 11.53
N ASP C 79 -8.46 5.55 10.25
CA ASP C 79 -7.79 4.54 9.49
C ASP C 79 -6.51 4.98 8.85
N HIS C 80 -6.52 6.19 8.31
CA HIS C 80 -5.30 6.58 7.64
C HIS C 80 -4.73 7.92 7.97
N ALA C 81 -3.40 7.90 7.98
CA ALA C 81 -2.57 9.04 8.20
C ALA C 81 -1.50 9.11 7.13
N VAL C 82 -1.46 10.24 6.42
CA VAL C 82 -0.50 10.48 5.37
C VAL C 82 0.41 11.67 5.70
N GLY C 83 1.64 11.38 6.15
CA GLY C 83 2.62 12.42 6.49
C GLY C 83 3.13 13.23 5.29
N VAL C 84 3.11 14.54 5.44
CA VAL C 84 3.58 15.43 4.40
C VAL C 84 4.53 16.44 5.03
N ASN C 85 5.00 17.39 4.22
CA ASN C 85 5.95 18.40 4.66
C ASN C 85 5.40 19.56 5.51
N SER C 86 4.10 19.90 5.39
CA SER C 86 3.54 21.02 6.15
C SER C 86 2.03 21.00 6.28
N GLY C 87 1.56 21.84 7.21
CA GLY C 87 0.14 21.97 7.46
C GLY C 87 -0.51 22.48 6.19
N MET C 88 0.18 23.43 5.56
CA MET C 88 -0.29 24.00 4.33
C MET C 88 -0.50 22.97 3.22
N ASP C 89 0.55 22.16 2.94
CA ASP C 89 0.48 21.14 1.89
C ASP C 89 -0.58 20.15 2.23
N ALA C 90 -0.65 19.84 3.51
CA ALA C 90 -1.64 18.89 3.95
C ALA C 90 -3.02 19.31 3.45
N LEU C 91 -3.28 20.63 3.59
CA LEU C 91 -4.55 21.24 3.18
C LEU C 91 -4.77 21.19 1.67
N GLN C 92 -3.72 21.59 0.97
CA GLN C 92 -3.78 21.61 -0.45
C GLN C 92 -3.92 20.26 -1.09
N LEU C 93 -3.15 19.29 -0.61
CA LEU C 93 -3.23 18.00 -1.23
C LEU C 93 -4.55 17.34 -0.97
N ALA C 94 -5.07 17.59 0.21
CA ALA C 94 -6.34 17.00 0.53
C ALA C 94 -7.42 17.54 -0.40
N LEU C 95 -7.36 18.83 -0.69
CA LEU C 95 -8.33 19.46 -1.56
C LEU C 95 -8.23 18.89 -2.95
N ARG C 96 -6.99 18.91 -3.45
CA ARG C 96 -6.60 18.38 -4.74
C ARG C 96 -7.06 16.93 -4.77
N GLY C 97 -6.73 16.22 -3.69
CA GLY C 97 -7.10 14.82 -3.60
C GLY C 97 -8.60 14.64 -3.73
N LEU C 98 -9.32 15.67 -3.29
CA LEU C 98 -10.76 15.63 -3.34
C LEU C 98 -11.27 16.13 -4.68
N GLY C 99 -10.35 16.48 -5.56
CA GLY C 99 -10.78 16.95 -6.84
C GLY C 99 -11.09 18.43 -6.90
N ILE C 100 -10.69 19.15 -5.87
CA ILE C 100 -10.93 20.57 -5.85
C ILE C 100 -9.96 21.28 -6.79
N GLY C 101 -10.47 22.31 -7.46
CA GLY C 101 -9.63 23.04 -8.38
C GLY C 101 -10.33 24.25 -8.93
N PRO C 102 -9.93 24.66 -10.13
CA PRO C 102 -10.48 25.83 -10.76
C PRO C 102 -11.98 25.83 -11.02
N GLY C 103 -12.61 26.97 -10.73
CA GLY C 103 -14.04 27.11 -10.92
C GLY C 103 -14.79 26.64 -9.70
N ASP C 104 -14.05 26.10 -8.75
CA ASP C 104 -14.66 25.61 -7.52
C ASP C 104 -14.46 26.59 -6.40
N GLU C 105 -15.43 26.58 -5.50
CA GLU C 105 -15.42 27.43 -4.35
C GLU C 105 -15.32 26.59 -3.10
N VAL C 106 -14.52 27.11 -2.20
CA VAL C 106 -14.29 26.50 -0.92
C VAL C 106 -14.52 27.57 0.11
N ILE C 107 -15.45 27.30 1.00
CA ILE C 107 -15.74 28.24 2.05
C ILE C 107 -14.68 28.12 3.10
N VAL C 108 -14.06 29.26 3.36
CA VAL C 108 -13.00 29.39 4.34
C VAL C 108 -13.41 30.31 5.46
N PRO C 109 -12.68 30.25 6.55
CA PRO C 109 -13.02 31.13 7.64
C PRO C 109 -12.43 32.52 7.42
N SER C 110 -13.18 33.55 7.80
CA SER C 110 -12.66 34.89 7.61
C SER C 110 -11.59 35.15 8.64
N HIS C 111 -11.75 34.50 9.82
CA HIS C 111 -10.82 34.60 10.95
C HIS C 111 -9.98 33.32 11.05
N THR C 112 -8.73 33.38 10.58
CA THR C 112 -7.83 32.23 10.58
C THR C 112 -6.43 32.61 10.13
N TYR C 113 -5.56 31.60 10.15
CA TYR C 113 -4.20 31.78 9.69
C TYR C 113 -4.31 31.70 8.17
N ILE C 114 -3.66 32.63 7.45
CA ILE C 114 -3.66 32.75 5.99
C ILE C 114 -3.53 31.45 5.19
N ALA C 115 -2.80 30.49 5.77
CA ALA C 115 -2.58 29.21 5.11
C ALA C 115 -3.88 28.55 4.71
N SER C 116 -4.95 28.87 5.43
CA SER C 116 -6.26 28.33 5.14
C SER C 116 -6.71 28.70 3.73
N TRP C 117 -6.49 29.96 3.35
CA TRP C 117 -6.89 30.40 2.03
C TRP C 117 -5.94 29.96 0.93
N LEU C 118 -4.65 30.09 1.21
CA LEU C 118 -3.59 29.76 0.27
C LEU C 118 -3.68 28.36 -0.29
N ALA C 119 -4.02 27.40 0.56
CA ALA C 119 -4.09 26.00 0.13
C ALA C 119 -5.21 25.88 -0.89
N VAL C 120 -6.25 26.68 -0.66
CA VAL C 120 -7.38 26.74 -1.56
C VAL C 120 -6.93 27.41 -2.85
N SER C 121 -6.33 28.58 -2.68
CA SER C 121 -5.87 29.32 -3.82
C SER C 121 -4.94 28.49 -4.66
N ALA C 122 -4.09 27.74 -3.97
CA ALA C 122 -3.12 26.91 -4.64
C ALA C 122 -3.70 25.89 -5.61
N THR C 123 -4.91 25.40 -5.36
CA THR C 123 -5.55 24.42 -6.23
C THR C 123 -6.22 25.04 -7.44
N GLY C 124 -6.23 26.37 -7.49
CA GLY C 124 -6.89 27.07 -8.57
C GLY C 124 -8.34 27.36 -8.22
N ALA C 125 -8.72 26.97 -7.01
CA ALA C 125 -10.08 27.16 -6.56
C ALA C 125 -10.22 28.50 -5.80
N THR C 126 -11.46 28.93 -5.60
CA THR C 126 -11.77 30.19 -4.94
C THR C 126 -12.14 30.14 -3.48
N PRO C 127 -11.36 30.82 -2.63
CA PRO C 127 -11.67 30.82 -1.22
C PRO C 127 -12.81 31.79 -0.93
N VAL C 128 -13.83 31.28 -0.25
CA VAL C 128 -14.98 32.13 0.10
C VAL C 128 -15.04 32.29 1.62
N PRO C 129 -14.61 33.47 2.12
CA PRO C 129 -14.59 33.78 3.56
C PRO C 129 -15.97 33.75 4.21
N VAL C 130 -15.99 33.22 5.42
CA VAL C 130 -17.17 33.10 6.27
C VAL C 130 -16.76 33.41 7.69
N GLU C 131 -17.52 34.29 8.32
CA GLU C 131 -17.27 34.75 9.67
C GLU C 131 -17.47 33.70 10.76
N PRO C 132 -16.75 33.90 11.87
CA PRO C 132 -16.85 33.01 13.01
C PRO C 132 -18.12 33.31 13.80
N HIS C 133 -18.53 32.36 14.60
CA HIS C 133 -19.72 32.52 15.41
C HIS C 133 -19.50 33.74 16.29
N GLU C 134 -20.56 34.31 16.83
CA GLU C 134 -20.37 35.50 17.67
C GLU C 134 -19.64 35.23 18.98
N ASP C 135 -19.67 33.98 19.46
CA ASP C 135 -19.03 33.60 20.72
C ASP C 135 -17.77 32.75 20.62
N HIS C 136 -17.58 32.08 19.49
CA HIS C 136 -16.46 31.17 19.25
C HIS C 136 -15.67 31.50 17.99
N PRO C 137 -14.34 31.46 18.13
CA PRO C 137 -13.37 31.74 17.08
C PRO C 137 -13.50 30.82 15.88
N THR C 138 -14.63 30.14 15.77
CA THR C 138 -14.82 29.23 14.67
C THR C 138 -16.00 29.61 13.79
N LEU C 139 -15.98 29.01 12.61
CA LEU C 139 -16.97 29.19 11.55
C LEU C 139 -18.44 29.16 11.98
N ASP C 140 -19.15 30.26 11.67
CA ASP C 140 -20.57 30.37 11.98
C ASP C 140 -21.36 29.53 10.96
N PRO C 141 -21.86 28.38 11.42
CA PRO C 141 -22.58 27.48 10.56
C PRO C 141 -23.73 28.12 9.82
N LEU C 142 -24.41 29.05 10.50
CA LEU C 142 -25.52 29.74 9.89
C LEU C 142 -25.08 30.56 8.70
N LEU C 143 -23.94 31.23 8.89
CA LEU C 143 -23.29 32.09 7.91
C LEU C 143 -22.79 31.24 6.76
N VAL C 144 -22.23 30.09 7.17
CA VAL C 144 -21.72 29.15 6.21
C VAL C 144 -22.78 28.89 5.16
N GLU C 145 -23.92 28.47 5.67
CA GLU C 145 -25.04 28.18 4.84
C GLU C 145 -25.35 29.32 3.89
N LYS C 146 -25.49 30.52 4.41
CA LYS C 146 -25.77 31.58 3.48
C LYS C 146 -24.76 31.62 2.34
N ALA C 147 -23.50 31.37 2.67
CA ALA C 147 -22.39 31.38 1.73
C ALA C 147 -22.40 30.36 0.58
N ILE C 148 -23.00 29.21 0.82
CA ILE C 148 -23.07 28.17 -0.19
C ILE C 148 -23.70 28.61 -1.49
N THR C 149 -22.99 28.38 -2.60
CA THR C 149 -23.44 28.67 -3.97
C THR C 149 -23.29 27.40 -4.81
N PRO C 150 -23.84 27.39 -6.03
CA PRO C 150 -23.74 26.22 -6.88
C PRO C 150 -22.31 25.83 -7.21
N ARG C 151 -21.38 26.74 -6.99
CA ARG C 151 -19.97 26.49 -7.23
C ARG C 151 -19.29 25.85 -6.03
N THR C 152 -19.91 26.01 -4.87
CA THR C 152 -19.38 25.48 -3.64
C THR C 152 -19.14 23.99 -3.75
N ARG C 153 -17.95 23.54 -3.32
CA ARG C 153 -17.55 22.13 -3.39
C ARG C 153 -17.08 21.55 -2.04
N ALA C 154 -16.61 22.45 -1.16
CA ALA C 154 -16.12 22.06 0.15
C ALA C 154 -16.12 23.21 1.14
N LEU C 155 -16.17 22.81 2.40
CA LEU C 155 -16.12 23.70 3.53
C LEU C 155 -14.75 23.49 4.14
N LEU C 156 -14.13 24.56 4.59
CA LEU C 156 -12.84 24.48 5.23
C LEU C 156 -12.80 25.11 6.62
N PRO C 157 -13.37 24.43 7.60
CA PRO C 157 -13.38 24.90 8.97
C PRO C 157 -12.01 24.84 9.63
N VAL C 158 -11.74 25.80 10.51
CA VAL C 158 -10.49 25.83 11.24
C VAL C 158 -10.77 25.72 12.72
N HIS C 159 -10.21 24.71 13.40
CA HIS C 159 -10.41 24.56 14.84
C HIS C 159 -9.37 25.48 15.48
N LEU C 160 -9.66 26.77 15.40
CA LEU C 160 -8.77 27.80 15.86
C LEU C 160 -8.45 27.81 17.32
N TYR C 161 -7.18 28.07 17.60
CA TYR C 161 -6.66 28.15 18.96
C TYR C 161 -6.83 26.88 19.78
N GLY C 162 -7.25 25.79 19.12
CA GLY C 162 -7.47 24.47 19.73
C GLY C 162 -8.93 24.22 20.06
N HIS C 163 -9.80 25.08 19.54
CA HIS C 163 -11.21 24.95 19.79
C HIS C 163 -11.88 24.34 18.61
N PRO C 164 -12.58 23.23 18.80
CA PRO C 164 -13.23 22.61 17.67
C PRO C 164 -14.40 23.43 17.15
N ALA C 165 -14.63 23.28 15.85
CA ALA C 165 -15.74 23.97 15.22
C ALA C 165 -17.02 23.14 15.39
N ASP C 166 -18.18 23.72 15.10
CA ASP C 166 -19.40 22.95 15.27
C ASP C 166 -19.50 21.90 14.18
N MET C 167 -18.77 20.81 14.36
CA MET C 167 -18.74 19.74 13.40
C MET C 167 -20.06 19.09 13.00
N ASP C 168 -20.96 18.88 13.97
CA ASP C 168 -22.23 18.23 13.64
C ASP C 168 -23.02 19.10 12.70
N ALA C 169 -23.08 20.37 13.01
CA ALA C 169 -23.82 21.30 12.19
C ALA C 169 -23.23 21.37 10.81
N LEU C 170 -21.91 21.56 10.76
CA LEU C 170 -21.18 21.65 9.51
C LEU C 170 -21.43 20.43 8.62
N ARG C 171 -21.36 19.25 9.23
CA ARG C 171 -21.58 18.03 8.50
C ARG C 171 -23.00 17.93 7.96
N GLU C 172 -23.97 18.37 8.74
CA GLU C 172 -25.33 18.32 8.27
C GLU C 172 -25.46 19.17 7.02
N LEU C 173 -24.80 20.31 7.08
CA LEU C 173 -24.78 21.26 5.99
C LEU C 173 -24.10 20.68 4.76
N ALA C 174 -22.89 20.20 4.99
CA ALA C 174 -22.13 19.62 3.91
C ALA C 174 -23.00 18.55 3.32
N ASP C 175 -23.30 17.58 4.16
CA ASP C 175 -24.14 16.48 3.75
C ASP C 175 -25.36 16.96 3.00
N ARG C 176 -25.95 18.03 3.51
CA ARG C 176 -27.11 18.60 2.87
C ARG C 176 -26.79 19.07 1.47
N HIS C 177 -25.71 19.83 1.35
CA HIS C 177 -25.31 20.38 0.08
C HIS C 177 -24.33 19.59 -0.74
N GLY C 178 -24.01 18.38 -0.33
CA GLY C 178 -23.07 17.57 -1.07
C GLY C 178 -21.68 18.17 -1.15
N LEU C 179 -21.26 18.75 -0.03
CA LEU C 179 -19.96 19.38 0.07
C LEU C 179 -19.03 18.47 0.82
N HIS C 180 -17.74 18.68 0.59
CA HIS C 180 -16.77 17.91 1.32
C HIS C 180 -16.36 18.83 2.44
N ILE C 181 -15.69 18.27 3.44
CA ILE C 181 -15.15 19.03 4.56
C ILE C 181 -13.69 18.63 4.81
N VAL C 182 -12.82 19.61 4.67
CA VAL C 182 -11.41 19.43 4.92
C VAL C 182 -11.12 20.32 6.11
N GLU C 183 -10.84 19.70 7.23
CA GLU C 183 -10.56 20.44 8.44
C GLU C 183 -9.14 20.96 8.59
N ASP C 184 -9.02 22.20 9.08
CA ASP C 184 -7.71 22.75 9.35
C ASP C 184 -7.55 22.50 10.85
N ALA C 185 -6.79 21.46 11.18
CA ALA C 185 -6.55 21.08 12.57
C ALA C 185 -5.15 21.35 13.06
N ALA C 186 -4.42 22.23 12.36
CA ALA C 186 -3.03 22.57 12.72
C ALA C 186 -2.85 23.12 14.14
N GLN C 187 -3.95 23.61 14.73
CA GLN C 187 -3.87 24.13 16.08
C GLN C 187 -4.69 23.26 17.04
N ALA C 188 -5.13 22.07 16.61
CA ALA C 188 -5.95 21.27 17.50
C ALA C 188 -5.64 19.80 17.63
N HIS C 189 -4.35 19.43 17.63
CA HIS C 189 -3.99 18.01 17.75
C HIS C 189 -4.55 17.46 19.06
N GLY C 190 -5.25 16.33 18.97
CA GLY C 190 -5.78 15.71 20.17
C GLY C 190 -7.11 16.27 20.68
N ALA C 191 -7.61 17.38 20.14
CA ALA C 191 -8.87 17.89 20.63
C ALA C 191 -10.01 16.94 20.33
N ARG C 192 -11.10 17.05 21.10
CA ARG C 192 -12.26 16.22 20.88
C ARG C 192 -13.53 17.04 20.69
N TYR C 193 -14.45 16.49 19.90
CA TYR C 193 -15.73 17.14 19.64
C TYR C 193 -16.78 16.08 19.92
N ARG C 194 -17.49 16.23 21.04
CA ARG C 194 -18.49 15.26 21.43
C ARG C 194 -17.86 13.92 21.79
N GLY C 195 -16.75 14.01 22.51
CA GLY C 195 -16.02 12.84 22.95
C GLY C 195 -15.14 12.21 21.86
N ARG C 196 -15.34 12.63 20.61
CA ARG C 196 -14.59 12.12 19.48
C ARG C 196 -13.38 12.94 19.07
N ARG C 197 -12.25 12.28 18.78
CA ARG C 197 -11.06 13.01 18.35
C ARG C 197 -11.28 13.78 17.07
N ILE C 198 -10.65 14.96 16.96
CA ILE C 198 -10.76 15.71 15.73
C ILE C 198 -9.96 14.84 14.76
N GLY C 199 -10.50 14.55 13.58
CA GLY C 199 -9.84 13.69 12.60
C GLY C 199 -10.47 12.29 12.60
N ALA C 200 -11.32 12.04 13.58
CA ALA C 200 -11.98 10.76 13.71
C ALA C 200 -12.82 10.31 12.52
N GLY C 201 -12.88 8.99 12.41
CA GLY C 201 -13.65 8.29 11.39
C GLY C 201 -13.52 8.72 9.94
N SER C 202 -14.63 9.29 9.48
CA SER C 202 -14.83 9.77 8.13
C SER C 202 -14.33 11.19 7.89
N SER C 203 -13.80 11.79 8.95
CA SER C 203 -13.22 13.12 8.86
C SER C 203 -12.03 13.12 7.92
N VAL C 204 -11.81 14.26 7.29
CA VAL C 204 -10.66 14.53 6.44
C VAL C 204 -10.06 15.76 7.11
N ALA C 205 -8.96 15.59 7.87
CA ALA C 205 -8.31 16.72 8.56
C ALA C 205 -6.84 16.88 8.29
N ALA C 206 -6.41 18.14 8.17
CA ALA C 206 -5.01 18.48 7.92
C ALA C 206 -4.37 18.92 9.23
N PHE C 207 -3.11 18.52 9.44
CA PHE C 207 -2.39 18.89 10.65
C PHE C 207 -1.00 19.38 10.35
N SER C 208 -0.47 20.17 11.27
CA SER C 208 0.87 20.68 11.13
C SER C 208 1.75 20.20 12.28
N PHE C 209 3.01 19.93 12.00
CA PHE C 209 3.92 19.48 13.03
C PHE C 209 5.00 20.53 13.16
N TYR C 210 4.69 21.71 12.68
CA TYR C 210 5.64 22.80 12.78
C TYR C 210 6.06 22.88 14.24
N PRO C 211 7.35 23.17 14.46
CA PRO C 211 7.87 23.20 15.81
C PRO C 211 7.00 23.83 16.91
N GLY C 212 6.31 24.91 16.63
CA GLY C 212 5.50 25.55 17.63
C GLY C 212 4.07 25.01 17.74
N LYS C 213 3.70 23.98 16.96
CA LYS C 213 2.36 23.44 17.07
C LYS C 213 2.20 22.63 18.37
N ASN C 214 0.97 22.24 18.75
CA ASN C 214 0.81 21.44 19.97
C ASN C 214 1.64 20.16 19.93
N LEU C 215 1.81 19.65 18.72
CA LEU C 215 2.60 18.48 18.43
C LEU C 215 3.59 18.91 17.35
N GLY C 216 4.85 19.11 17.73
CA GLY C 216 5.85 19.56 16.76
C GLY C 216 7.16 18.77 16.76
N CYS C 217 7.98 19.00 15.73
CA CYS C 217 9.25 18.34 15.61
C CYS C 217 10.37 19.38 15.52
N PHE C 218 11.48 19.02 14.89
CA PHE C 218 12.57 19.97 14.76
C PHE C 218 12.68 20.45 13.32
N GLY C 219 11.55 20.73 12.71
CA GLY C 219 11.54 21.18 11.33
C GLY C 219 10.10 21.23 10.84
N ASP C 220 9.92 21.43 9.55
CA ASP C 220 8.56 21.47 9.02
C ASP C 220 7.99 20.08 8.80
N GLY C 221 6.68 19.96 8.97
CA GLY C 221 5.97 18.71 8.78
C GLY C 221 4.47 18.92 8.93
N GLY C 222 3.73 17.99 8.35
CA GLY C 222 2.28 18.00 8.38
C GLY C 222 1.77 16.58 8.14
N ALA C 223 0.46 16.45 8.08
CA ALA C 223 -0.19 15.17 7.84
C ALA C 223 -1.67 15.31 7.53
N VAL C 224 -2.12 14.40 6.69
CA VAL C 224 -3.50 14.36 6.37
C VAL C 224 -3.99 13.04 6.97
N VAL C 225 -5.16 13.12 7.53
CA VAL C 225 -5.79 12.00 8.19
C VAL C 225 -7.14 11.76 7.51
N THR C 226 -7.47 10.47 7.30
CA THR C 226 -8.70 10.13 6.61
C THR C 226 -9.10 8.64 6.77
N GLY C 227 -10.41 8.39 6.72
CA GLY C 227 -10.97 7.05 6.83
C GLY C 227 -11.25 6.53 5.44
N ASP C 228 -10.98 7.32 4.41
CA ASP C 228 -11.21 6.93 3.03
C ASP C 228 -9.95 6.35 2.37
N PRO C 229 -10.00 5.06 2.01
CA PRO C 229 -8.89 4.35 1.38
C PRO C 229 -8.46 4.90 0.02
N GLU C 230 -9.38 5.34 -0.80
CA GLU C 230 -9.01 5.89 -2.09
C GLU C 230 -8.31 7.24 -1.93
N LEU C 231 -8.83 8.04 -1.04
CA LEU C 231 -8.21 9.32 -0.80
C LEU C 231 -6.79 9.20 -0.22
N ALA C 232 -6.59 8.29 0.75
CA ALA C 232 -5.27 8.06 1.38
C ALA C 232 -4.18 7.71 0.34
N GLU C 233 -4.61 6.89 -0.61
CA GLU C 233 -3.78 6.40 -1.70
C GLU C 233 -3.43 7.56 -2.59
N ARG C 234 -4.46 8.33 -2.92
CA ARG C 234 -4.20 9.48 -3.74
C ARG C 234 -3.19 10.38 -3.04
N LEU C 235 -3.40 10.55 -1.74
CA LEU C 235 -2.51 11.40 -0.98
C LEU C 235 -1.06 10.98 -1.03
N ARG C 236 -0.82 9.68 -0.91
CA ARG C 236 0.53 9.15 -0.93
C ARG C 236 1.18 9.34 -2.30
N MET C 237 0.36 9.32 -3.33
CA MET C 237 0.93 9.51 -4.64
C MET C 237 1.20 11.01 -4.84
N LEU C 238 0.23 11.82 -4.47
CA LEU C 238 0.34 13.28 -4.60
C LEU C 238 1.55 13.83 -3.91
N ARG C 239 1.82 13.24 -2.76
CA ARG C 239 2.97 13.70 -2.00
C ARG C 239 4.30 13.19 -2.52
N ASN C 240 4.24 12.22 -3.43
CA ASN C 240 5.46 11.64 -3.91
C ASN C 240 5.59 11.50 -5.41
N TYR C 241 5.54 12.65 -6.08
CA TYR C 241 5.67 12.71 -7.52
C TYR C 241 4.58 11.95 -8.30
N GLY C 242 3.42 11.76 -7.72
CA GLY C 242 2.32 11.06 -8.39
C GLY C 242 2.63 9.59 -8.63
N SER C 243 3.42 9.03 -7.71
CA SER C 243 3.81 7.65 -7.82
C SER C 243 3.67 6.83 -6.54
N ARG C 244 3.49 5.52 -6.75
CA ARG C 244 3.37 4.52 -5.69
C ARG C 244 4.45 3.47 -5.93
N GLN C 245 5.11 3.63 -7.09
CA GLN C 245 6.21 2.84 -7.59
C GLN C 245 7.23 3.84 -8.09
N LYS C 246 8.46 3.70 -7.66
CA LYS C 246 9.50 4.63 -8.07
C LYS C 246 9.57 4.81 -9.57
N TYR C 247 9.47 6.04 -10.03
CA TYR C 247 9.58 6.28 -11.46
C TYR C 247 8.37 5.99 -12.33
N SER C 248 7.27 5.69 -11.68
CA SER C 248 6.00 5.47 -12.35
C SER C 248 5.07 6.64 -11.93
N HIS C 249 5.07 7.69 -12.74
CA HIS C 249 4.25 8.85 -12.46
C HIS C 249 2.90 8.73 -13.11
N GLU C 250 2.01 8.06 -12.40
CA GLU C 250 0.69 7.86 -12.93
C GLU C 250 -0.09 9.14 -12.99
N THR C 251 0.27 10.07 -12.12
CA THR C 251 -0.40 11.35 -12.06
C THR C 251 0.58 12.45 -11.76
N LYS C 252 0.15 13.67 -11.95
CA LYS C 252 1.04 14.76 -11.64
C LYS C 252 1.12 14.85 -10.10
N GLY C 253 2.27 15.15 -9.57
CA GLY C 253 2.34 15.27 -8.13
C GLY C 253 3.48 16.18 -7.69
N THR C 254 3.73 16.19 -6.39
CA THR C 254 4.80 17.02 -5.88
C THR C 254 5.66 16.26 -4.90
N ASN C 255 6.47 17.04 -4.22
CA ASN C 255 7.35 16.53 -3.20
C ASN C 255 6.96 17.18 -1.89
N SER C 256 6.17 16.48 -1.09
CA SER C 256 5.80 17.03 0.20
C SER C 256 5.80 15.89 1.19
N ARG C 257 6.96 15.63 1.77
CA ARG C 257 7.01 14.51 2.68
C ARG C 257 7.50 14.84 4.05
N LEU C 258 7.20 13.93 4.97
CA LEU C 258 7.59 14.02 6.37
C LEU C 258 8.84 13.18 6.61
N ASP C 259 9.99 13.82 6.90
CA ASP C 259 11.26 13.12 7.12
C ASP C 259 11.27 11.99 8.15
N GLU C 260 12.04 10.91 7.90
CA GLU C 260 12.11 9.80 8.85
C GLU C 260 12.49 10.35 10.20
N MET C 261 13.52 11.18 10.12
CA MET C 261 14.13 11.83 11.26
C MET C 261 13.10 12.56 12.09
N GLN C 262 12.21 13.24 11.39
CA GLN C 262 11.15 14.02 12.03
C GLN C 262 10.02 13.16 12.56
N ALA C 263 9.75 12.09 11.82
CA ALA C 263 8.70 11.18 12.24
C ALA C 263 9.09 10.43 13.52
N ALA C 264 10.35 10.10 13.67
CA ALA C 264 10.82 9.40 14.86
C ALA C 264 10.61 10.23 16.10
N VAL C 265 10.83 11.53 15.95
CA VAL C 265 10.68 12.52 17.00
C VAL C 265 9.20 12.66 17.39
N LEU C 266 8.35 12.75 16.37
CA LEU C 266 6.91 12.88 16.56
C LEU C 266 6.31 11.69 17.28
N ARG C 267 6.88 10.49 17.04
CA ARG C 267 6.39 9.30 17.67
C ARG C 267 6.50 9.42 19.19
N ILE C 268 7.60 10.02 19.62
CA ILE C 268 7.87 10.25 21.02
C ILE C 268 6.91 11.31 21.57
N ARG C 269 6.95 12.47 20.93
CA ARG C 269 6.08 13.55 21.33
C ARG C 269 4.63 13.11 21.40
N LEU C 270 4.20 12.28 20.45
CA LEU C 270 2.83 11.84 20.41
C LEU C 270 2.44 11.10 21.68
N ALA C 271 3.41 10.32 22.13
CA ALA C 271 3.18 9.55 23.32
C ALA C 271 2.91 10.43 24.55
N HIS C 272 3.35 11.69 24.51
CA HIS C 272 3.14 12.59 25.64
C HIS C 272 2.19 13.73 25.34
N LEU C 273 1.54 13.71 24.18
CA LEU C 273 0.65 14.80 23.77
C LEU C 273 -0.56 15.01 24.67
N ASP C 274 -1.26 13.92 25.04
CA ASP C 274 -2.40 14.03 25.92
C ASP C 274 -1.98 14.67 27.25
N SER C 275 -0.84 14.22 27.78
CA SER C 275 -0.36 14.77 29.01
C SER C 275 0.03 16.26 28.85
N TRP C 276 0.69 16.59 27.73
CA TRP C 276 1.11 17.97 27.44
C TRP C 276 -0.08 18.90 27.25
N ASN C 277 -1.07 18.42 26.49
CA ASN C 277 -2.28 19.16 26.23
C ASN C 277 -2.93 19.40 27.57
N GLY C 278 -2.89 18.35 28.40
CA GLY C 278 -3.43 18.40 29.74
C GLY C 278 -2.84 19.60 30.49
N ARG C 279 -1.54 19.89 30.28
CA ARG C 279 -0.89 21.03 30.95
C ARG C 279 -1.41 22.37 30.47
N ARG C 280 -1.68 22.45 29.20
CA ARG C 280 -2.21 23.67 28.66
C ARG C 280 -3.60 23.88 29.22
N SER C 281 -4.34 22.81 29.26
CA SER C 281 -5.70 22.90 29.77
C SER C 281 -5.75 23.57 31.13
N ALA C 282 -4.89 23.05 32.01
CA ALA C 282 -4.75 23.52 33.34
C ALA C 282 -4.45 25.00 33.39
N LEU C 283 -3.51 25.39 32.55
CA LEU C 283 -3.05 26.77 32.43
C LEU C 283 -4.19 27.67 32.03
N ALA C 284 -4.93 27.24 31.02
CA ALA C 284 -6.08 27.96 30.54
C ALA C 284 -7.04 28.14 31.71
N ALA C 285 -7.20 27.06 32.48
CA ALA C 285 -8.07 27.07 33.65
C ALA C 285 -7.68 28.21 34.57
N GLU C 286 -6.41 28.20 34.92
CA GLU C 286 -5.90 29.25 35.75
C GLU C 286 -6.22 30.59 35.10
N TYR C 287 -5.75 30.79 33.88
CA TYR C 287 -6.05 32.05 33.22
C TYR C 287 -7.48 32.45 33.49
N LEU C 288 -8.38 31.60 33.01
CA LEU C 288 -9.83 31.80 33.13
C LEU C 288 -10.30 32.29 34.49
N SER C 289 -9.89 31.61 35.52
CA SER C 289 -10.30 32.01 36.84
C SER C 289 -9.69 33.32 37.25
N GLY C 290 -8.37 33.39 37.15
CA GLY C 290 -7.63 34.59 37.53
C GLY C 290 -8.02 35.84 36.74
N LEU C 291 -8.29 35.67 35.47
CA LEU C 291 -8.64 36.79 34.65
C LEU C 291 -10.11 37.09 34.68
N ALA C 292 -10.78 36.27 35.47
CA ALA C 292 -12.21 36.40 35.65
C ALA C 292 -12.53 37.75 36.26
N GLY C 293 -13.50 38.43 35.65
CA GLY C 293 -13.88 39.72 36.17
C GLY C 293 -13.44 40.90 35.32
N LEU C 294 -12.11 41.10 35.26
CA LEU C 294 -11.49 42.17 34.51
C LEU C 294 -12.34 42.81 33.43
N PRO C 295 -12.87 43.97 33.76
CA PRO C 295 -13.68 44.70 32.81
C PRO C 295 -12.78 45.14 31.68
N GLY C 296 -13.29 45.06 30.46
CA GLY C 296 -12.51 45.44 29.30
C GLY C 296 -11.71 44.24 28.78
N ILE C 297 -11.62 43.20 29.58
CA ILE C 297 -10.91 42.02 29.17
C ILE C 297 -11.80 40.83 28.87
N GLY C 298 -11.94 40.58 27.56
CA GLY C 298 -12.69 39.49 26.97
C GLY C 298 -11.87 38.19 26.94
N LEU C 299 -12.48 37.14 27.53
CA LEU C 299 -11.92 35.80 27.67
C LEU C 299 -12.56 34.81 26.73
N PRO C 300 -11.85 33.72 26.48
CA PRO C 300 -12.40 32.72 25.59
C PRO C 300 -13.57 31.98 26.25
N VAL C 301 -14.54 31.67 25.44
CA VAL C 301 -15.71 30.95 25.89
C VAL C 301 -15.64 29.55 25.34
N THR C 302 -15.50 28.56 26.22
CA THR C 302 -15.46 27.21 25.69
C THR C 302 -16.83 26.65 25.36
N ALA C 303 -16.91 26.11 24.17
CA ALA C 303 -18.14 25.52 23.68
C ALA C 303 -18.42 24.18 24.30
N PRO C 304 -19.70 23.98 24.51
CA PRO C 304 -20.22 22.76 25.08
C PRO C 304 -19.87 21.60 24.16
N ASP C 305 -19.64 20.45 24.75
CA ASP C 305 -19.33 19.29 23.94
C ASP C 305 -17.95 19.32 23.32
N THR C 306 -17.06 20.12 23.87
CA THR C 306 -15.74 20.14 23.28
C THR C 306 -14.65 20.00 24.32
N ASP C 307 -13.54 19.40 23.89
CA ASP C 307 -12.33 19.22 24.69
C ASP C 307 -11.23 19.94 23.93
N PRO C 308 -11.04 21.22 24.24
CA PRO C 308 -10.05 22.04 23.57
C PRO C 308 -8.63 21.72 24.00
N VAL C 309 -7.65 22.05 23.14
CA VAL C 309 -6.24 21.78 23.43
C VAL C 309 -5.35 22.99 23.68
N TRP C 310 -5.99 24.14 23.67
CA TRP C 310 -5.34 25.37 23.99
C TRP C 310 -4.00 25.59 23.34
N HIS C 311 -4.01 25.52 22.04
CA HIS C 311 -2.80 25.76 21.33
C HIS C 311 -2.41 27.22 21.63
N LEU C 312 -3.42 28.11 21.71
CA LEU C 312 -3.26 29.53 22.02
C LEU C 312 -4.27 30.02 23.05
N PHE C 313 -3.80 30.77 24.03
CA PHE C 313 -4.73 31.31 25.00
C PHE C 313 -4.84 32.76 24.67
N THR C 314 -5.98 33.11 24.08
CA THR C 314 -6.23 34.47 23.61
C THR C 314 -7.28 35.31 24.37
N VAL C 315 -6.95 36.59 24.52
CA VAL C 315 -7.84 37.54 25.18
C VAL C 315 -8.14 38.67 24.22
N ARG C 316 -9.20 39.40 24.52
CA ARG C 316 -9.60 40.50 23.68
C ARG C 316 -9.79 41.77 24.53
N THR C 317 -9.47 42.89 23.91
CA THR C 317 -9.59 44.17 24.57
C THR C 317 -9.40 45.25 23.55
N GLU C 318 -9.95 46.40 23.87
CA GLU C 318 -9.72 47.52 23.01
C GLU C 318 -8.63 48.18 23.82
N ARG C 319 -7.51 48.51 23.17
CA ARG C 319 -6.32 49.08 23.80
C ARG C 319 -5.30 47.95 23.94
N ARG C 320 -5.44 47.03 22.95
CA ARG C 320 -4.62 45.84 22.82
C ARG C 320 -3.14 46.13 22.81
N ASP C 321 -2.75 47.08 21.95
CA ASP C 321 -1.37 47.51 21.79
C ASP C 321 -0.87 47.92 23.14
N GLU C 322 -1.67 48.76 23.78
CA GLU C 322 -1.31 49.24 25.10
C GLU C 322 -1.15 48.09 26.06
N LEU C 323 -2.06 47.12 25.92
CA LEU C 323 -2.00 45.96 26.79
C LEU C 323 -0.72 45.19 26.54
N ARG C 324 -0.34 45.09 25.28
CA ARG C 324 0.89 44.37 24.98
C ARG C 324 2.11 45.05 25.56
N SER C 325 2.23 46.34 25.26
CA SER C 325 3.35 47.15 25.75
C SER C 325 3.60 46.88 27.23
N HIS C 326 2.54 47.13 27.99
CA HIS C 326 2.50 46.95 29.41
C HIS C 326 3.10 45.64 29.85
N LEU C 327 2.61 44.61 29.17
CA LEU C 327 3.02 43.25 29.39
C LEU C 327 4.47 43.12 29.04
N ASP C 328 4.78 43.73 27.91
CA ASP C 328 6.12 43.72 27.42
C ASP C 328 7.03 44.34 28.46
N ALA C 329 6.58 45.49 28.92
CA ALA C 329 7.38 46.15 29.91
C ALA C 329 7.56 45.29 31.14
N ARG C 330 6.51 44.53 31.46
CA ARG C 330 6.56 43.65 32.62
C ARG C 330 7.34 42.37 32.37
N GLY C 331 8.01 42.32 31.24
CA GLY C 331 8.81 41.14 30.92
C GLY C 331 7.93 39.92 30.60
N ILE C 332 6.89 40.14 29.78
CA ILE C 332 5.99 39.08 29.37
C ILE C 332 5.82 39.05 27.87
N ASP C 333 6.45 38.06 27.23
CA ASP C 333 6.37 37.91 25.79
C ASP C 333 4.95 37.53 25.36
N THR C 334 4.53 38.10 24.24
CA THR C 334 3.22 37.83 23.70
C THR C 334 3.25 37.89 22.18
N LEU C 335 2.12 37.53 21.60
CA LEU C 335 1.97 37.54 20.18
C LEU C 335 0.52 37.79 19.80
N THR C 336 0.32 38.13 18.55
CA THR C 336 -1.01 38.41 18.11
C THR C 336 -1.36 37.52 16.98
N HIS C 337 -2.41 36.77 17.22
CA HIS C 337 -2.92 35.83 16.26
C HIS C 337 -4.34 36.18 15.83
N TYR C 338 -4.50 36.93 14.74
CA TYR C 338 -3.42 37.45 13.91
C TYR C 338 -3.56 38.96 13.79
N PRO C 339 -2.47 39.62 13.38
CA PRO C 339 -2.44 41.06 13.24
C PRO C 339 -3.44 41.67 12.25
N VAL C 340 -3.47 41.12 11.06
CA VAL C 340 -4.34 41.59 9.99
C VAL C 340 -5.20 40.44 9.54
N PRO C 341 -6.46 40.70 9.24
CA PRO C 341 -7.36 39.66 8.79
C PRO C 341 -7.04 39.32 7.34
N VAL C 342 -7.06 38.04 7.00
CA VAL C 342 -6.74 37.61 5.64
C VAL C 342 -7.26 38.50 4.52
N HIS C 343 -8.54 38.85 4.55
CA HIS C 343 -9.09 39.68 3.48
C HIS C 343 -8.38 41.00 3.29
N LEU C 344 -7.77 41.48 4.37
CA LEU C 344 -7.05 42.72 4.38
C LEU C 344 -5.55 42.53 4.18
N SER C 345 -5.16 41.34 3.75
CA SER C 345 -3.74 41.10 3.52
C SER C 345 -3.39 41.57 2.12
N PRO C 346 -2.26 42.23 2.00
CA PRO C 346 -1.92 42.65 0.69
C PRO C 346 -1.99 41.43 -0.19
N ALA C 347 -1.58 40.29 0.40
CA ALA C 347 -1.60 39.02 -0.30
C ALA C 347 -2.91 38.74 -1.02
N TYR C 348 -4.02 39.05 -0.36
CA TYR C 348 -5.36 38.80 -0.92
C TYR C 348 -6.16 40.06 -1.20
N ALA C 349 -5.88 41.11 -0.43
CA ALA C 349 -6.58 42.39 -0.54
C ALA C 349 -7.23 42.66 -1.89
N GLY C 350 -6.49 42.46 -2.98
CA GLY C 350 -7.05 42.73 -4.30
C GLY C 350 -8.23 41.87 -4.72
N GLU C 351 -8.45 40.77 -4.01
CA GLU C 351 -9.53 39.89 -4.39
C GLU C 351 -10.52 39.58 -3.30
N ALA C 352 -10.25 39.99 -2.07
CA ALA C 352 -11.17 39.69 -1.01
C ALA C 352 -12.18 40.79 -0.77
N PRO C 353 -13.14 40.49 0.10
CA PRO C 353 -14.19 41.41 0.48
C PRO C 353 -13.60 42.70 1.06
N PRO C 354 -14.17 43.82 0.65
CA PRO C 354 -13.71 45.12 1.11
C PRO C 354 -13.70 45.24 2.61
N GLU C 355 -12.89 46.16 3.11
CA GLU C 355 -12.85 46.38 4.53
C GLU C 355 -14.27 46.77 5.00
N GLY C 356 -14.65 46.26 6.17
CA GLY C 356 -15.95 46.58 6.71
C GLY C 356 -16.94 45.43 6.54
N SER C 357 -16.76 44.67 5.45
CA SER C 357 -17.61 43.54 5.15
C SER C 357 -17.39 42.30 6.02
N LEU C 358 -16.26 42.25 6.74
CA LEU C 358 -15.93 41.13 7.62
C LEU C 358 -15.51 41.62 9.01
N PRO C 359 -16.44 42.33 9.65
CA PRO C 359 -16.30 42.94 10.95
C PRO C 359 -15.69 42.05 12.03
N ARG C 360 -16.25 40.83 12.15
CA ARG C 360 -15.78 39.85 13.13
C ARG C 360 -14.29 39.65 13.02
N ALA C 361 -13.85 39.20 11.83
CA ALA C 361 -12.44 39.00 11.61
C ALA C 361 -11.71 40.33 11.81
N GLU C 362 -12.27 41.40 11.23
CA GLU C 362 -11.63 42.68 11.37
C GLU C 362 -11.49 43.13 12.82
N SER C 363 -12.57 42.92 13.58
CA SER C 363 -12.51 43.30 14.97
C SER C 363 -11.54 42.42 15.77
N PHE C 364 -11.42 41.18 15.33
CA PHE C 364 -10.56 40.24 16.01
C PHE C 364 -9.13 40.70 15.91
N ALA C 365 -8.77 41.05 14.69
CA ALA C 365 -7.43 41.51 14.43
C ALA C 365 -7.05 42.71 15.27
N ARG C 366 -8.03 43.58 15.53
CA ARG C 366 -7.81 44.78 16.31
C ARG C 366 -7.75 44.62 17.81
N GLN C 367 -8.39 43.60 18.35
CA GLN C 367 -8.38 43.47 19.81
C GLN C 367 -7.68 42.28 20.44
N VAL C 368 -7.36 41.25 19.66
CA VAL C 368 -6.76 40.03 20.15
C VAL C 368 -5.32 39.99 20.60
N LEU C 369 -5.10 39.25 21.68
CA LEU C 369 -3.78 39.07 22.20
C LEU C 369 -3.60 37.68 22.78
N SER C 370 -2.45 37.03 22.50
CA SER C 370 -2.12 35.69 22.99
C SER C 370 -1.16 35.79 24.16
N LEU C 371 -1.56 35.12 25.26
CA LEU C 371 -0.83 35.06 26.52
C LEU C 371 -0.01 33.77 26.58
N PRO C 372 1.14 33.81 27.23
CA PRO C 372 1.99 32.65 27.35
C PRO C 372 1.29 31.38 27.78
N ILE C 373 1.52 30.32 27.00
CA ILE C 373 0.94 29.00 27.26
C ILE C 373 1.71 27.92 26.53
N GLY C 374 1.79 26.74 27.15
CA GLY C 374 2.50 25.57 26.66
C GLY C 374 2.80 24.59 27.79
N PRO C 375 3.32 23.41 27.44
CA PRO C 375 3.63 22.36 28.40
C PRO C 375 4.85 22.57 29.25
N HIS C 376 5.59 23.63 28.99
CA HIS C 376 6.78 23.87 29.80
C HIS C 376 6.76 25.17 30.57
N LEU C 377 5.59 25.82 30.52
CA LEU C 377 5.29 27.06 31.22
C LEU C 377 5.04 26.68 32.66
N GLU C 378 5.68 27.39 33.59
CA GLU C 378 5.49 27.07 34.99
C GLU C 378 4.34 27.85 35.60
N ARG C 379 3.71 27.28 36.61
CA ARG C 379 2.57 27.94 37.22
C ARG C 379 2.84 29.40 37.65
N PRO C 380 3.99 29.63 38.27
CA PRO C 380 4.34 30.96 38.74
C PRO C 380 4.43 31.94 37.58
N GLN C 381 5.14 31.53 36.53
CA GLN C 381 5.28 32.37 35.37
C GLN C 381 3.90 32.72 34.81
N ALA C 382 2.94 31.81 34.94
CA ALA C 382 1.60 32.10 34.48
C ALA C 382 0.96 33.11 35.43
N LEU C 383 1.42 33.07 36.66
CA LEU C 383 0.87 33.98 37.64
C LEU C 383 1.21 35.43 37.32
N ARG C 384 2.47 35.69 37.04
CA ARG C 384 2.78 37.05 36.73
C ARG C 384 1.98 37.53 35.53
N VAL C 385 1.73 36.64 34.58
CA VAL C 385 0.95 37.04 33.43
C VAL C 385 -0.38 37.55 33.94
N ILE C 386 -0.92 36.79 34.90
CA ILE C 386 -2.18 37.10 35.52
C ILE C 386 -2.06 38.40 36.24
N ASP C 387 -1.10 38.40 37.14
CA ASP C 387 -0.85 39.58 37.91
C ASP C 387 -0.77 40.82 37.04
N ALA C 388 0.09 40.77 36.04
CA ALA C 388 0.27 41.87 35.11
C ALA C 388 -1.01 42.27 34.40
N VAL C 389 -1.74 41.28 33.89
CA VAL C 389 -2.97 41.61 33.20
C VAL C 389 -3.92 42.35 34.11
N ARG C 390 -4.03 41.84 35.33
CA ARG C 390 -4.90 42.42 36.32
C ARG C 390 -4.65 43.92 36.46
N GLU C 391 -3.43 44.21 36.89
CA GLU C 391 -2.98 45.58 37.10
C GLU C 391 -3.22 46.44 35.87
N TRP C 392 -2.64 46.05 34.74
CA TRP C 392 -2.89 46.87 33.58
C TRP C 392 -4.33 47.28 33.58
N ALA C 393 -5.16 46.29 33.88
CA ALA C 393 -6.59 46.47 33.91
C ALA C 393 -7.04 47.20 35.16
N GLU C 394 -6.45 46.85 36.30
CA GLU C 394 -6.81 47.51 37.54
C GLU C 394 -6.19 48.86 37.74
N ARG C 395 -5.88 49.48 36.61
CA ARG C 395 -5.30 50.79 36.50
C ARG C 395 -6.15 51.54 35.48
N VAL C 396 -5.99 51.08 34.25
CA VAL C 396 -6.65 51.56 33.04
C VAL C 396 -8.16 51.73 33.24
N THR D 27 29.65 -13.01 -2.44
CA THR D 27 29.89 -11.93 -1.49
C THR D 27 28.79 -10.90 -1.53
N PRO D 28 28.93 -9.88 -0.67
CA PRO D 28 27.96 -8.79 -0.63
C PRO D 28 27.81 -8.05 -1.96
N ARG D 29 26.55 -7.85 -2.38
CA ARG D 29 26.22 -7.17 -3.63
C ARG D 29 26.82 -5.76 -3.69
N VAL D 30 26.97 -5.27 -4.91
CA VAL D 30 27.47 -3.93 -5.10
C VAL D 30 26.21 -3.07 -5.11
N PRO D 31 26.11 -2.19 -4.10
CA PRO D 31 25.00 -1.28 -3.91
C PRO D 31 25.08 -0.12 -4.86
N PHE D 32 23.91 0.44 -5.20
CA PHE D 32 23.88 1.56 -6.11
C PHE D 32 24.50 2.86 -5.58
N LEU D 33 24.15 3.22 -4.35
CA LEU D 33 24.61 4.42 -3.67
C LEU D 33 24.31 4.31 -2.17
N ASP D 34 25.33 3.99 -1.39
CA ASP D 34 25.23 3.80 0.05
C ASP D 34 25.20 5.09 0.84
N LEU D 35 24.01 5.43 1.35
CA LEU D 35 23.80 6.66 2.13
C LEU D 35 24.41 6.65 3.51
N LYS D 36 24.47 5.46 4.10
CA LYS D 36 25.01 5.29 5.44
C LYS D 36 26.49 5.61 5.49
N ALA D 37 27.17 5.16 4.43
CA ALA D 37 28.59 5.35 4.25
C ALA D 37 28.90 6.83 4.42
N ALA D 38 27.98 7.65 3.91
CA ALA D 38 28.11 9.10 3.97
C ALA D 38 27.97 9.64 5.38
N TYR D 39 27.10 8.99 6.16
CA TYR D 39 26.90 9.36 7.54
C TYR D 39 28.12 8.83 8.30
N GLU D 40 28.35 7.53 8.13
CA GLU D 40 29.46 6.88 8.79
C GLU D 40 30.76 7.71 8.76
N GLU D 41 31.19 8.04 7.55
CA GLU D 41 32.39 8.80 7.32
C GLU D 41 32.52 10.06 8.14
N LEU D 42 31.41 10.76 8.34
CA LEU D 42 31.47 11.99 9.10
C LEU D 42 30.62 11.89 10.34
N ARG D 43 30.54 10.66 10.84
CA ARG D 43 29.73 10.34 11.99
C ARG D 43 29.72 11.36 13.10
N ALA D 44 30.89 11.58 13.67
CA ALA D 44 31.07 12.48 14.76
C ALA D 44 30.69 13.90 14.47
N GLU D 45 31.25 14.43 13.39
CA GLU D 45 30.95 15.79 13.02
C GLU D 45 29.43 15.96 12.90
N THR D 46 28.81 15.02 12.19
CA THR D 46 27.38 15.05 11.99
C THR D 46 26.60 15.05 13.29
N ASP D 47 26.86 14.05 14.12
CA ASP D 47 26.19 13.98 15.39
C ASP D 47 26.29 15.32 16.11
N ALA D 48 27.53 15.75 16.25
CA ALA D 48 27.78 16.99 16.92
C ALA D 48 27.03 18.18 16.33
N ALA D 49 26.88 18.19 15.00
CA ALA D 49 26.16 19.29 14.36
C ALA D 49 24.67 19.26 14.68
N ILE D 50 24.11 18.06 14.69
CA ILE D 50 22.71 17.88 14.99
C ILE D 50 22.42 18.28 16.45
N ALA D 51 23.33 17.85 17.32
CA ALA D 51 23.22 18.13 18.72
C ALA D 51 23.15 19.63 18.94
N ARG D 52 24.01 20.32 18.21
CA ARG D 52 24.09 21.77 18.30
C ARG D 52 22.73 22.36 18.01
N VAL D 53 22.14 21.88 16.91
CA VAL D 53 20.83 22.33 16.51
C VAL D 53 19.81 22.03 17.60
N LEU D 54 19.72 20.77 17.98
CA LEU D 54 18.79 20.40 19.01
C LEU D 54 18.86 21.32 20.23
N ASP D 55 20.07 21.56 20.66
CA ASP D 55 20.34 22.40 21.82
C ASP D 55 20.00 23.84 21.57
N SER D 56 20.05 24.22 20.31
CA SER D 56 19.77 25.59 19.95
C SER D 56 18.40 26.06 20.35
N GLY D 57 17.39 25.21 20.20
CA GLY D 57 16.05 25.63 20.50
C GLY D 57 15.51 26.42 19.28
N ARG D 58 16.34 26.53 18.24
CA ARG D 58 15.96 27.23 17.02
C ARG D 58 16.01 26.21 15.90
N TYR D 59 14.85 25.87 15.34
CA TYR D 59 14.74 24.84 14.32
C TYR D 59 14.47 25.26 12.86
N LEU D 60 13.89 26.45 12.67
CA LEU D 60 13.56 27.02 11.36
C LEU D 60 14.08 28.45 11.16
N LEU D 61 14.49 28.78 9.93
CA LEU D 61 14.99 30.12 9.61
C LEU D 61 15.99 30.67 10.65
N GLY D 62 17.10 29.98 10.85
CA GLY D 62 18.06 30.45 11.81
C GLY D 62 19.45 30.58 11.22
N PRO D 63 20.37 30.59 12.13
CA PRO D 63 21.80 30.71 11.86
C PRO D 63 22.36 29.63 11.00
N GLU D 64 21.85 28.40 11.15
CA GLU D 64 22.38 27.33 10.34
C GLU D 64 22.02 27.59 8.89
N LEU D 65 20.77 27.99 8.71
CA LEU D 65 20.30 28.28 7.38
C LEU D 65 21.14 29.38 6.76
N GLU D 66 21.34 30.46 7.52
CA GLU D 66 22.17 31.58 7.02
C GLU D 66 23.58 31.15 6.68
N GLY D 67 24.24 30.50 7.62
CA GLY D 67 25.58 30.07 7.34
C GLY D 67 25.65 29.23 6.08
N PHE D 68 24.77 28.24 5.97
CA PHE D 68 24.75 27.36 4.82
C PHE D 68 24.57 28.10 3.52
N GLU D 69 23.62 29.04 3.53
CA GLU D 69 23.33 29.83 2.35
C GLU D 69 24.57 30.59 1.90
N ALA D 70 25.21 31.29 2.85
CA ALA D 70 26.41 32.06 2.55
C ALA D 70 27.49 31.16 1.98
N GLU D 71 27.76 30.10 2.70
CA GLU D 71 28.76 29.16 2.25
C GLU D 71 28.35 28.55 0.92
N PHE D 72 27.07 28.17 0.78
CA PHE D 72 26.62 27.59 -0.47
C PHE D 72 26.77 28.55 -1.63
N ALA D 73 26.38 29.80 -1.40
CA ALA D 73 26.47 30.82 -2.43
C ALA D 73 27.93 31.00 -2.79
N ALA D 74 28.76 31.08 -1.75
CA ALA D 74 30.17 31.25 -1.98
C ALA D 74 30.69 30.12 -2.86
N TYR D 75 30.33 28.89 -2.50
CA TYR D 75 30.72 27.69 -3.24
C TYR D 75 30.42 27.74 -4.73
N CYS D 76 29.20 28.19 -5.08
CA CYS D 76 28.73 28.30 -6.47
C CYS D 76 29.18 29.53 -7.19
N GLU D 77 30.10 30.25 -6.59
CA GLU D 77 30.60 31.47 -7.20
C GLU D 77 29.51 32.48 -7.47
N THR D 78 28.66 32.67 -6.44
CA THR D 78 27.54 33.59 -6.48
C THR D 78 27.33 34.36 -5.16
N ASP D 79 26.38 35.28 -5.13
CA ASP D 79 26.14 36.12 -3.97
C ASP D 79 24.94 35.75 -3.13
N HIS D 80 23.99 35.08 -3.77
CA HIS D 80 22.77 34.71 -3.08
C HIS D 80 22.42 33.24 -3.21
N ALA D 81 21.97 32.69 -2.08
CA ALA D 81 21.52 31.31 -1.91
C ALA D 81 20.29 31.35 -1.02
N VAL D 82 19.19 30.73 -1.47
CA VAL D 82 17.93 30.67 -0.72
C VAL D 82 17.58 29.22 -0.45
N GLY D 83 17.56 28.81 0.82
CA GLY D 83 17.24 27.42 1.19
C GLY D 83 15.73 27.16 1.22
N VAL D 84 15.34 26.11 0.49
CA VAL D 84 13.97 25.69 0.36
C VAL D 84 13.80 24.22 0.73
N ASN D 85 12.61 23.68 0.52
CA ASN D 85 12.34 22.28 0.87
C ASN D 85 12.75 21.21 -0.12
N SER D 86 12.83 21.56 -1.40
CA SER D 86 13.19 20.59 -2.38
C SER D 86 13.65 21.25 -3.64
N GLY D 87 14.20 20.40 -4.50
CA GLY D 87 14.68 20.85 -5.79
C GLY D 87 13.45 21.18 -6.63
N MET D 88 12.35 20.50 -6.34
CA MET D 88 11.16 20.84 -7.10
C MET D 88 10.68 22.25 -6.79
N ASP D 89 10.55 22.56 -5.49
CA ASP D 89 10.09 23.89 -5.07
C ASP D 89 11.04 24.98 -5.49
N ALA D 90 12.33 24.63 -5.49
CA ALA D 90 13.37 25.57 -5.89
C ALA D 90 13.11 26.02 -7.34
N LEU D 91 12.94 25.07 -8.25
CA LEU D 91 12.61 25.42 -9.61
C LEU D 91 11.32 26.24 -9.61
N GLN D 92 10.28 25.67 -9.04
CA GLN D 92 9.01 26.39 -9.02
C GLN D 92 9.13 27.81 -8.51
N LEU D 93 9.61 27.94 -7.30
CA LEU D 93 9.77 29.25 -6.71
C LEU D 93 10.58 30.22 -7.60
N ALA D 94 11.66 29.74 -8.23
CA ALA D 94 12.50 30.58 -9.08
C ALA D 94 11.70 31.08 -10.25
N LEU D 95 10.92 30.19 -10.85
CA LEU D 95 10.09 30.56 -11.98
C LEU D 95 9.07 31.62 -11.56
N ARG D 96 8.32 31.26 -10.52
CA ARG D 96 7.30 32.14 -9.96
C ARG D 96 7.90 33.47 -9.57
N GLY D 97 9.17 33.43 -9.12
CA GLY D 97 9.90 34.61 -8.71
C GLY D 97 10.33 35.50 -9.86
N LEU D 98 10.34 34.93 -11.06
CA LEU D 98 10.70 35.63 -12.30
C LEU D 98 9.43 36.00 -13.05
N GLY D 99 8.31 35.87 -12.34
CA GLY D 99 7.00 36.17 -12.87
C GLY D 99 6.42 35.13 -13.83
N ILE D 100 7.04 33.96 -13.98
CA ILE D 100 6.48 32.99 -14.89
C ILE D 100 5.13 32.44 -14.40
N GLY D 101 4.17 32.29 -15.31
CA GLY D 101 2.88 31.78 -14.89
C GLY D 101 1.94 31.37 -16.02
N PRO D 102 0.65 31.49 -15.74
CA PRO D 102 -0.37 31.15 -16.69
C PRO D 102 -0.16 31.94 -17.97
N GLY D 103 -0.38 31.28 -19.10
CA GLY D 103 -0.20 31.91 -20.39
C GLY D 103 1.25 31.86 -20.87
N ASP D 104 2.19 31.66 -19.94
CA ASP D 104 3.59 31.60 -20.30
C ASP D 104 4.02 30.18 -20.66
N GLU D 105 5.06 30.11 -21.48
CA GLU D 105 5.63 28.84 -21.91
C GLU D 105 7.06 28.73 -21.43
N VAL D 106 7.47 27.53 -21.02
CA VAL D 106 8.84 27.34 -20.55
C VAL D 106 9.47 26.20 -21.28
N ILE D 107 10.67 26.43 -21.82
CA ILE D 107 11.31 25.34 -22.55
C ILE D 107 11.97 24.40 -21.57
N VAL D 108 11.56 23.15 -21.65
CA VAL D 108 12.08 22.12 -20.80
C VAL D 108 12.70 21.06 -21.67
N PRO D 109 13.66 20.30 -21.11
CA PRO D 109 14.27 19.23 -21.86
C PRO D 109 13.29 18.06 -21.97
N SER D 110 13.38 17.33 -23.06
CA SER D 110 12.52 16.18 -23.29
C SER D 110 13.02 15.06 -22.41
N HIS D 111 14.35 15.03 -22.25
CA HIS D 111 15.02 14.04 -21.45
C HIS D 111 15.49 14.65 -20.15
N THR D 112 14.81 14.28 -19.06
CA THR D 112 15.07 14.76 -17.69
C THR D 112 14.09 14.11 -16.71
N TYR D 113 14.25 14.45 -15.42
CA TYR D 113 13.39 13.94 -14.40
C TYR D 113 12.09 14.73 -14.46
N ILE D 114 10.95 14.07 -14.25
CA ILE D 114 9.66 14.75 -14.30
C ILE D 114 9.58 16.05 -13.51
N ALA D 115 10.33 16.13 -12.40
CA ALA D 115 10.31 17.32 -11.56
C ALA D 115 10.56 18.61 -12.38
N SER D 116 11.39 18.51 -13.41
CA SER D 116 11.68 19.67 -14.25
C SER D 116 10.40 20.26 -14.83
N TRP D 117 9.58 19.39 -15.41
CA TRP D 117 8.34 19.87 -15.98
C TRP D 117 7.28 20.22 -14.96
N LEU D 118 7.27 19.45 -13.87
CA LEU D 118 6.29 19.67 -12.83
C LEU D 118 6.37 21.06 -12.20
N ALA D 119 7.59 21.55 -12.07
CA ALA D 119 7.82 22.85 -11.49
C ALA D 119 7.20 23.95 -12.35
N VAL D 120 7.25 23.73 -13.67
CA VAL D 120 6.70 24.64 -14.66
C VAL D 120 5.18 24.59 -14.58
N SER D 121 4.68 23.36 -14.71
CA SER D 121 3.26 23.13 -14.63
C SER D 121 2.71 23.75 -13.36
N ALA D 122 3.47 23.63 -12.26
CA ALA D 122 3.02 24.15 -11.00
C ALA D 122 2.74 25.66 -10.98
N THR D 123 3.33 26.39 -11.91
CA THR D 123 3.09 27.82 -11.91
C THR D 123 1.87 28.19 -12.69
N GLY D 124 1.52 27.30 -13.60
CA GLY D 124 0.39 27.57 -14.45
C GLY D 124 0.93 27.80 -15.83
N ALA D 125 2.28 27.83 -15.88
CA ALA D 125 3.01 27.99 -17.12
C ALA D 125 2.97 26.64 -17.80
N THR D 126 3.25 26.62 -19.10
CA THR D 126 3.24 25.38 -19.88
C THR D 126 4.63 24.92 -20.27
N PRO D 127 4.99 23.69 -19.90
CA PRO D 127 6.31 23.15 -20.21
C PRO D 127 6.35 22.68 -21.65
N VAL D 128 7.35 23.14 -22.38
CA VAL D 128 7.55 22.79 -23.77
C VAL D 128 8.86 22.05 -23.90
N PRO D 129 8.75 20.77 -24.19
CA PRO D 129 9.87 19.87 -24.32
C PRO D 129 10.67 20.07 -25.60
N VAL D 130 11.99 20.14 -25.42
CA VAL D 130 12.96 20.27 -26.49
C VAL D 130 14.00 19.20 -26.29
N GLU D 131 14.28 18.46 -27.35
CA GLU D 131 15.24 17.38 -27.28
C GLU D 131 16.65 17.79 -26.85
N PRO D 132 17.35 16.79 -26.35
CA PRO D 132 18.73 16.95 -25.92
C PRO D 132 19.63 16.63 -27.11
N HIS D 133 20.92 16.66 -26.81
CA HIS D 133 21.90 16.33 -27.81
C HIS D 133 21.64 14.88 -28.13
N GLU D 134 22.12 14.44 -29.27
CA GLU D 134 21.88 13.06 -29.59
C GLU D 134 22.68 12.13 -28.69
N ASP D 135 23.86 12.58 -28.25
CA ASP D 135 24.79 11.82 -27.41
C ASP D 135 25.09 12.46 -26.04
N HIS D 136 24.49 13.60 -25.73
CA HIS D 136 24.74 14.25 -24.46
C HIS D 136 23.40 14.47 -23.80
N PRO D 137 23.29 14.16 -22.50
CA PRO D 137 22.04 14.25 -21.74
C PRO D 137 21.53 15.67 -21.46
N THR D 138 21.95 16.63 -22.26
CA THR D 138 21.54 18.02 -22.09
C THR D 138 20.83 18.61 -23.30
N LEU D 139 20.03 19.64 -23.03
CA LEU D 139 19.25 20.37 -24.02
C LEU D 139 20.02 20.76 -25.28
N ASP D 140 19.47 20.42 -26.44
CA ASP D 140 20.08 20.72 -27.73
C ASP D 140 19.81 22.16 -28.13
N PRO D 141 20.79 23.06 -27.92
CA PRO D 141 20.58 24.48 -28.23
C PRO D 141 19.98 24.76 -29.59
N LEU D 142 20.44 23.99 -30.58
CA LEU D 142 19.97 24.11 -31.94
C LEU D 142 18.48 23.90 -32.08
N LEU D 143 17.93 23.05 -31.23
CA LEU D 143 16.51 22.78 -31.29
C LEU D 143 15.69 23.69 -30.41
N VAL D 144 16.35 24.36 -29.51
CA VAL D 144 15.63 25.24 -28.64
C VAL D 144 14.97 26.38 -29.38
N GLU D 145 15.86 27.17 -29.93
CA GLU D 145 15.51 28.33 -30.68
C GLU D 145 14.32 28.11 -31.59
N LYS D 146 14.25 26.89 -32.08
CA LYS D 146 13.19 26.45 -32.97
C LYS D 146 11.85 26.17 -32.25
N ALA D 147 11.88 26.08 -30.93
CA ALA D 147 10.63 25.80 -30.22
C ALA D 147 10.10 27.06 -29.56
N ILE D 148 10.84 28.13 -29.74
CA ILE D 148 10.41 29.39 -29.17
C ILE D 148 9.13 29.88 -29.84
N THR D 149 8.23 30.37 -29.00
CA THR D 149 6.96 30.95 -29.40
C THR D 149 6.87 32.35 -28.80
N PRO D 150 5.75 33.00 -28.96
CA PRO D 150 5.65 34.34 -28.39
C PRO D 150 5.39 34.24 -26.91
N ARG D 151 4.83 33.10 -26.51
CA ARG D 151 4.51 32.82 -25.14
C ARG D 151 5.72 32.36 -24.32
N THR D 152 6.87 32.18 -25.00
CA THR D 152 8.09 31.76 -24.35
C THR D 152 8.66 32.79 -23.41
N ARG D 153 8.94 32.38 -22.17
CA ARG D 153 9.47 33.29 -21.15
C ARG D 153 10.79 32.84 -20.55
N ALA D 154 11.06 31.55 -20.65
CA ALA D 154 12.31 31.07 -20.11
C ALA D 154 12.71 29.73 -20.66
N LEU D 155 13.95 29.41 -20.31
CA LEU D 155 14.59 28.18 -20.66
C LEU D 155 14.90 27.47 -19.36
N LEU D 156 14.65 26.18 -19.34
CA LEU D 156 14.92 25.35 -18.19
C LEU D 156 15.87 24.22 -18.53
N PRO D 157 17.16 24.51 -18.54
CA PRO D 157 18.17 23.50 -18.85
C PRO D 157 18.45 22.63 -17.65
N VAL D 158 18.73 21.36 -17.91
CA VAL D 158 19.05 20.39 -16.87
C VAL D 158 20.42 19.87 -17.12
N HIS D 159 21.23 20.02 -16.11
CA HIS D 159 22.60 19.55 -16.14
C HIS D 159 22.51 18.11 -15.65
N LEU D 160 21.86 17.30 -16.49
CA LEU D 160 21.63 15.88 -16.19
C LEU D 160 22.86 15.02 -15.95
N TYR D 161 22.69 14.16 -14.95
CA TYR D 161 23.70 13.20 -14.53
C TYR D 161 24.96 13.82 -13.92
N GLY D 162 25.06 15.14 -13.97
CA GLY D 162 26.20 15.86 -13.43
C GLY D 162 27.02 16.47 -14.54
N HIS D 163 26.39 16.58 -15.73
CA HIS D 163 27.04 17.14 -16.91
C HIS D 163 26.40 18.46 -17.31
N PRO D 164 27.13 19.54 -17.15
CA PRO D 164 26.58 20.84 -17.50
C PRO D 164 26.05 20.97 -18.92
N ALA D 165 24.91 21.64 -19.07
CA ALA D 165 24.41 21.84 -20.40
C ALA D 165 25.26 22.93 -21.06
N ASP D 166 24.99 23.25 -22.33
CA ASP D 166 25.74 24.26 -23.07
C ASP D 166 25.29 25.67 -22.70
N MET D 167 25.82 26.17 -21.59
CA MET D 167 25.46 27.47 -21.09
C MET D 167 25.69 28.66 -22.03
N ASP D 168 26.88 28.76 -22.58
CA ASP D 168 27.14 29.85 -23.51
C ASP D 168 26.03 29.94 -24.58
N ALA D 169 25.85 28.84 -25.31
CA ALA D 169 24.83 28.78 -26.36
C ALA D 169 23.45 29.18 -25.85
N LEU D 170 23.08 28.60 -24.73
CA LEU D 170 21.80 28.87 -24.14
C LEU D 170 21.66 30.34 -23.72
N ARG D 171 22.64 30.88 -23.03
CA ARG D 171 22.48 32.26 -22.67
C ARG D 171 22.35 33.12 -23.91
N GLU D 172 23.17 32.81 -24.90
CA GLU D 172 23.12 33.58 -26.10
C GLU D 172 21.73 33.62 -26.68
N LEU D 173 21.14 32.43 -26.72
CA LEU D 173 19.81 32.27 -27.23
C LEU D 173 18.88 33.12 -26.38
N ALA D 174 18.99 32.96 -25.05
CA ALA D 174 18.14 33.68 -24.12
C ALA D 174 18.18 35.20 -24.23
N ASP D 175 19.38 35.75 -24.34
CA ASP D 175 19.44 37.18 -24.47
C ASP D 175 18.68 37.60 -25.71
N ARG D 176 19.07 36.98 -26.83
CA ARG D 176 18.49 37.23 -28.14
C ARG D 176 17.00 37.21 -28.15
N HIS D 177 16.43 36.37 -27.29
CA HIS D 177 15.00 36.28 -27.27
C HIS D 177 14.32 36.83 -26.04
N GLY D 178 15.09 37.51 -25.18
CA GLY D 178 14.50 38.09 -23.97
C GLY D 178 13.80 37.04 -23.11
N LEU D 179 14.51 35.93 -22.93
CA LEU D 179 14.03 34.81 -22.16
C LEU D 179 14.89 34.64 -20.93
N HIS D 180 14.30 34.05 -19.91
CA HIS D 180 15.03 33.79 -18.67
C HIS D 180 15.56 32.38 -18.72
N ILE D 181 16.47 32.08 -17.82
CA ILE D 181 16.99 30.75 -17.76
C ILE D 181 17.13 30.31 -16.33
N VAL D 182 16.37 29.30 -15.98
CA VAL D 182 16.41 28.71 -14.67
C VAL D 182 17.07 27.36 -14.88
N GLU D 183 18.20 27.14 -14.21
CA GLU D 183 18.89 25.88 -14.39
C GLU D 183 18.49 24.82 -13.38
N ASP D 184 18.37 23.60 -13.86
CA ASP D 184 18.06 22.53 -12.96
C ASP D 184 19.39 21.89 -12.66
N ALA D 185 19.96 22.25 -11.52
CA ALA D 185 21.26 21.73 -11.13
C ALA D 185 21.20 20.67 -10.05
N ALA D 186 20.02 20.04 -9.88
CA ALA D 186 19.80 19.04 -8.84
C ALA D 186 20.80 17.88 -8.81
N GLN D 187 21.30 17.52 -9.98
CA GLN D 187 22.26 16.45 -10.14
C GLN D 187 23.60 17.01 -10.49
N ALA D 188 23.81 18.31 -10.24
CA ALA D 188 25.11 18.83 -10.66
C ALA D 188 25.83 19.76 -9.71
N HIS D 189 25.72 19.50 -8.43
CA HIS D 189 26.38 20.35 -7.46
C HIS D 189 27.90 20.37 -7.62
N GLY D 190 28.51 21.57 -7.74
CA GLY D 190 29.97 21.70 -7.86
C GLY D 190 30.57 21.56 -9.27
N ALA D 191 29.78 21.11 -10.22
CA ALA D 191 30.33 20.98 -11.56
C ALA D 191 30.74 22.35 -12.13
N ARG D 192 31.59 22.32 -13.15
CA ARG D 192 32.06 23.54 -13.77
C ARG D 192 31.85 23.58 -15.26
N TYR D 193 31.52 24.77 -15.70
CA TYR D 193 31.28 25.09 -17.10
C TYR D 193 32.24 26.20 -17.52
N ARG D 194 33.08 25.91 -18.49
CA ARG D 194 34.04 26.91 -18.93
C ARG D 194 34.78 27.47 -17.71
N GLY D 195 35.08 26.59 -16.78
CA GLY D 195 35.81 26.96 -15.56
C GLY D 195 34.99 27.55 -14.41
N ARG D 196 33.74 27.90 -14.67
CA ARG D 196 32.92 28.47 -13.61
C ARG D 196 31.95 27.47 -12.99
N ARG D 197 31.66 27.66 -11.70
CA ARG D 197 30.75 26.77 -11.01
C ARG D 197 29.35 26.91 -11.56
N ILE D 198 28.67 25.78 -11.68
CA ILE D 198 27.31 25.87 -12.13
C ILE D 198 26.66 26.72 -11.04
N GLY D 199 25.91 27.76 -11.40
CA GLY D 199 25.30 28.62 -10.39
C GLY D 199 26.06 29.94 -10.18
N ALA D 200 27.21 30.03 -10.85
CA ALA D 200 28.09 31.19 -10.79
C ALA D 200 27.48 32.45 -11.43
N GLY D 201 27.83 33.58 -10.84
CA GLY D 201 27.41 34.92 -11.27
C GLY D 201 25.90 35.24 -11.38
N SER D 202 25.53 35.62 -12.58
CA SER D 202 24.18 36.00 -12.89
C SER D 202 23.25 34.80 -13.14
N SER D 203 23.74 33.58 -12.97
CA SER D 203 22.84 32.44 -13.19
C SER D 203 21.77 32.29 -12.08
N VAL D 204 20.67 31.63 -12.43
CA VAL D 204 19.54 31.28 -11.56
C VAL D 204 19.47 29.74 -11.60
N ALA D 205 20.01 29.09 -10.58
CA ALA D 205 20.01 27.64 -10.58
C ALA D 205 19.40 27.04 -9.33
N ALA D 206 18.65 25.98 -9.59
CA ALA D 206 17.97 25.20 -8.56
C ALA D 206 18.74 23.93 -8.27
N PHE D 207 18.84 23.64 -6.98
CA PHE D 207 19.50 22.47 -6.46
C PHE D 207 18.58 21.67 -5.51
N SER D 208 19.00 20.43 -5.27
CA SER D 208 18.34 19.49 -4.38
C SER D 208 19.36 18.95 -3.41
N PHE D 209 18.91 18.68 -2.19
CA PHE D 209 19.76 18.13 -1.16
C PHE D 209 19.16 16.81 -0.72
N TYR D 210 18.23 16.33 -1.56
CA TYR D 210 17.59 15.07 -1.34
C TYR D 210 18.76 14.14 -1.01
N PRO D 211 18.55 13.28 -0.02
CA PRO D 211 19.57 12.37 0.48
C PRO D 211 20.58 11.77 -0.49
N GLY D 212 20.07 11.33 -1.64
CA GLY D 212 20.85 10.67 -2.70
C GLY D 212 21.58 11.55 -3.73
N LYS D 213 21.50 12.88 -3.62
CA LYS D 213 22.20 13.80 -4.53
C LYS D 213 23.67 13.85 -4.13
N ASN D 214 24.53 14.40 -4.98
CA ASN D 214 25.95 14.50 -4.66
C ASN D 214 26.12 15.21 -3.33
N LEU D 215 25.25 16.22 -3.14
CA LEU D 215 25.20 17.03 -1.93
C LEU D 215 23.81 16.81 -1.33
N GLY D 216 23.78 15.98 -0.29
CA GLY D 216 22.50 15.64 0.33
C GLY D 216 22.50 15.52 1.86
N CYS D 217 21.29 15.51 2.42
CA CYS D 217 21.15 15.43 3.86
C CYS D 217 20.35 14.22 4.31
N PHE D 218 19.63 14.39 5.42
CA PHE D 218 18.79 13.34 6.00
C PHE D 218 17.31 13.69 5.92
N GLY D 219 16.91 14.27 4.80
CA GLY D 219 15.53 14.65 4.60
C GLY D 219 15.43 15.38 3.31
N ASP D 220 14.28 15.98 3.05
CA ASP D 220 14.16 16.71 1.80
C ASP D 220 14.80 18.07 1.96
N GLY D 221 15.17 18.70 0.85
CA GLY D 221 15.77 20.02 0.95
C GLY D 221 16.15 20.55 -0.41
N GLY D 222 16.36 21.85 -0.50
CA GLY D 222 16.73 22.41 -1.77
C GLY D 222 17.20 23.81 -1.61
N ALA D 223 17.44 24.45 -2.73
CA ALA D 223 17.88 25.82 -2.72
C ALA D 223 18.00 26.45 -4.11
N VAL D 224 17.82 27.77 -4.13
CA VAL D 224 17.98 28.52 -5.35
C VAL D 224 19.16 29.41 -5.07
N VAL D 225 20.07 29.53 -6.03
CA VAL D 225 21.23 30.39 -5.90
C VAL D 225 21.11 31.39 -7.03
N THR D 226 21.50 32.62 -6.76
CA THR D 226 21.42 33.66 -7.77
C THR D 226 22.27 34.87 -7.43
N GLY D 227 22.46 35.67 -8.45
CA GLY D 227 23.20 36.89 -8.28
C GLY D 227 22.22 37.99 -7.99
N ASP D 228 21.02 37.82 -8.54
CA ASP D 228 19.95 38.79 -8.39
C ASP D 228 19.51 38.93 -6.95
N PRO D 229 19.78 40.09 -6.38
CA PRO D 229 19.42 40.37 -5.00
C PRO D 229 17.91 40.58 -4.76
N GLU D 230 17.22 40.96 -5.84
CA GLU D 230 15.79 41.18 -5.79
C GLU D 230 15.04 39.86 -5.78
N LEU D 231 15.49 38.97 -6.67
CA LEU D 231 14.93 37.64 -6.81
C LEU D 231 15.13 36.91 -5.49
N ALA D 232 16.38 36.93 -4.99
CA ALA D 232 16.68 36.26 -3.72
C ALA D 232 15.63 36.61 -2.68
N GLU D 233 15.42 37.92 -2.57
CA GLU D 233 14.49 38.53 -1.65
C GLU D 233 13.11 38.00 -1.87
N ARG D 234 12.67 38.11 -3.12
CA ARG D 234 11.36 37.62 -3.46
C ARG D 234 11.21 36.18 -3.01
N LEU D 235 12.29 35.42 -3.16
CA LEU D 235 12.31 33.99 -2.81
C LEU D 235 12.14 33.70 -1.33
N ARG D 236 12.83 34.49 -0.53
CA ARG D 236 12.78 34.37 0.91
C ARG D 236 11.38 34.64 1.40
N MET D 237 10.67 35.46 0.63
CA MET D 237 9.32 35.77 0.97
C MET D 237 8.36 34.66 0.55
N LEU D 238 8.48 34.23 -0.72
CA LEU D 238 7.65 33.17 -1.30
C LEU D 238 7.75 31.84 -0.55
N ARG D 239 8.92 31.58 0.06
CA ARG D 239 9.12 30.35 0.81
C ARG D 239 8.66 30.46 2.24
N ASN D 240 8.32 31.70 2.60
CA ASN D 240 7.88 32.00 3.94
C ASN D 240 6.53 32.68 4.04
N TYR D 241 5.51 32.11 3.42
CA TYR D 241 4.18 32.67 3.51
C TYR D 241 4.11 34.09 2.97
N GLY D 242 5.00 34.35 2.00
CA GLY D 242 5.13 35.61 1.29
C GLY D 242 5.35 36.76 2.24
N SER D 243 6.21 36.52 3.22
CA SER D 243 6.46 37.53 4.21
C SER D 243 7.91 37.63 4.64
N ARG D 244 8.25 38.78 5.21
CA ARG D 244 9.60 39.06 5.68
C ARG D 244 9.61 39.56 7.12
N GLN D 245 8.41 39.74 7.64
CA GLN D 245 8.14 40.13 9.01
C GLN D 245 6.96 39.28 9.47
N LYS D 246 7.17 38.52 10.54
CA LYS D 246 6.12 37.66 11.08
C LYS D 246 4.71 38.24 10.96
N TYR D 247 3.84 37.54 10.23
CA TYR D 247 2.44 37.88 10.00
C TYR D 247 2.16 38.99 9.02
N SER D 248 3.17 39.32 8.22
CA SER D 248 3.11 40.33 7.18
C SER D 248 3.07 39.67 5.82
N HIS D 249 1.88 39.27 5.39
CA HIS D 249 1.70 38.59 4.12
C HIS D 249 1.52 39.57 2.97
N GLU D 250 2.67 40.05 2.51
CA GLU D 250 2.75 40.99 1.41
C GLU D 250 2.30 40.36 0.12
N THR D 251 2.61 39.08 -0.03
CA THR D 251 2.23 38.41 -1.21
C THR D 251 1.82 36.98 -0.91
N LYS D 252 1.19 36.35 -1.92
CA LYS D 252 0.77 34.97 -1.76
C LYS D 252 2.04 34.13 -1.73
N GLY D 253 2.26 33.42 -0.65
CA GLY D 253 3.44 32.58 -0.52
C GLY D 253 3.08 31.14 -0.11
N THR D 254 4.10 30.39 0.27
CA THR D 254 3.91 29.03 0.71
C THR D 254 4.93 28.70 1.79
N ASN D 255 4.97 27.43 2.14
CA ASN D 255 5.91 26.95 3.12
C ASN D 255 6.90 26.06 2.40
N SER D 256 8.09 26.57 2.16
CA SER D 256 9.14 25.79 1.52
C SER D 256 10.48 26.18 2.10
N ARG D 257 10.82 25.52 3.21
CA ARG D 257 12.07 25.80 3.90
C ARG D 257 13.05 24.64 4.11
N LEU D 258 14.28 25.01 4.40
CA LEU D 258 15.29 24.05 4.63
C LEU D 258 15.59 24.01 6.11
N ASP D 259 15.22 22.93 6.79
CA ASP D 259 15.40 22.80 8.23
C ASP D 259 16.78 23.19 8.74
N GLU D 260 16.79 23.73 9.95
CA GLU D 260 18.03 24.13 10.59
C GLU D 260 18.92 22.91 10.73
N MET D 261 18.25 21.81 11.08
CA MET D 261 18.90 20.53 11.26
C MET D 261 19.63 20.08 10.00
N GLN D 262 18.89 20.11 8.89
CA GLN D 262 19.43 19.73 7.62
C GLN D 262 20.52 20.70 7.19
N ALA D 263 20.27 22.00 7.40
CA ALA D 263 21.24 23.02 7.07
C ALA D 263 22.59 22.73 7.70
N ALA D 264 22.58 22.48 9.01
CA ALA D 264 23.82 22.17 9.71
C ALA D 264 24.56 21.01 9.05
N VAL D 265 23.81 19.93 8.78
CA VAL D 265 24.42 18.79 8.16
C VAL D 265 25.05 19.15 6.82
N LEU D 266 24.33 19.97 6.07
CA LEU D 266 24.80 20.38 4.75
C LEU D 266 26.10 21.17 4.77
N ARG D 267 26.33 21.89 5.86
CA ARG D 267 27.55 22.66 5.95
C ARG D 267 28.78 21.78 6.01
N ILE D 268 28.67 20.69 6.74
CA ILE D 268 29.76 19.75 6.85
C ILE D 268 30.00 19.10 5.50
N ARG D 269 28.94 18.52 4.95
CA ARG D 269 29.03 17.87 3.66
C ARG D 269 29.63 18.77 2.60
N LEU D 270 29.13 20.01 2.52
CA LEU D 270 29.60 20.97 1.53
C LEU D 270 31.11 21.06 1.50
N ALA D 271 31.70 20.95 2.68
CA ALA D 271 33.14 21.05 2.81
C ALA D 271 33.88 19.84 2.27
N HIS D 272 33.12 18.80 1.91
CA HIS D 272 33.72 17.57 1.41
C HIS D 272 33.23 17.32 0.01
N LEU D 273 32.43 18.28 -0.46
CA LEU D 273 31.82 18.20 -1.76
C LEU D 273 32.81 17.90 -2.88
N ASP D 274 33.75 18.79 -3.04
CA ASP D 274 34.78 18.64 -4.05
C ASP D 274 35.51 17.30 -3.90
N SER D 275 35.90 16.96 -2.68
CA SER D 275 36.59 15.70 -2.42
C SER D 275 35.74 14.54 -2.95
N TRP D 276 34.52 14.46 -2.40
CA TRP D 276 33.58 13.43 -2.79
C TRP D 276 33.39 13.28 -4.28
N ASN D 277 32.97 14.36 -4.93
CA ASN D 277 32.78 14.37 -6.37
C ASN D 277 34.07 13.93 -7.06
N GLY D 278 35.17 14.24 -6.44
CA GLY D 278 36.42 13.86 -7.01
C GLY D 278 36.48 12.35 -7.06
N ARG D 279 36.00 11.74 -5.99
CA ARG D 279 35.96 10.29 -5.89
C ARG D 279 35.10 9.76 -7.01
N ARG D 280 34.01 10.47 -7.31
CA ARG D 280 33.15 10.06 -8.41
C ARG D 280 33.89 10.16 -9.74
N SER D 281 34.65 11.24 -9.85
CA SER D 281 35.43 11.48 -11.05
C SER D 281 36.39 10.33 -11.37
N ALA D 282 37.13 9.85 -10.39
CA ALA D 282 38.04 8.75 -10.64
C ALA D 282 37.34 7.44 -11.00
N LEU D 283 36.18 7.19 -10.40
CA LEU D 283 35.47 5.99 -10.72
C LEU D 283 34.96 6.00 -12.15
N ALA D 284 34.54 7.19 -12.59
CA ALA D 284 34.05 7.38 -13.94
C ALA D 284 35.19 7.08 -14.90
N ALA D 285 36.37 7.57 -14.52
CA ALA D 285 37.58 7.37 -15.30
C ALA D 285 37.82 5.87 -15.46
N GLU D 286 37.65 5.15 -14.38
CA GLU D 286 37.86 3.73 -14.45
C GLU D 286 36.82 3.08 -15.34
N TYR D 287 35.59 3.53 -15.24
CA TYR D 287 34.58 2.93 -16.06
C TYR D 287 34.83 3.20 -17.52
N LEU D 288 35.16 4.45 -17.78
CA LEU D 288 35.42 4.90 -19.13
C LEU D 288 36.53 4.08 -19.78
N SER D 289 37.54 3.81 -18.96
CA SER D 289 38.69 3.05 -19.35
C SER D 289 38.39 1.57 -19.44
N GLY D 290 37.74 1.04 -18.40
CA GLY D 290 37.42 -0.37 -18.35
C GLY D 290 36.40 -0.79 -19.40
N LEU D 291 35.41 0.05 -19.67
CA LEU D 291 34.40 -0.28 -20.64
C LEU D 291 34.87 0.17 -22.00
N ALA D 292 36.17 0.37 -22.01
CA ALA D 292 36.94 0.81 -23.15
C ALA D 292 36.35 0.54 -24.52
N GLY D 293 36.54 -0.68 -25.04
CA GLY D 293 36.02 -0.95 -26.37
C GLY D 293 34.90 -1.95 -26.50
N LEU D 294 33.73 -1.61 -26.00
CA LEU D 294 32.61 -2.53 -26.13
C LEU D 294 31.61 -1.96 -27.12
N PRO D 295 31.84 -2.25 -28.39
CA PRO D 295 31.00 -1.79 -29.49
C PRO D 295 29.51 -1.66 -29.22
N GLY D 296 28.94 -2.52 -28.37
CA GLY D 296 27.51 -2.41 -28.11
C GLY D 296 27.16 -1.57 -26.88
N ILE D 297 28.21 -1.14 -26.19
CA ILE D 297 28.11 -0.35 -24.98
C ILE D 297 28.51 1.11 -25.13
N GLY D 298 27.47 1.96 -25.34
CA GLY D 298 27.53 3.40 -25.50
C GLY D 298 27.87 4.13 -24.21
N LEU D 299 29.07 4.69 -24.14
CA LEU D 299 29.48 5.37 -22.93
C LEU D 299 29.11 6.86 -22.86
N PRO D 300 29.19 7.39 -21.64
CA PRO D 300 28.87 8.79 -21.35
C PRO D 300 29.97 9.72 -21.83
N VAL D 301 29.57 10.72 -22.61
CA VAL D 301 30.46 11.71 -23.20
C VAL D 301 30.58 12.97 -22.39
N THR D 302 31.79 13.35 -22.06
CA THR D 302 32.00 14.57 -21.33
C THR D 302 32.21 15.73 -22.30
N ALA D 303 31.24 16.64 -22.36
CA ALA D 303 31.40 17.77 -23.26
C ALA D 303 32.62 18.62 -22.91
N PRO D 304 33.22 19.19 -23.94
CA PRO D 304 34.40 20.00 -23.72
C PRO D 304 33.98 21.25 -22.95
N ASP D 305 34.93 21.83 -22.23
CA ASP D 305 34.65 23.02 -21.44
C ASP D 305 33.82 22.71 -20.19
N THR D 306 33.63 21.42 -19.88
CA THR D 306 32.84 21.04 -18.72
C THR D 306 33.56 20.13 -17.77
N ASP D 307 33.25 20.31 -16.49
CA ASP D 307 33.78 19.50 -15.43
C ASP D 307 32.58 18.80 -14.79
N PRO D 308 32.30 17.56 -15.20
CA PRO D 308 31.17 16.80 -14.68
C PRO D 308 31.37 16.35 -13.25
N VAL D 309 30.26 16.18 -12.53
CA VAL D 309 30.29 15.74 -11.14
C VAL D 309 29.85 14.29 -11.00
N TRP D 310 29.45 13.73 -12.14
CA TRP D 310 29.04 12.35 -12.21
C TRP D 310 28.09 11.92 -11.10
N HIS D 311 26.92 12.56 -11.08
CA HIS D 311 25.91 12.22 -10.09
C HIS D 311 25.48 10.78 -10.35
N LEU D 312 25.47 10.49 -11.65
CA LEU D 312 25.15 9.20 -12.22
C LEU D 312 26.08 8.85 -13.37
N PHE D 313 26.51 7.59 -13.42
CA PHE D 313 27.35 7.10 -14.49
C PHE D 313 26.48 6.21 -15.38
N THR D 314 26.14 6.73 -16.56
CA THR D 314 25.27 6.02 -17.46
C THR D 314 25.86 5.50 -18.76
N VAL D 315 25.45 4.29 -19.09
CA VAL D 315 25.86 3.65 -20.32
C VAL D 315 24.60 3.40 -21.15
N ARG D 316 24.73 3.19 -22.44
CA ARG D 316 23.53 2.93 -23.23
C ARG D 316 23.67 1.63 -23.99
N THR D 317 22.54 0.92 -24.20
CA THR D 317 22.51 -0.34 -24.92
C THR D 317 21.12 -0.72 -25.35
N GLU D 318 21.06 -1.36 -26.48
CA GLU D 318 19.77 -1.84 -26.87
C GLU D 318 19.72 -3.08 -25.99
N ARG D 319 18.57 -3.46 -25.46
CA ARG D 319 18.54 -4.61 -24.59
C ARG D 319 19.22 -4.26 -23.25
N ARG D 320 18.97 -3.05 -22.78
CA ARG D 320 19.56 -2.65 -21.53
C ARG D 320 19.05 -3.57 -20.40
N ASP D 321 17.81 -3.99 -20.58
CA ASP D 321 17.11 -4.86 -19.63
C ASP D 321 17.83 -6.17 -19.37
N GLU D 322 18.35 -6.78 -20.43
CA GLU D 322 19.09 -8.02 -20.35
C GLU D 322 20.39 -7.79 -19.58
N LEU D 323 21.05 -6.68 -19.91
CA LEU D 323 22.27 -6.34 -19.24
C LEU D 323 22.00 -6.16 -17.76
N ARG D 324 20.87 -5.49 -17.49
CA ARG D 324 20.42 -5.23 -16.13
C ARG D 324 20.25 -6.52 -15.31
N SER D 325 19.47 -7.48 -15.84
CA SER D 325 19.26 -8.76 -15.18
C SER D 325 20.61 -9.46 -14.99
N HIS D 326 21.47 -9.26 -16.00
CA HIS D 326 22.80 -9.86 -15.96
C HIS D 326 23.59 -9.34 -14.79
N LEU D 327 23.62 -8.01 -14.71
CA LEU D 327 24.34 -7.38 -13.63
C LEU D 327 23.67 -7.77 -12.34
N ASP D 328 22.35 -7.82 -12.39
CA ASP D 328 21.56 -8.21 -11.23
C ASP D 328 21.97 -9.59 -10.78
N ALA D 329 21.94 -10.49 -11.74
CA ALA D 329 22.28 -11.86 -11.49
C ALA D 329 23.72 -11.99 -10.95
N ARG D 330 24.54 -10.99 -11.20
CA ARG D 330 25.93 -11.01 -10.77
C ARG D 330 26.15 -10.33 -9.43
N GLY D 331 25.08 -9.87 -8.80
CA GLY D 331 25.21 -9.23 -7.50
C GLY D 331 25.37 -7.71 -7.56
N ILE D 332 25.15 -7.17 -8.76
CA ILE D 332 25.29 -5.75 -8.96
C ILE D 332 23.99 -4.97 -8.96
N ASP D 333 23.94 -4.01 -8.04
CA ASP D 333 22.77 -3.14 -7.90
C ASP D 333 22.80 -2.06 -8.96
N THR D 334 21.75 -2.02 -9.78
CA THR D 334 21.66 -1.06 -10.87
C THR D 334 20.30 -0.38 -10.99
N LEU D 335 20.26 0.75 -11.70
CA LEU D 335 19.03 1.50 -11.87
C LEU D 335 18.93 2.20 -13.19
N THR D 336 17.71 2.63 -13.49
CA THR D 336 17.41 3.32 -14.73
C THR D 336 16.85 4.71 -14.49
N HIS D 337 17.57 5.69 -15.03
CA HIS D 337 17.24 7.10 -14.98
C HIS D 337 17.06 7.61 -16.38
N TYR D 338 15.86 7.58 -16.94
CA TYR D 338 14.65 7.08 -16.33
C TYR D 338 13.95 6.15 -17.31
N PRO D 339 13.24 5.14 -16.79
CA PRO D 339 12.52 4.12 -17.55
C PRO D 339 11.52 4.61 -18.58
N VAL D 340 10.80 5.66 -18.20
CA VAL D 340 9.78 6.29 -19.03
C VAL D 340 10.11 7.76 -19.27
N PRO D 341 9.90 8.23 -20.50
CA PRO D 341 10.18 9.64 -20.80
C PRO D 341 9.00 10.50 -20.39
N VAL D 342 9.32 11.66 -19.86
CA VAL D 342 8.31 12.58 -19.39
C VAL D 342 7.08 12.65 -20.27
N HIS D 343 7.25 12.87 -21.57
CA HIS D 343 6.07 12.96 -22.42
C HIS D 343 5.27 11.67 -22.49
N LEU D 344 5.91 10.57 -22.09
CA LEU D 344 5.25 9.30 -22.11
C LEU D 344 4.61 8.98 -20.76
N SER D 345 4.87 9.82 -19.76
CA SER D 345 4.28 9.62 -18.46
C SER D 345 2.78 9.82 -18.52
N PRO D 346 2.06 8.96 -17.83
CA PRO D 346 0.62 9.11 -17.82
C PRO D 346 0.29 10.49 -17.23
N ALA D 347 1.19 11.00 -16.40
CA ALA D 347 0.98 12.31 -15.81
C ALA D 347 0.94 13.39 -16.85
N TYR D 348 1.66 13.14 -17.96
CA TYR D 348 1.74 14.14 -19.02
C TYR D 348 1.13 13.67 -20.32
N ALA D 349 1.03 12.37 -20.47
CA ALA D 349 0.42 11.98 -21.71
C ALA D 349 -0.91 12.73 -21.80
N GLY D 350 -1.34 12.98 -23.02
CA GLY D 350 -2.58 13.69 -23.22
C GLY D 350 -2.30 15.14 -23.56
N GLU D 351 -1.25 15.68 -22.96
CA GLU D 351 -0.87 17.05 -23.21
C GLU D 351 0.40 17.16 -24.00
N ALA D 352 1.29 16.21 -23.79
CA ALA D 352 2.58 16.19 -24.46
C ALA D 352 2.57 15.57 -25.86
N PRO D 353 3.76 15.55 -26.49
CA PRO D 353 3.87 14.97 -27.81
C PRO D 353 3.75 13.46 -27.73
N PRO D 354 3.08 12.93 -28.73
CA PRO D 354 2.86 11.52 -28.85
C PRO D 354 4.17 10.79 -29.01
N GLU D 355 4.11 9.51 -28.67
CA GLU D 355 5.26 8.66 -28.78
C GLU D 355 5.78 8.57 -30.21
N GLY D 356 7.08 8.72 -30.33
CA GLY D 356 7.76 8.69 -31.62
C GLY D 356 8.15 10.10 -32.01
N SER D 357 7.51 11.10 -31.40
CA SER D 357 7.81 12.48 -31.72
C SER D 357 9.00 13.09 -30.98
N LEU D 358 9.55 12.39 -29.98
CA LEU D 358 10.73 12.84 -29.23
C LEU D 358 11.67 11.66 -29.03
N PRO D 359 12.10 11.13 -30.19
CA PRO D 359 12.96 9.96 -30.34
C PRO D 359 14.20 9.96 -29.48
N ARG D 360 14.83 11.10 -29.36
CA ARG D 360 16.02 11.15 -28.53
C ARG D 360 15.68 10.75 -27.12
N ALA D 361 14.66 11.40 -26.57
CA ALA D 361 14.28 11.08 -25.21
C ALA D 361 13.84 9.63 -25.10
N GLU D 362 13.12 9.20 -26.11
CA GLU D 362 12.64 7.84 -26.15
C GLU D 362 13.77 6.85 -26.21
N SER D 363 14.76 7.15 -27.03
CA SER D 363 15.88 6.25 -27.14
C SER D 363 16.63 6.19 -25.82
N PHE D 364 16.80 7.35 -25.20
CA PHE D 364 17.47 7.47 -23.91
C PHE D 364 16.76 6.59 -22.89
N ALA D 365 15.45 6.74 -22.83
CA ALA D 365 14.66 5.98 -21.87
C ALA D 365 14.84 4.49 -22.06
N ARG D 366 14.86 4.08 -23.31
CA ARG D 366 14.98 2.67 -23.59
C ARG D 366 16.35 2.04 -23.48
N GLN D 367 17.41 2.84 -23.57
CA GLN D 367 18.74 2.26 -23.51
C GLN D 367 19.54 2.56 -22.28
N VAL D 368 19.18 3.60 -21.56
CA VAL D 368 19.97 3.96 -20.39
C VAL D 368 19.90 3.00 -19.21
N LEU D 369 21.06 2.87 -18.58
CA LEU D 369 21.27 2.06 -17.41
C LEU D 369 22.35 2.76 -16.60
N SER D 370 22.15 2.89 -15.29
CA SER D 370 23.09 3.55 -14.40
C SER D 370 23.95 2.54 -13.69
N LEU D 371 25.27 2.79 -13.71
CA LEU D 371 26.18 1.90 -13.03
C LEU D 371 26.47 2.50 -11.69
N PRO D 372 26.64 1.65 -10.68
CA PRO D 372 26.93 2.17 -9.37
C PRO D 372 28.08 3.21 -9.38
N ILE D 373 27.90 4.26 -8.57
CA ILE D 373 28.88 5.32 -8.44
C ILE D 373 28.54 6.18 -7.24
N GLY D 374 29.59 6.71 -6.58
CA GLY D 374 29.42 7.56 -5.40
C GLY D 374 30.75 7.74 -4.67
N PRO D 375 30.77 8.56 -3.63
CA PRO D 375 32.01 8.78 -2.91
C PRO D 375 32.36 7.68 -1.94
N HIS D 376 31.54 6.64 -1.89
CA HIS D 376 31.83 5.56 -0.96
C HIS D 376 32.00 4.20 -1.63
N LEU D 377 31.98 4.20 -2.95
CA LEU D 377 32.15 2.99 -3.74
C LEU D 377 33.63 2.72 -3.97
N GLU D 378 34.13 1.56 -3.50
CA GLU D 378 35.54 1.22 -3.66
C GLU D 378 35.88 0.62 -5.01
N ARG D 379 37.10 0.88 -5.48
CA ARG D 379 37.57 0.41 -6.78
C ARG D 379 37.29 -1.06 -7.07
N PRO D 380 37.71 -1.92 -6.18
CA PRO D 380 37.50 -3.34 -6.38
C PRO D 380 36.08 -3.61 -6.84
N GLN D 381 35.17 -2.97 -6.15
CA GLN D 381 33.75 -3.08 -6.41
C GLN D 381 33.40 -2.59 -7.82
N ALA D 382 34.05 -1.51 -8.21
CA ALA D 382 33.80 -0.97 -9.51
C ALA D 382 34.36 -1.89 -10.58
N LEU D 383 35.49 -2.51 -10.24
CA LEU D 383 36.14 -3.41 -11.18
C LEU D 383 35.16 -4.49 -11.56
N ARG D 384 34.59 -5.07 -10.49
CA ARG D 384 33.61 -6.13 -10.58
C ARG D 384 32.45 -5.72 -11.46
N VAL D 385 32.02 -4.47 -11.29
CA VAL D 385 30.93 -4.02 -12.12
C VAL D 385 31.38 -4.10 -13.56
N ILE D 386 32.57 -3.56 -13.76
CA ILE D 386 33.20 -3.52 -15.06
C ILE D 386 33.27 -4.92 -15.65
N ASP D 387 33.71 -5.83 -14.80
CA ASP D 387 33.83 -7.19 -15.22
C ASP D 387 32.54 -7.76 -15.78
N ALA D 388 31.44 -7.57 -15.03
CA ALA D 388 30.14 -8.08 -15.43
C ALA D 388 29.64 -7.44 -16.72
N VAL D 389 30.06 -6.20 -16.92
CA VAL D 389 29.64 -5.53 -18.13
C VAL D 389 30.24 -6.18 -19.36
N ARG D 390 31.55 -6.03 -19.52
CA ARG D 390 32.25 -6.61 -20.65
C ARG D 390 31.78 -8.03 -20.88
N GLU D 391 31.96 -8.86 -19.87
CA GLU D 391 31.54 -10.25 -19.95
C GLU D 391 30.20 -10.32 -20.64
N TRP D 392 29.35 -9.38 -20.29
CA TRP D 392 28.04 -9.36 -20.88
C TRP D 392 28.07 -8.95 -22.32
N ALA D 393 28.75 -7.84 -22.59
CA ALA D 393 28.85 -7.31 -23.95
C ALA D 393 29.59 -8.26 -24.87
N GLU D 394 30.57 -8.94 -24.28
CA GLU D 394 31.42 -9.90 -24.96
C GLU D 394 30.64 -11.17 -25.29
N ARG D 395 29.66 -11.49 -24.45
CA ARG D 395 28.86 -12.68 -24.67
C ARG D 395 27.66 -12.43 -25.58
N VAL D 396 27.59 -11.23 -26.13
CA VAL D 396 26.51 -10.83 -27.00
C VAL D 396 26.96 -10.72 -28.46
CL CL E . -4.54 -13.11 11.79
NA NA F . -4.85 -22.07 2.12
C1 EDO G . 17.16 -12.26 -9.29
O1 EDO G . 17.45 -13.20 -8.35
C2 EDO G . 18.50 -11.75 -9.90
O2 EDO G . 18.56 -12.14 -11.19
C1 EDO H . 9.74 -28.97 -3.05
O1 EDO H . 10.08 -27.78 -3.62
C2 EDO H . 10.26 -30.14 -3.95
O2 EDO H . 11.61 -30.16 -3.90
N1 PGU I . -0.36 -24.45 -13.63
C2 PGU I . 0.57 -25.41 -13.69
C2A PGU I . 1.49 -25.49 -14.90
C3 PGU I . 0.71 -26.32 -12.62
O3 PGU I . 1.65 -27.27 -12.66
C4 PGU I . -0.16 -26.23 -11.53
C4A PGU I . -0.08 -27.17 -10.37
C5 PGU I . -1.13 -25.26 -11.53
C6 PGU I . -1.23 -24.37 -12.61
C5A PGU I . -2.07 -25.16 -10.33
O4P PGU I . -1.39 -24.57 -9.31
P PGU I . -1.91 -25.06 -7.86
O1P PGU I . -1.39 -26.56 -7.62
O2P PGU I . -3.51 -25.01 -7.80
O3P PGU I . -1.28 -24.11 -6.74
N PGU I . 0.14 -28.50 -10.90
CA PGU I . -0.11 -29.53 -10.19
CB PGU I . -0.68 -29.44 -8.79
CG PGU I . -2.17 -29.72 -8.89
CD PGU I . -2.83 -29.44 -7.59
OE1 PGU I . -2.76 -28.29 -7.07
OE2 PGU I . -3.50 -30.34 -7.03
C PGU I . 0.11 -30.83 -10.79
O PGU I . 0.21 -30.94 -12.05
OXT PGU I . 0.13 -31.85 -10.04
CL CL J . 1.39 -33.42 -0.17
C1 EDO K . -10.48 -17.13 18.89
O1 EDO K . -10.53 -17.62 20.16
C2 EDO K . -9.80 -18.17 17.94
O2 EDO K . -10.60 -19.28 17.83
C1 EDO L . -22.79 -27.65 23.63
O1 EDO L . -23.29 -28.91 23.75
C2 EDO L . -23.85 -26.65 24.18
O2 EDO L . -24.90 -26.57 23.33
N1 PGU M . -19.75 -15.86 6.25
C2 PGU M . -19.67 -15.21 7.41
C2A PGU M . -20.94 -14.97 8.20
C3 PGU M . -18.41 -14.76 7.91
O3 PGU M . -18.33 -14.13 9.10
C4 PGU M . -17.23 -14.99 7.15
C4A PGU M . -15.86 -14.55 7.59
C5 PGU M . -17.38 -15.68 5.94
C6 PGU M . -18.65 -16.12 5.51
C5A PGU M . -16.16 -15.93 5.07
O4P PGU M . -15.39 -16.82 5.67
P PGU M . -13.81 -16.82 5.44
O1P PGU M . -13.13 -15.71 6.42
O2P PGU M . -13.45 -16.48 3.94
O3P PGU M . -13.26 -18.29 5.78
N PGU M . -15.97 -13.26 8.27
CA PGU M . -14.93 -12.53 8.49
CB PGU M . -13.57 -12.95 8.05
CG PGU M . -13.22 -12.08 6.83
CD PGU M . -11.95 -12.53 6.17
OE1 PGU M . -11.77 -13.75 5.86
OE2 PGU M . -11.08 -11.65 5.83
C PGU M . -15.14 -11.23 9.15
O PGU M . -16.32 -10.76 9.22
OXT PGU M . -14.15 -10.55 9.59
CL CL N . 16.44 7.61 2.11
NA NA O . 11.10 19.27 4.96
C1 EDO P . -3.96 0.58 5.93
O1 EDO P . -5.24 0.47 5.46
C2 EDO P . -3.00 0.85 4.73
O2 EDO P . -3.73 1.37 3.71
N1 PGU Q . -3.41 26.36 9.67
C2 PGU Q . -3.23 26.89 10.90
C2A PGU Q . -4.44 27.18 11.78
C3 PGU Q . -1.94 27.14 11.40
O3 PGU Q . -1.79 27.65 12.62
C4 PGU Q . -0.81 26.86 10.58
C4A PGU Q . 0.59 27.14 11.06
C5 PGU Q . -1.03 26.32 9.31
C6 PGU Q . -2.35 26.09 8.87
C5A PGU Q . 0.16 26.05 8.39
O4P PGU Q . 0.81 24.92 8.75
P PGU Q . 2.41 24.92 8.56
O1P PGU Q . 3.08 25.93 9.64
O2P PGU Q . 2.80 25.40 7.08
O3P PGU Q . 2.99 23.43 8.78
N PGU Q . 0.61 28.41 11.79
CA PGU Q . 1.71 29.02 12.01
CB PGU Q . 3.03 28.49 11.51
CG PGU Q . 3.41 29.34 10.29
CD PGU Q . 4.67 28.81 9.66
OE1 PGU Q . 4.70 27.65 9.18
OE2 PGU Q . 5.68 29.57 9.55
C PGU Q . 1.68 30.30 12.75
O PGU Q . 0.62 31.01 12.73
OXT PGU Q . 2.71 30.68 13.41
CL CL R . 11.87 27.39 15.26
N1 PGU S . 15.35 17.73 -10.81
C2 PGU S . 16.27 16.78 -10.92
C2A PGU S . 17.16 16.74 -12.15
C3 PGU S . 16.41 15.81 -9.90
O3 PGU S . 17.32 14.83 -10.00
C4 PGU S . 15.59 15.85 -8.79
C4A PGU S . 15.72 14.80 -7.70
C5 PGU S . 14.63 16.88 -8.72
C6 PGU S . 14.55 17.83 -9.75
C5A PGU S . 13.72 16.99 -7.54
O4P PGU S . 14.45 17.40 -6.50
P PGU S . 13.87 16.82 -5.13
O1P PGU S . 14.18 15.23 -5.02
O2P PGU S . 12.29 17.06 -5.10
O3P PGU S . 14.59 17.61 -3.93
N PGU S . 15.85 13.48 -8.35
CA PGU S . 15.46 12.39 -7.80
CB PGU S . 14.85 12.38 -6.41
CG PGU S . 13.34 12.27 -6.59
CD PGU S . 12.63 12.39 -5.27
OE1 PGU S . 12.83 13.40 -4.50
OE2 PGU S . 11.75 11.54 -4.97
C PGU S . 15.57 11.11 -8.55
O PGU S . 15.70 11.13 -9.82
OXT PGU S . 15.46 9.98 -7.95
#